data_5IDU
#
_entry.id   5IDU
#
_cell.length_a   84.180
_cell.length_b   108.420
_cell.length_c   189.440
_cell.angle_alpha   90.00
_cell.angle_beta   90.00
_cell.angle_gamma   90.00
#
_symmetry.space_group_name_H-M   'P 21 21 21'
#
loop_
_entity.id
_entity.type
_entity.pdbx_description
1 polymer 'Acyl-CoA dehydrogenase domain protein'
2 non-polymer 'FLAVIN-ADENINE DINUCLEOTIDE'
3 non-polymer 1,2-ETHANEDIOL
4 water water
#
_entity_poly.entity_id   1
_entity_poly.type   'polypeptide(L)'
_entity_poly.pdbx_seq_one_letter_code
;MAHHHHHHMLAANLIDPHGALAWPFFEARHRELAAGIEAWATQHLACVQHDDTDTTCRKLVRALGEAGWLKYGVGGAQYG
GHGDTIDTRAVCLLRETLANHDGLADFALAMQGLGSGAITLAGTHEQKIRYLPRVSKGEAIAAFALSEPDAGSDVAAMSL
QARAEGDCYVIDGDKTWISNGGIADFYVVFARTGEAPGARGISAFIVDADTPGLQIAERIDVIAPHPLARLHFDSARVPR
SQMLGAPGEGFKIAMRTLDVFRTSVAAASLGFARRALQEGLARAASRKMFGQTLGDFQLTQTKLAQMALTIDSSALLVYR
AAWLRDQGENVTREAAMAKWHASEGAQQVIDAAVQLWGGMGVQSGTTVERLYREIRALRIYEGATEVQQLIVGRDLLKAH
AAQRQQERAS
;
_entity_poly.pdbx_strand_id   A,B,C,D
#
# COMPACT_ATOMS: atom_id res chain seq x y z
N ILE A 15 24.22 28.63 -1.52
CA ILE A 15 22.92 28.10 -1.10
C ILE A 15 22.23 27.37 -2.25
N ASP A 16 21.98 26.07 -2.07
CA ASP A 16 21.34 25.24 -3.08
C ASP A 16 19.91 25.69 -3.32
N PRO A 17 19.61 26.24 -4.49
CA PRO A 17 18.23 26.68 -4.75
C PRO A 17 17.22 25.55 -4.73
N HIS A 18 17.67 24.31 -4.96
CA HIS A 18 16.83 23.14 -4.84
C HIS A 18 16.84 22.54 -3.44
N GLY A 19 17.57 23.13 -2.50
CA GLY A 19 17.58 22.61 -1.15
C GLY A 19 16.36 23.05 -0.35
N ALA A 20 16.00 22.26 0.64
CA ALA A 20 14.84 22.60 1.46
C ALA A 20 15.06 23.90 2.21
N LEU A 21 16.31 24.21 2.58
CA LEU A 21 16.57 25.43 3.31
C LEU A 21 16.24 26.68 2.51
N ALA A 22 16.16 26.59 1.18
CA ALA A 22 15.73 27.75 0.41
C ALA A 22 14.24 28.06 0.57
N TRP A 23 13.45 27.14 1.11
CA TRP A 23 12.00 27.38 1.19
C TRP A 23 11.70 28.60 2.08
N PRO A 24 10.68 29.39 1.74
CA PRO A 24 10.36 30.57 2.56
C PRO A 24 9.70 30.22 3.88
N PHE A 25 9.56 28.93 4.23
CA PHE A 25 9.26 28.55 5.60
C PHE A 25 10.39 28.92 6.55
N PHE A 26 11.59 29.13 6.03
CA PHE A 26 12.76 29.39 6.84
C PHE A 26 13.15 30.86 6.79
N GLU A 27 13.74 31.32 7.89
CA GLU A 27 14.36 32.64 7.94
C GLU A 27 15.88 32.48 7.89
N ALA A 28 16.57 33.62 7.75
CA ALA A 28 18.03 33.62 7.67
C ALA A 28 18.65 32.89 8.85
N ARG A 29 18.16 33.17 10.06
CA ARG A 29 18.72 32.53 11.25
C ARG A 29 18.65 31.00 11.14
N HIS A 30 17.61 30.46 10.51
CA HIS A 30 17.50 29.00 10.38
C HIS A 30 18.55 28.44 9.42
N ARG A 31 18.84 29.17 8.36
CA ARG A 31 19.89 28.73 7.44
C ARG A 31 21.26 28.75 8.11
N GLU A 32 21.53 29.78 8.93
CA GLU A 32 22.80 29.80 9.65
C GLU A 32 22.88 28.67 10.67
N LEU A 33 21.81 28.46 11.43
CA LEU A 33 21.77 27.38 12.40
C LEU A 33 21.97 26.02 11.72
N ALA A 34 21.36 25.82 10.55
CA ALA A 34 21.46 24.54 9.88
C ALA A 34 22.89 24.24 9.46
N ALA A 35 23.61 25.27 9.00
CA ALA A 35 25.02 25.07 8.68
C ALA A 35 25.83 24.83 9.96
N GLY A 36 25.51 25.55 11.04
CA GLY A 36 26.27 25.39 12.26
C GLY A 36 26.13 24.03 12.92
N ILE A 37 24.91 23.49 12.94
CA ILE A 37 24.75 22.19 13.60
C ILE A 37 25.30 21.08 12.70
N GLU A 38 25.21 21.24 11.38
CA GLU A 38 25.85 20.28 10.48
C GLU A 38 27.37 20.26 10.68
N ALA A 39 27.98 21.44 10.84
CA ALA A 39 29.42 21.49 11.09
C ALA A 39 29.77 20.83 12.43
N TRP A 40 28.99 21.14 13.48
CA TRP A 40 29.22 20.51 14.77
C TRP A 40 29.10 18.99 14.67
N ALA A 41 28.04 18.51 14.00
CA ALA A 41 27.83 17.07 13.89
C ALA A 41 28.97 16.40 13.12
N THR A 42 29.43 17.03 12.03
CA THR A 42 30.55 16.50 11.27
C THR A 42 31.82 16.43 12.12
N GLN A 43 32.05 17.43 12.98
CA GLN A 43 33.24 17.42 13.81
C GLN A 43 33.16 16.40 14.93
N HIS A 44 31.97 16.23 15.52
CA HIS A 44 31.85 15.54 16.80
C HIS A 44 31.23 14.15 16.74
N LEU A 45 30.59 13.76 15.65
CA LEU A 45 29.86 12.51 15.59
C LEU A 45 30.47 11.52 14.61
N ALA A 46 31.79 11.62 14.38
CA ALA A 46 32.43 10.78 13.37
C ALA A 46 32.46 9.31 13.76
N CYS A 47 32.40 8.99 15.07
CA CYS A 47 32.53 7.61 15.53
C CYS A 47 31.86 7.50 16.90
N VAL A 48 30.53 7.58 16.91
CA VAL A 48 29.77 7.53 18.15
C VAL A 48 29.78 6.10 18.70
N GLN A 49 29.99 5.99 20.02
CA GLN A 49 30.15 4.70 20.71
C GLN A 49 28.80 4.21 21.20
N HIS A 50 28.30 3.14 20.58
CA HIS A 50 27.00 2.59 20.96
C HIS A 50 27.10 1.49 22.01
N ASP A 51 28.29 1.26 22.56
CA ASP A 51 28.47 0.17 23.53
C ASP A 51 28.04 0.58 24.93
N ASP A 52 28.46 1.75 25.38
CA ASP A 52 28.17 2.26 26.72
C ASP A 52 27.37 3.55 26.57
N THR A 53 26.04 3.42 26.40
CA THR A 53 25.27 4.60 26.03
C THR A 53 25.10 5.57 27.19
N ASP A 54 25.17 5.11 28.44
CA ASP A 54 25.16 6.05 29.58
C ASP A 54 26.31 7.05 29.47
N THR A 55 27.53 6.55 29.30
CA THR A 55 28.68 7.42 29.16
C THR A 55 28.57 8.28 27.92
N THR A 56 28.23 7.68 26.79
CA THR A 56 28.12 8.46 25.55
C THR A 56 27.10 9.59 25.70
N CYS A 57 25.94 9.29 26.30
CA CYS A 57 24.90 10.32 26.41
C CYS A 57 25.33 11.46 27.32
N ARG A 58 25.94 11.13 28.47
CA ARG A 58 26.49 12.19 29.32
C ARG A 58 27.47 13.06 28.55
N LYS A 59 28.35 12.44 27.75
CA LYS A 59 29.31 13.22 26.97
C LYS A 59 28.60 14.09 25.93
N LEU A 60 27.60 13.52 25.25
CA LEU A 60 26.88 14.25 24.21
C LEU A 60 26.14 15.45 24.79
N VAL A 61 25.46 15.26 25.93
CA VAL A 61 24.72 16.35 26.54
C VAL A 61 25.67 17.50 26.90
N ARG A 62 26.82 17.17 27.48
CA ARG A 62 27.79 18.19 27.83
C ARG A 62 28.33 18.89 26.59
N ALA A 63 28.63 18.13 25.53
CA ALA A 63 29.22 18.76 24.35
C ALA A 63 28.20 19.63 23.61
N LEU A 64 26.96 19.15 23.51
CA LEU A 64 25.91 19.97 22.91
C LEU A 64 25.65 21.22 23.73
N GLY A 65 25.63 21.08 25.06
CA GLY A 65 25.41 22.23 25.91
C GLY A 65 26.48 23.27 25.76
N GLU A 66 27.75 22.84 25.76
CA GLU A 66 28.85 23.78 25.66
C GLU A 66 28.82 24.52 24.32
N ALA A 67 28.36 23.87 23.27
CA ALA A 67 28.31 24.49 21.96
C ALA A 67 27.08 25.37 21.76
N GLY A 68 26.20 25.45 22.76
CA GLY A 68 25.02 26.30 22.68
C GLY A 68 23.77 25.67 22.09
N TRP A 69 23.81 24.39 21.75
CA TRP A 69 22.71 23.83 20.99
C TRP A 69 21.51 23.42 21.85
N LEU A 70 21.69 23.32 23.17
CA LEU A 70 20.60 23.00 24.08
C LEU A 70 19.78 24.22 24.48
N LYS A 71 20.21 25.43 24.13
CA LYS A 71 19.45 26.63 24.46
C LYS A 71 18.11 26.67 23.73
N TYR A 72 18.02 26.06 22.56
CA TYR A 72 16.84 26.21 21.72
C TYR A 72 15.61 25.49 22.28
N GLY A 73 15.80 24.50 23.13
CA GLY A 73 14.69 23.77 23.72
C GLY A 73 14.23 24.30 25.06
N VAL A 74 14.78 25.44 25.49
CA VAL A 74 14.45 26.08 26.75
C VAL A 74 13.85 27.44 26.43
N GLY A 75 12.78 27.80 27.14
CA GLY A 75 12.11 29.07 26.92
C GLY A 75 12.53 30.09 27.97
N GLY A 76 12.96 31.25 27.50
CA GLY A 76 13.31 32.37 28.36
C GLY A 76 14.81 32.64 28.42
N ALA A 77 15.25 33.78 27.86
CA ALA A 77 16.67 34.08 27.81
C ALA A 77 17.30 34.09 29.20
N GLN A 78 16.59 34.61 30.19
CA GLN A 78 17.14 34.70 31.53
C GLN A 78 17.22 33.34 32.22
N TYR A 79 16.67 32.30 31.62
CA TYR A 79 16.78 30.95 32.14
C TYR A 79 17.71 30.07 31.29
N GLY A 80 18.43 30.67 30.34
CA GLY A 80 19.31 29.92 29.46
C GLY A 80 18.74 29.62 28.09
N GLY A 81 17.50 30.02 27.83
CA GLY A 81 16.91 29.77 26.54
C GLY A 81 17.44 30.70 25.48
N HIS A 82 17.24 30.27 24.23
CA HIS A 82 17.68 31.08 23.11
C HIS A 82 16.87 32.37 23.02
N GLY A 83 15.56 32.27 23.17
CA GLY A 83 14.68 33.42 23.24
C GLY A 83 13.57 33.17 24.23
N ASP A 84 12.60 34.08 24.33
CA ASP A 84 11.54 33.91 25.31
C ASP A 84 10.53 32.86 24.88
N THR A 85 10.47 32.54 23.60
CA THR A 85 9.62 31.47 23.09
C THR A 85 10.49 30.42 22.41
N ILE A 86 9.95 29.22 22.24
CA ILE A 86 10.69 28.14 21.60
C ILE A 86 10.60 28.34 20.09
N ASP A 87 11.76 28.46 19.43
CA ASP A 87 11.84 28.50 17.97
C ASP A 87 11.72 27.07 17.47
N THR A 88 10.50 26.67 17.07
CA THR A 88 10.23 25.29 16.71
C THR A 88 10.95 24.89 15.43
N ARG A 89 11.04 25.80 14.47
CA ARG A 89 11.82 25.51 13.27
C ARG A 89 13.28 25.19 13.60
N ALA A 90 13.86 25.93 14.54
CA ALA A 90 15.24 25.65 14.94
C ALA A 90 15.36 24.29 15.61
N VAL A 91 14.46 23.99 16.56
CA VAL A 91 14.56 22.70 17.24
C VAL A 91 14.44 21.57 16.23
N CYS A 92 13.55 21.73 15.24
CA CYS A 92 13.39 20.69 14.21
C CYS A 92 14.66 20.51 13.39
N LEU A 93 15.29 21.61 12.98
CA LEU A 93 16.53 21.52 12.21
C LEU A 93 17.62 20.84 13.03
N LEU A 94 17.72 21.15 14.33
CA LEU A 94 18.69 20.51 15.19
C LEU A 94 18.49 19.00 15.22
N ARG A 95 17.25 18.54 15.48
CA ARG A 95 16.99 17.11 15.54
C ARG A 95 17.14 16.44 14.18
N GLU A 96 16.64 17.07 13.11
CA GLU A 96 16.80 16.49 11.79
C GLU A 96 18.28 16.26 11.48
N THR A 97 19.11 17.28 11.70
CA THR A 97 20.54 17.11 11.43
C THR A 97 21.16 16.05 12.32
N LEU A 98 20.92 16.12 13.63
CA LEU A 98 21.56 15.18 14.54
C LEU A 98 21.11 13.75 14.23
N ALA A 99 19.82 13.55 14.00
CA ALA A 99 19.33 12.20 13.68
C ALA A 99 19.95 11.70 12.38
N ASN A 100 20.18 12.60 11.42
CA ASN A 100 20.79 12.21 10.16
C ASN A 100 22.19 11.63 10.38
N HIS A 101 22.91 12.08 11.43
CA HIS A 101 24.25 11.60 11.74
C HIS A 101 24.25 10.43 12.72
N ASP A 102 23.54 10.56 13.85
CA ASP A 102 23.52 9.48 14.82
C ASP A 102 22.31 9.61 15.74
N GLY A 103 21.57 8.50 15.89
CA GLY A 103 20.36 8.53 16.71
C GLY A 103 20.61 8.91 18.16
N LEU A 104 21.77 8.53 18.72
CA LEU A 104 22.05 8.86 20.11
C LEU A 104 22.23 10.35 20.31
N ALA A 105 22.81 11.04 19.32
CA ALA A 105 22.99 12.48 19.44
C ALA A 105 21.65 13.21 19.39
N ASP A 106 20.75 12.75 18.50
CA ASP A 106 19.41 13.32 18.46
C ASP A 106 18.69 13.08 19.78
N PHE A 107 18.74 11.84 20.28
CA PHE A 107 18.17 11.51 21.59
C PHE A 107 18.65 12.46 22.67
N ALA A 108 19.96 12.69 22.74
CA ALA A 108 20.53 13.48 23.82
C ALA A 108 19.98 14.90 23.79
N LEU A 109 19.94 15.51 22.62
CA LEU A 109 19.39 16.85 22.51
C LEU A 109 17.90 16.85 22.78
N ALA A 110 17.17 15.91 22.16
CA ALA A 110 15.72 15.91 22.29
C ALA A 110 15.28 15.83 23.74
N MET A 111 15.93 14.99 24.55
CA MET A 111 15.48 14.80 25.92
C MET A 111 15.78 16.01 26.80
N GLN A 112 16.79 16.82 26.47
CA GLN A 112 16.97 18.06 27.21
C GLN A 112 15.79 19.00 26.99
N GLY A 113 15.19 18.97 25.81
CA GLY A 113 13.98 19.73 25.58
C GLY A 113 12.76 19.12 26.25
N LEU A 114 12.40 17.90 25.86
CA LEU A 114 11.20 17.27 26.39
C LEU A 114 11.25 17.16 27.92
N GLY A 115 12.42 16.84 28.47
CA GLY A 115 12.54 16.65 29.91
C GLY A 115 12.43 17.92 30.72
N SER A 116 12.74 19.08 30.13
CA SER A 116 12.63 20.34 30.86
C SER A 116 11.45 21.20 30.40
N GLY A 117 10.71 20.79 29.35
CA GLY A 117 9.70 21.66 28.77
C GLY A 117 8.57 22.01 29.73
N ALA A 118 8.22 21.08 30.63
CA ALA A 118 7.18 21.39 31.60
C ALA A 118 7.63 22.47 32.57
N ILE A 119 8.93 22.58 32.82
CA ILE A 119 9.43 23.66 33.66
C ILE A 119 9.43 25.00 32.89
N THR A 120 9.84 24.97 31.61
CA THR A 120 9.65 26.16 30.76
C THR A 120 8.20 26.61 30.74
N LEU A 121 7.27 25.67 30.61
CA LEU A 121 5.86 26.03 30.46
C LEU A 121 5.21 26.45 31.78
N ALA A 122 5.54 25.76 32.88
CA ALA A 122 4.74 25.89 34.09
C ALA A 122 5.53 26.22 35.34
N GLY A 123 6.85 26.32 35.26
CA GLY A 123 7.64 26.58 36.45
C GLY A 123 7.42 27.96 37.02
N THR A 124 7.58 28.08 38.34
CA THR A 124 7.74 29.40 38.93
C THR A 124 9.10 29.97 38.51
N HIS A 125 9.29 31.27 38.78
CA HIS A 125 10.59 31.86 38.50
C HIS A 125 11.70 31.10 39.22
N GLU A 126 11.45 30.73 40.47
CA GLU A 126 12.48 30.06 41.28
C GLU A 126 12.77 28.66 40.74
N GLN A 127 11.73 27.95 40.32
CA GLN A 127 11.93 26.63 39.73
C GLN A 127 12.69 26.71 38.41
N LYS A 128 12.36 27.70 37.58
CA LYS A 128 13.05 27.83 36.30
C LYS A 128 14.52 28.17 36.53
N ILE A 129 14.81 29.05 37.50
CA ILE A 129 16.18 29.45 37.79
C ILE A 129 16.99 28.26 38.28
N ARG A 130 16.37 27.39 39.07
CA ARG A 130 17.10 26.28 39.65
C ARG A 130 17.43 25.21 38.62
N TYR A 131 16.60 25.02 37.60
CA TYR A 131 16.78 23.89 36.68
C TYR A 131 17.15 24.27 35.25
N LEU A 132 16.52 25.29 34.66
CA LEU A 132 16.69 25.51 33.23
C LEU A 132 18.09 25.96 32.81
N PRO A 133 18.80 26.82 33.56
CA PRO A 133 20.17 27.16 33.12
C PRO A 133 21.09 25.95 33.07
N ARG A 134 20.99 25.04 34.03
CA ARG A 134 21.82 23.85 33.99
CA ARG A 134 21.80 23.81 34.00
C ARG A 134 21.44 22.94 32.81
N VAL A 135 20.14 22.79 32.55
CA VAL A 135 19.68 22.04 31.39
C VAL A 135 20.24 22.67 30.11
N SER A 136 20.15 23.99 30.01
CA SER A 136 20.57 24.68 28.80
CA SER A 136 20.57 24.66 28.78
C SER A 136 22.08 24.57 28.58
N LYS A 137 22.84 24.44 29.66
CA LYS A 137 24.29 24.31 29.59
C LYS A 137 24.74 22.87 29.44
N GLY A 138 23.81 21.91 29.46
CA GLY A 138 24.21 20.52 29.42
C GLY A 138 24.79 20.00 30.71
N GLU A 139 24.59 20.71 31.83
CA GLU A 139 25.11 20.33 33.12
C GLU A 139 24.11 19.56 33.98
N ALA A 140 22.85 19.51 33.58
CA ALA A 140 21.85 18.67 34.21
C ALA A 140 21.07 17.94 33.12
N ILE A 141 20.96 16.63 33.26
CA ILE A 141 20.29 15.78 32.28
C ILE A 141 18.82 15.66 32.66
N ALA A 142 17.92 15.98 31.73
CA ALA A 142 16.50 16.04 32.00
C ALA A 142 15.77 14.75 31.61
N ALA A 143 14.60 14.56 32.21
CA ALA A 143 13.77 13.40 31.90
C ALA A 143 12.30 13.72 32.13
N PHE A 144 11.43 13.01 31.40
CA PHE A 144 9.98 13.23 31.34
C PHE A 144 9.29 11.90 31.65
N ALA A 145 8.66 11.80 32.82
CA ALA A 145 8.17 10.50 33.32
C ALA A 145 6.65 10.52 33.37
N LEU A 146 6.03 10.01 32.31
CA LEU A 146 4.58 10.02 32.16
C LEU A 146 4.01 8.61 32.08
N SER A 147 4.61 7.77 31.23
CA SER A 147 4.12 6.44 30.96
C SER A 147 4.35 5.51 32.16
N GLU A 148 3.54 4.46 32.23
CA GLU A 148 3.52 3.49 33.32
C GLU A 148 3.37 2.10 32.71
N PRO A 149 3.70 1.05 33.47
CA PRO A 149 3.53 -0.31 32.93
C PRO A 149 2.15 -0.59 32.38
N ASP A 150 1.08 -0.19 33.07
CA ASP A 150 -0.28 -0.50 32.64
C ASP A 150 -0.95 0.63 31.85
N ALA A 151 -0.28 1.76 31.64
CA ALA A 151 -0.92 2.89 30.97
C ALA A 151 0.13 3.72 30.25
N GLY A 152 0.15 3.64 28.92
CA GLY A 152 1.01 4.51 28.12
C GLY A 152 0.20 5.40 27.21
N SER A 153 -0.58 4.79 26.30
CA SER A 153 -1.48 5.58 25.47
C SER A 153 -2.55 6.27 26.30
N ASP A 154 -3.07 5.57 27.33
CA ASP A 154 -4.19 6.08 28.15
C ASP A 154 -3.65 6.75 29.40
N VAL A 155 -3.09 7.95 29.16
CA VAL A 155 -2.44 8.75 30.21
C VAL A 155 -3.42 9.15 31.29
N ALA A 156 -4.67 9.45 30.90
CA ALA A 156 -5.65 9.97 31.86
C ALA A 156 -5.95 8.98 32.98
N ALA A 157 -5.67 7.70 32.76
CA ALA A 157 -5.90 6.67 33.76
C ALA A 157 -4.61 6.25 34.48
N MET A 158 -3.57 7.08 34.47
CA MET A 158 -2.33 6.71 35.14
C MET A 158 -2.61 6.42 36.63
N SER A 159 -1.79 5.56 37.23
CA SER A 159 -2.03 5.16 38.60
C SER A 159 -0.89 5.44 39.57
N LEU A 160 0.19 6.08 39.15
CA LEU A 160 1.17 6.53 40.14
C LEU A 160 0.46 7.45 41.12
N GLN A 161 0.60 7.15 42.41
CA GLN A 161 -0.13 7.86 43.46
C GLN A 161 0.77 8.94 44.07
N ALA A 162 0.18 10.10 44.35
CA ALA A 162 0.84 11.17 45.10
C ALA A 162 -0.13 11.63 46.20
N ARG A 163 0.18 11.31 47.45
CA ARG A 163 -0.72 11.58 48.55
C ARG A 163 -0.14 12.70 49.41
N ALA A 164 -0.96 13.72 49.67
CA ALA A 164 -0.50 14.87 50.43
C ALA A 164 -0.24 14.49 51.89
N GLU A 165 0.87 14.97 52.43
CA GLU A 165 1.22 14.68 53.81
C GLU A 165 2.01 15.88 54.34
N GLY A 166 1.41 16.65 55.23
CA GLY A 166 2.06 17.87 55.68
C GLY A 166 2.33 18.77 54.48
N ASP A 167 3.57 19.25 54.38
CA ASP A 167 4.00 20.07 53.26
CA ASP A 167 4.00 20.07 53.26
C ASP A 167 4.66 19.27 52.15
N CYS A 168 4.48 17.95 52.13
CA CYS A 168 5.04 17.10 51.08
CA CYS A 168 5.04 17.09 51.09
C CYS A 168 3.95 16.25 50.44
N TYR A 169 4.32 15.54 49.38
CA TYR A 169 3.49 14.52 48.78
C TYR A 169 4.27 13.22 48.88
N VAL A 170 3.56 12.12 49.16
CA VAL A 170 4.16 10.79 49.20
C VAL A 170 3.83 10.12 47.88
N ILE A 171 4.84 9.89 47.06
CA ILE A 171 4.68 9.37 45.71
C ILE A 171 4.98 7.88 45.73
N ASP A 172 4.08 7.08 45.18
CA ASP A 172 4.16 5.63 45.36
C ASP A 172 3.67 4.93 44.10
N GLY A 173 4.53 4.11 43.48
CA GLY A 173 4.21 3.33 42.29
C GLY A 173 5.31 3.48 41.26
N ASP A 174 5.04 3.02 40.03
CA ASP A 174 6.03 2.97 38.96
C ASP A 174 5.73 3.95 37.84
N LYS A 175 6.81 4.42 37.20
CA LYS A 175 6.79 4.93 35.83
C LYS A 175 7.74 4.03 35.04
N THR A 176 7.50 3.87 33.73
CA THR A 176 8.47 3.07 32.98
C THR A 176 8.58 3.62 31.56
N TRP A 177 9.50 3.01 30.80
CA TRP A 177 9.98 3.52 29.52
C TRP A 177 10.59 4.91 29.66
N ILE A 178 11.24 5.21 30.78
CA ILE A 178 11.66 6.59 31.03
C ILE A 178 13.03 6.83 30.39
N SER A 179 13.05 7.64 29.34
CA SER A 179 14.30 8.00 28.68
C SER A 179 15.19 8.76 29.65
N ASN A 180 16.50 8.48 29.59
CA ASN A 180 17.51 8.96 30.52
C ASN A 180 17.32 8.41 31.91
N GLY A 181 16.42 7.46 32.10
CA GLY A 181 16.27 6.85 33.40
C GLY A 181 17.56 6.22 33.87
N GLY A 182 17.97 6.52 35.10
CA GLY A 182 19.22 6.07 35.64
C GLY A 182 20.36 7.07 35.51
N ILE A 183 20.29 8.00 34.56
CA ILE A 183 21.33 9.02 34.42
C ILE A 183 20.79 10.43 34.55
N ALA A 184 19.47 10.62 34.57
CA ALA A 184 18.89 11.94 34.67
C ALA A 184 19.22 12.56 36.01
N ASP A 185 19.37 13.88 36.02
CA ASP A 185 19.54 14.57 37.29
C ASP A 185 18.22 14.95 37.94
N PHE A 186 17.15 15.03 37.16
CA PHE A 186 15.82 15.22 37.70
C PHE A 186 14.82 14.61 36.73
N TYR A 187 13.61 14.41 37.23
CA TYR A 187 12.51 13.88 36.44
C TYR A 187 11.31 14.79 36.64
N VAL A 188 10.64 15.17 35.57
CA VAL A 188 9.31 15.75 35.69
C VAL A 188 8.32 14.61 35.73
N VAL A 189 7.59 14.49 36.84
CA VAL A 189 6.78 13.31 37.13
C VAL A 189 5.31 13.72 37.22
N PHE A 190 4.45 12.93 36.61
CA PHE A 190 3.02 13.18 36.65
C PHE A 190 2.37 12.09 37.48
N ALA A 191 1.54 12.48 38.45
CA ALA A 191 1.00 11.53 39.41
C ALA A 191 -0.44 11.91 39.76
N ARG A 192 -1.20 10.90 40.20
CA ARG A 192 -2.59 11.12 40.57
C ARG A 192 -2.65 11.66 41.98
N THR A 193 -3.05 12.93 42.11
CA THR A 193 -3.31 13.53 43.41
C THR A 193 -4.78 13.46 43.81
N GLY A 194 -5.67 13.20 42.86
CA GLY A 194 -7.00 12.76 43.19
C GLY A 194 -8.08 13.81 43.27
N GLU A 195 -7.82 15.04 42.78
CA GLU A 195 -8.80 16.10 42.95
C GLU A 195 -10.12 15.79 42.24
N ALA A 196 -10.07 15.03 41.16
CA ALA A 196 -11.26 14.65 40.40
C ALA A 196 -10.89 13.43 39.57
N PRO A 197 -11.87 12.74 38.99
CA PRO A 197 -11.56 11.53 38.20
C PRO A 197 -10.67 11.80 37.00
N GLY A 198 -9.91 10.78 36.63
CA GLY A 198 -9.31 10.75 35.30
C GLY A 198 -8.30 11.86 35.09
N ALA A 199 -8.40 12.52 33.92
CA ALA A 199 -7.42 13.52 33.56
C ALA A 199 -7.44 14.74 34.45
N ARG A 200 -8.46 14.92 35.28
CA ARG A 200 -8.54 16.08 36.15
C ARG A 200 -8.00 15.79 37.56
N GLY A 201 -7.39 14.62 37.78
CA GLY A 201 -6.87 14.30 39.10
C GLY A 201 -5.36 14.14 39.14
N ILE A 202 -4.66 14.79 38.21
CA ILE A 202 -3.23 14.57 38.00
CA ILE A 202 -3.23 14.58 37.98
C ILE A 202 -2.48 15.85 38.33
N SER A 203 -1.30 15.71 38.95
CA SER A 203 -0.42 16.83 39.23
C SER A 203 0.97 16.52 38.72
N ALA A 204 1.73 17.57 38.40
CA ALA A 204 3.10 17.45 37.91
C ALA A 204 4.09 17.87 38.99
N PHE A 205 5.21 17.14 39.09
CA PHE A 205 6.22 17.38 40.10
C PHE A 205 7.60 17.36 39.47
N ILE A 206 8.48 18.21 39.95
CA ILE A 206 9.91 18.07 39.69
C ILE A 206 10.50 17.18 40.78
N VAL A 207 11.06 16.04 40.38
CA VAL A 207 11.61 15.08 41.32
C VAL A 207 13.10 14.93 41.04
N ASP A 208 13.94 15.50 41.91
CA ASP A 208 15.39 15.32 41.79
C ASP A 208 15.73 13.84 41.88
N ALA A 209 16.75 13.43 41.13
CA ALA A 209 17.11 12.02 41.08
C ALA A 209 17.58 11.49 42.43
N ASP A 210 18.09 12.36 43.32
CA ASP A 210 18.54 11.92 44.64
C ASP A 210 17.44 11.97 45.69
N THR A 211 16.18 12.12 45.29
CA THR A 211 15.09 12.06 46.25
C THR A 211 15.07 10.69 46.96
N PRO A 212 15.08 10.64 48.29
CA PRO A 212 15.01 9.35 48.98
C PRO A 212 13.72 8.61 48.65
N GLY A 213 13.85 7.32 48.34
CA GLY A 213 12.74 6.49 47.94
C GLY A 213 12.55 6.33 46.44
N LEU A 214 13.21 7.17 45.62
CA LEU A 214 13.17 6.98 44.18
C LEU A 214 14.24 5.97 43.80
N GLN A 215 13.81 4.83 43.25
CA GLN A 215 14.71 3.74 42.92
C GLN A 215 14.63 3.46 41.42
N ILE A 216 15.75 3.03 40.85
CA ILE A 216 15.76 2.47 39.51
C ILE A 216 15.44 0.99 39.65
N ALA A 217 14.22 0.60 39.27
CA ALA A 217 13.83 -0.79 39.41
C ALA A 217 14.59 -1.68 38.42
N GLU A 218 14.79 -1.20 37.19
CA GLU A 218 15.57 -1.92 36.18
C GLU A 218 15.86 -0.98 35.03
N ARG A 219 16.98 -1.21 34.35
CA ARG A 219 17.15 -0.60 33.04
C ARG A 219 16.39 -1.43 32.01
N ILE A 220 16.07 -0.79 30.88
CA ILE A 220 15.25 -1.41 29.85
C ILE A 220 16.06 -1.53 28.56
N ASP A 221 16.05 -2.71 27.97
CA ASP A 221 16.74 -2.96 26.71
C ASP A 221 15.75 -2.85 25.56
N VAL A 222 15.99 -1.91 24.63
CA VAL A 222 15.17 -1.78 23.44
C VAL A 222 16.05 -1.93 22.20
N ILE A 223 15.39 -2.10 21.05
CA ILE A 223 16.05 -2.56 19.83
C ILE A 223 17.11 -1.57 19.35
N ALA A 224 16.90 -0.27 19.60
CA ALA A 224 17.92 0.76 19.40
C ALA A 224 18.32 1.28 20.78
N PRO A 225 19.34 0.71 21.41
CA PRO A 225 19.53 0.92 22.85
C PRO A 225 19.88 2.36 23.17
N HIS A 226 19.34 2.84 24.29
CA HIS A 226 19.76 4.10 24.90
C HIS A 226 19.30 4.09 26.34
N PRO A 227 19.75 5.05 27.16
CA PRO A 227 19.39 5.02 28.59
C PRO A 227 17.89 5.04 28.78
N LEU A 228 17.39 4.02 29.49
CA LEU A 228 15.96 3.85 29.67
C LEU A 228 15.74 3.05 30.95
N ALA A 229 14.73 3.43 31.76
CA ALA A 229 14.57 2.73 33.03
C ALA A 229 13.12 2.68 33.46
N ARG A 230 12.82 1.69 34.30
CA ARG A 230 11.61 1.70 35.11
C ARG A 230 11.94 2.35 36.47
N LEU A 231 11.17 3.36 36.84
CA LEU A 231 11.37 4.07 38.10
C LEU A 231 10.37 3.54 39.12
N HIS A 232 10.86 3.21 40.31
CA HIS A 232 9.99 2.83 41.41
C HIS A 232 10.05 3.94 42.44
N PHE A 233 8.94 4.64 42.60
CA PHE A 233 8.77 5.60 43.68
C PHE A 233 8.30 4.80 44.89
N ASP A 234 9.19 4.57 45.84
CA ASP A 234 8.91 3.72 47.00
C ASP A 234 8.59 4.64 48.18
N SER A 235 7.35 5.12 48.20
CA SER A 235 6.92 6.16 49.13
C SER A 235 7.92 7.31 49.19
N ALA A 236 8.24 7.87 48.02
CA ALA A 236 9.20 8.95 47.94
C ALA A 236 8.52 10.27 48.27
N ARG A 237 9.05 11.01 49.22
CA ARG A 237 8.42 12.25 49.65
C ARG A 237 9.04 13.42 48.91
N VAL A 238 8.19 14.26 48.33
CA VAL A 238 8.57 15.40 47.50
C VAL A 238 7.90 16.62 48.12
N PRO A 239 8.60 17.72 48.40
CA PRO A 239 7.93 18.91 48.95
C PRO A 239 6.83 19.39 48.01
N ARG A 240 5.78 19.95 48.60
CA ARG A 240 4.73 20.57 47.79
C ARG A 240 5.29 21.67 46.89
N SER A 241 6.39 22.32 47.31
CA SER A 241 6.96 23.39 46.52
C SER A 241 7.60 22.90 45.23
N GLN A 242 7.79 21.59 45.05
CA GLN A 242 8.29 21.04 43.80
C GLN A 242 7.18 20.75 42.80
N MET A 243 5.93 21.00 43.16
CA MET A 243 4.84 20.83 42.20
C MET A 243 4.98 21.88 41.11
N LEU A 244 4.70 21.47 39.87
CA LEU A 244 4.59 22.37 38.74
C LEU A 244 3.12 22.75 38.56
N GLY A 245 2.82 24.02 38.69
CA GLY A 245 1.42 24.41 38.56
C GLY A 245 0.62 24.04 39.81
N ALA A 246 -0.65 24.06 39.64
CA ALA A 246 -1.64 23.84 40.69
C ALA A 246 -2.03 22.37 40.76
N PRO A 247 -2.46 21.91 41.94
CA PRO A 247 -2.96 20.54 42.05
C PRO A 247 -4.09 20.29 41.06
N GLY A 248 -3.97 19.20 40.30
CA GLY A 248 -4.97 18.87 39.31
C GLY A 248 -4.72 19.41 37.93
N GLU A 249 -3.68 20.22 37.73
CA GLU A 249 -3.31 20.77 36.43
C GLU A 249 -2.25 19.95 35.71
N GLY A 250 -1.88 18.79 36.24
CA GLY A 250 -0.76 18.07 35.67
C GLY A 250 -1.02 17.53 34.29
N PHE A 251 -2.26 17.12 34.00
CA PHE A 251 -2.51 16.48 32.71
C PHE A 251 -2.31 17.46 31.57
N LYS A 252 -2.78 18.70 31.73
CA LYS A 252 -2.59 19.72 30.70
C LYS A 252 -1.12 20.08 30.53
N ILE A 253 -0.36 20.08 31.63
CA ILE A 253 1.07 20.37 31.51
C ILE A 253 1.76 19.28 30.69
N ALA A 254 1.43 18.00 30.94
CA ALA A 254 2.01 16.92 30.15
C ALA A 254 1.66 17.06 28.67
N MET A 255 0.38 17.30 28.36
CA MET A 255 -0.03 17.40 26.96
C MET A 255 0.59 18.62 26.28
N ARG A 256 0.62 19.76 26.97
CA ARG A 256 1.23 20.95 26.37
C ARG A 256 2.73 20.77 26.19
N THR A 257 3.39 20.04 27.09
CA THR A 257 4.82 19.80 26.93
C THR A 257 5.09 18.95 25.69
N LEU A 258 4.30 17.89 25.50
CA LEU A 258 4.44 17.07 24.30
C LEU A 258 4.16 17.87 23.03
N ASP A 259 3.16 18.74 23.08
CA ASP A 259 2.82 19.56 21.91
C ASP A 259 4.00 20.40 21.44
N VAL A 260 4.77 20.97 22.37
CA VAL A 260 5.90 21.81 21.99
C VAL A 260 6.85 21.06 21.05
N PHE A 261 7.09 19.78 21.34
CA PHE A 261 8.16 19.06 20.66
C PHE A 261 7.66 18.09 19.62
N ARG A 262 6.35 18.10 19.34
CA ARG A 262 5.78 17.08 18.47
C ARG A 262 6.34 17.16 17.06
N THR A 263 6.45 18.37 16.49
CA THR A 263 7.02 18.43 15.15
C THR A 263 8.48 18.01 15.15
N SER A 264 9.20 18.21 16.27
CA SER A 264 10.62 17.85 16.27
C SER A 264 10.81 16.35 16.24
N VAL A 265 9.86 15.56 16.76
CA VAL A 265 9.91 14.11 16.57
C VAL A 265 9.76 13.76 15.10
N ALA A 266 8.86 14.46 14.41
CA ALA A 266 8.75 14.28 12.98
C ALA A 266 10.05 14.65 12.29
N ALA A 267 10.71 15.72 12.76
CA ALA A 267 11.95 16.15 12.12
C ALA A 267 13.04 15.12 12.31
N ALA A 268 13.08 14.43 13.47
CA ALA A 268 14.08 13.38 13.64
C ALA A 268 13.84 12.22 12.70
N SER A 269 12.57 11.82 12.53
CA SER A 269 12.24 10.79 11.56
C SER A 269 12.73 11.17 10.18
N LEU A 270 12.47 12.41 9.77
CA LEU A 270 12.94 12.91 8.48
C LEU A 270 14.45 12.80 8.36
N GLY A 271 15.18 13.15 9.42
CA GLY A 271 16.63 13.04 9.38
C GLY A 271 17.10 11.61 9.16
N PHE A 272 16.47 10.65 9.85
CA PHE A 272 16.78 9.24 9.60
C PHE A 272 16.45 8.86 8.16
N ALA A 273 15.30 9.31 7.64
CA ALA A 273 14.92 8.99 6.27
C ALA A 273 15.92 9.56 5.26
N ARG A 274 16.38 10.80 5.47
CA ARG A 274 17.37 11.38 4.57
C ARG A 274 18.66 10.58 4.57
N ARG A 275 19.10 10.13 5.73
CA ARG A 275 20.30 9.31 5.79
C ARG A 275 20.11 8.02 5.00
N ALA A 276 18.93 7.40 5.11
CA ALA A 276 18.66 6.18 4.36
C ALA A 276 18.71 6.41 2.85
N LEU A 277 18.16 7.52 2.36
CA LEU A 277 18.25 7.79 0.93
C LEU A 277 19.70 8.03 0.50
N GLN A 278 20.48 8.73 1.34
CA GLN A 278 21.91 8.90 1.05
CA GLN A 278 21.90 8.90 1.03
C GLN A 278 22.58 7.55 0.87
N GLU A 279 22.31 6.62 1.80
CA GLU A 279 22.93 5.30 1.72
C GLU A 279 22.41 4.51 0.53
N GLY A 280 21.10 4.57 0.28
CA GLY A 280 20.56 3.84 -0.86
C GLY A 280 21.08 4.35 -2.18
N LEU A 281 21.20 5.67 -2.32
CA LEU A 281 21.74 6.25 -3.54
C LEU A 281 23.18 5.84 -3.75
N ALA A 282 24.00 5.92 -2.70
CA ALA A 282 25.40 5.57 -2.86
C ALA A 282 25.54 4.12 -3.30
N ARG A 283 24.70 3.24 -2.76
CA ARG A 283 24.80 1.82 -3.08
C ARG A 283 24.29 1.54 -4.49
N ALA A 284 23.17 2.16 -4.86
CA ALA A 284 22.66 2.00 -6.23
C ALA A 284 23.69 2.42 -7.26
N ALA A 285 24.37 3.54 -7.01
CA ALA A 285 25.30 4.07 -7.99
C ALA A 285 26.56 3.24 -8.09
N SER A 286 26.96 2.58 -7.00
CA SER A 286 28.25 1.90 -6.95
C SER A 286 28.19 0.38 -7.06
N ARG A 287 27.04 -0.24 -6.82
CA ARG A 287 26.94 -1.70 -6.83
C ARG A 287 26.83 -2.22 -8.27
N LYS A 288 27.90 -2.82 -8.76
CA LYS A 288 27.89 -3.46 -10.08
C LYS A 288 27.16 -4.80 -10.04
N MET A 289 26.33 -5.03 -11.06
CA MET A 289 25.59 -6.29 -11.19
C MET A 289 25.04 -6.40 -12.60
N PHE A 290 25.00 -7.63 -13.12
CA PHE A 290 24.36 -7.93 -14.40
C PHE A 290 24.89 -7.02 -15.52
N GLY A 291 26.18 -6.73 -15.47
CA GLY A 291 26.83 -5.93 -16.49
C GLY A 291 26.60 -4.43 -16.39
N GLN A 292 25.92 -3.96 -15.34
CA GLN A 292 25.69 -2.54 -15.16
C GLN A 292 25.74 -2.22 -13.67
N THR A 293 25.00 -1.21 -13.21
CA THR A 293 24.90 -0.95 -11.78
C THR A 293 23.47 -1.14 -11.32
N LEU A 294 23.31 -1.31 -10.01
CA LEU A 294 21.97 -1.50 -9.46
C LEU A 294 21.07 -0.34 -9.82
N GLY A 295 21.61 0.89 -9.81
CA GLY A 295 20.84 2.08 -10.19
C GLY A 295 20.42 2.14 -11.64
N ASP A 296 20.96 1.29 -12.52
CA ASP A 296 20.52 1.29 -13.91
C ASP A 296 19.19 0.58 -14.12
N PHE A 297 18.71 -0.19 -13.14
CA PHE A 297 17.44 -0.90 -13.27
C PHE A 297 16.26 0.02 -12.97
N GLN A 298 15.19 -0.11 -13.76
CA GLN A 298 13.98 0.67 -13.52
C GLN A 298 13.48 0.52 -12.10
N LEU A 299 13.42 -0.72 -11.59
CA LEU A 299 12.90 -0.93 -10.25
C LEU A 299 13.69 -0.15 -9.21
N THR A 300 15.01 -0.06 -9.38
CA THR A 300 15.82 0.74 -8.48
C THR A 300 15.50 2.21 -8.62
N GLN A 301 15.39 2.68 -9.86
CA GLN A 301 15.12 4.09 -10.10
C GLN A 301 13.78 4.51 -9.52
N THR A 302 12.74 3.68 -9.69
CA THR A 302 11.45 4.09 -9.12
C THR A 302 11.42 3.90 -7.61
N LYS A 303 12.19 2.93 -7.08
CA LYS A 303 12.30 2.81 -5.63
C LYS A 303 12.97 4.05 -5.03
N LEU A 304 14.09 4.48 -5.60
CA LEU A 304 14.75 5.70 -5.13
C LEU A 304 13.83 6.91 -5.27
N ALA A 305 13.08 6.99 -6.37
CA ALA A 305 12.20 8.13 -6.59
C ALA A 305 11.12 8.21 -5.50
N GLN A 306 10.57 7.07 -5.11
CA GLN A 306 9.57 7.05 -4.03
C GLN A 306 10.18 7.42 -2.68
N MET A 307 11.41 6.98 -2.41
CA MET A 307 12.10 7.42 -1.20
C MET A 307 12.22 8.95 -1.16
N ALA A 308 12.64 9.55 -2.27
CA ALA A 308 12.80 11.01 -2.30
C ALA A 308 11.46 11.73 -2.22
N LEU A 309 10.41 11.14 -2.79
CA LEU A 309 9.09 11.76 -2.74
C LEU A 309 8.54 11.74 -1.31
N THR A 310 8.71 10.61 -0.61
CA THR A 310 8.28 10.54 0.78
C THR A 310 9.06 11.53 1.63
N ILE A 311 10.35 11.68 1.36
CA ILE A 311 11.18 12.60 2.13
C ILE A 311 10.75 14.04 1.88
N ASP A 312 10.52 14.42 0.62
CA ASP A 312 10.12 15.81 0.35
C ASP A 312 8.75 16.11 0.95
N SER A 313 7.79 15.17 0.83
CA SER A 313 6.49 15.42 1.44
CA SER A 313 6.48 15.36 1.44
C SER A 313 6.61 15.50 2.95
N SER A 314 7.39 14.61 3.57
CA SER A 314 7.61 14.69 5.01
C SER A 314 8.22 16.04 5.40
N ALA A 315 9.25 16.47 4.66
CA ALA A 315 9.94 17.70 5.03
C ALA A 315 8.99 18.91 4.91
N LEU A 316 8.18 18.93 3.86
CA LEU A 316 7.23 20.02 3.70
C LEU A 316 6.20 20.03 4.83
N LEU A 317 5.71 18.85 5.23
CA LEU A 317 4.77 18.78 6.35
C LEU A 317 5.43 19.21 7.67
N VAL A 318 6.66 18.74 7.93
CA VAL A 318 7.36 19.11 9.15
C VAL A 318 7.48 20.62 9.26
N TYR A 319 8.01 21.25 8.21
CA TYR A 319 8.36 22.65 8.31
C TYR A 319 7.17 23.57 8.04
N ARG A 320 6.15 23.11 7.31
CA ARG A 320 4.88 23.82 7.33
C ARG A 320 4.36 23.91 8.76
N ALA A 321 4.32 22.78 9.47
CA ALA A 321 3.82 22.76 10.83
C ALA A 321 4.68 23.62 11.74
N ALA A 322 6.00 23.49 11.65
CA ALA A 322 6.87 24.27 12.52
C ALA A 322 6.76 25.76 12.21
N TRP A 323 6.72 26.12 10.92
CA TRP A 323 6.54 27.53 10.57
C TRP A 323 5.24 28.06 11.13
N LEU A 324 4.17 27.28 11.03
CA LEU A 324 2.87 27.76 11.45
C LEU A 324 2.81 27.93 12.95
N ARG A 325 3.38 26.98 13.70
CA ARG A 325 3.43 27.14 15.15
C ARG A 325 4.28 28.35 15.54
N ASP A 326 5.39 28.58 14.83
CA ASP A 326 6.21 29.75 15.09
C ASP A 326 5.50 31.06 14.73
N GLN A 327 4.39 31.01 14.01
CA GLN A 327 3.62 32.23 13.80
C GLN A 327 2.67 32.51 14.96
N GLY A 328 2.64 31.64 15.95
CA GLY A 328 1.75 31.82 17.08
C GLY A 328 0.44 31.10 16.98
N GLU A 329 0.28 30.22 16.01
CA GLU A 329 -0.95 29.48 15.80
C GLU A 329 -0.84 28.09 16.43
N ASN A 330 -1.99 27.52 16.78
CA ASN A 330 -2.03 26.14 17.24
C ASN A 330 -1.88 25.23 16.02
N VAL A 331 -1.20 24.10 16.20
CA VAL A 331 -0.91 23.23 15.06
C VAL A 331 -1.37 21.81 15.37
N THR A 332 -2.54 21.69 15.99
CA THR A 332 -3.06 20.37 16.35
C THR A 332 -3.12 19.46 15.12
N ARG A 333 -3.68 19.94 14.02
CA ARG A 333 -3.79 19.06 12.86
C ARG A 333 -2.46 18.93 12.14
N GLU A 334 -1.72 20.03 12.00
CA GLU A 334 -0.52 20.04 11.17
C GLU A 334 0.61 19.26 11.80
N ALA A 335 0.77 19.35 13.13
CA ALA A 335 1.83 18.61 13.81
C ALA A 335 1.56 17.10 13.82
N ALA A 336 0.29 16.71 13.99
CA ALA A 336 -0.06 15.30 13.92
C ALA A 336 0.19 14.74 12.52
N MET A 337 -0.18 15.51 11.49
CA MET A 337 0.13 15.09 10.12
C MET A 337 1.62 14.86 9.96
N ALA A 338 2.43 15.79 10.47
CA ALA A 338 3.88 15.71 10.31
C ALA A 338 4.45 14.49 11.03
N LYS A 339 4.08 14.28 12.29
CA LYS A 339 4.69 13.16 13.03
C LYS A 339 4.26 11.84 12.42
N TRP A 340 2.98 11.70 12.10
CA TRP A 340 2.46 10.52 11.40
C TRP A 340 3.20 10.27 10.09
N HIS A 341 3.16 11.24 9.17
CA HIS A 341 3.70 11.01 7.84
C HIS A 341 5.21 10.79 7.88
N ALA A 342 5.94 11.60 8.65
CA ALA A 342 7.40 11.48 8.66
C ALA A 342 7.83 10.15 9.30
N SER A 343 7.18 9.72 10.38
CA SER A 343 7.64 8.49 11.05
C SER A 343 7.28 7.26 10.22
N GLU A 344 6.03 7.17 9.74
CA GLU A 344 5.66 6.06 8.85
C GLU A 344 6.45 6.12 7.56
N GLY A 345 6.64 7.34 7.02
CA GLY A 345 7.41 7.47 5.80
C GLY A 345 8.86 7.05 5.97
N ALA A 346 9.49 7.43 7.09
CA ALA A 346 10.88 7.04 7.28
C ALA A 346 11.03 5.53 7.38
N GLN A 347 10.08 4.86 8.03
CA GLN A 347 10.10 3.40 8.05
C GLN A 347 10.19 2.85 6.64
N GLN A 348 9.35 3.35 5.73
CA GLN A 348 9.34 2.84 4.37
C GLN A 348 10.66 3.16 3.64
N VAL A 349 11.16 4.38 3.80
CA VAL A 349 12.42 4.75 3.13
C VAL A 349 13.55 3.88 3.63
N ILE A 350 13.66 3.73 4.95
CA ILE A 350 14.70 2.91 5.54
C ILE A 350 14.56 1.46 5.08
N ASP A 351 13.33 0.95 5.07
CA ASP A 351 13.13 -0.42 4.63
C ASP A 351 13.60 -0.62 3.19
N ALA A 352 13.33 0.35 2.32
CA ALA A 352 13.81 0.31 0.95
C ALA A 352 15.33 0.38 0.88
N ALA A 353 15.97 1.18 1.74
CA ALA A 353 17.44 1.24 1.73
C ALA A 353 18.05 -0.08 2.17
N VAL A 354 17.47 -0.72 3.19
CA VAL A 354 17.91 -2.06 3.59
C VAL A 354 17.86 -2.99 2.39
N GLN A 355 16.75 -2.97 1.65
CA GLN A 355 16.58 -3.87 0.52
C GLN A 355 17.64 -3.62 -0.54
N LEU A 356 17.94 -2.35 -0.83
CA LEU A 356 18.96 -2.05 -1.84
C LEU A 356 20.33 -2.56 -1.44
N TRP A 357 20.61 -2.64 -0.14
CA TRP A 357 21.92 -3.06 0.32
C TRP A 357 22.06 -4.58 0.40
N GLY A 358 21.00 -5.34 0.12
CA GLY A 358 21.14 -6.78 0.10
C GLY A 358 21.50 -7.31 1.47
N GLY A 359 22.36 -8.33 1.50
CA GLY A 359 22.73 -8.91 2.77
C GLY A 359 23.36 -7.90 3.72
N MET A 360 24.12 -6.94 3.19
CA MET A 360 24.72 -5.93 4.06
C MET A 360 23.66 -5.10 4.78
N GLY A 361 22.45 -5.05 4.23
CA GLY A 361 21.37 -4.28 4.85
C GLY A 361 20.94 -4.80 6.21
N VAL A 362 21.22 -6.06 6.51
CA VAL A 362 20.92 -6.63 7.82
C VAL A 362 22.18 -6.95 8.61
N GLN A 363 23.33 -6.52 8.14
CA GLN A 363 24.57 -6.77 8.86
C GLN A 363 24.73 -5.76 10.01
N SER A 364 24.99 -6.27 11.21
CA SER A 364 25.04 -5.43 12.40
C SER A 364 26.11 -4.36 12.25
N GLY A 365 25.73 -3.12 12.52
CA GLY A 365 26.65 -2.02 12.50
C GLY A 365 26.64 -1.22 11.22
N THR A 366 26.12 -1.76 10.12
CA THR A 366 26.01 -0.93 8.94
C THR A 366 24.98 0.16 9.18
N THR A 367 25.09 1.25 8.43
CA THR A 367 24.23 2.39 8.69
C THR A 367 22.76 2.02 8.53
N VAL A 368 22.39 1.35 7.42
CA VAL A 368 20.97 1.10 7.19
C VAL A 368 20.42 0.08 8.17
N GLU A 369 21.26 -0.84 8.65
CA GLU A 369 20.79 -1.79 9.66
C GLU A 369 20.46 -1.06 10.96
N ARG A 370 21.30 -0.09 11.33
CA ARG A 370 21.03 0.71 12.52
CA ARG A 370 21.01 0.69 12.53
C ARG A 370 19.74 1.50 12.36
N LEU A 371 19.57 2.15 11.20
CA LEU A 371 18.35 2.93 10.93
C LEU A 371 17.10 2.08 11.05
N TYR A 372 17.13 0.84 10.53
CA TYR A 372 15.99 -0.08 10.66
C TYR A 372 15.60 -0.29 12.13
N ARG A 373 16.57 -0.28 13.04
CA ARG A 373 16.23 -0.41 14.45
C ARG A 373 15.85 0.93 15.06
N GLU A 374 16.52 2.02 14.66
CA GLU A 374 16.29 3.32 15.30
C GLU A 374 14.92 3.91 15.00
N ILE A 375 14.37 3.68 13.80
CA ILE A 375 13.13 4.33 13.41
C ILE A 375 11.90 3.72 14.10
N ARG A 376 11.95 2.44 14.50
CA ARG A 376 10.70 1.72 14.79
C ARG A 376 9.93 2.33 15.96
N ALA A 377 10.62 2.69 17.05
CA ALA A 377 9.93 3.25 18.21
C ALA A 377 9.31 4.62 17.94
N LEU A 378 9.81 5.37 16.97
CA LEU A 378 9.27 6.70 16.73
C LEU A 378 7.81 6.64 16.29
N ARG A 379 7.37 5.51 15.73
CA ARG A 379 5.97 5.34 15.37
C ARG A 379 5.10 4.99 16.57
N ILE A 380 5.70 4.77 17.73
CA ILE A 380 5.00 4.28 18.91
C ILE A 380 4.93 5.35 20.00
N TYR A 381 6.05 5.99 20.31
CA TYR A 381 5.98 6.92 21.42
C TYR A 381 5.51 8.30 20.95
N GLU A 382 5.30 9.19 21.93
CA GLU A 382 4.82 10.54 21.69
C GLU A 382 3.64 10.54 20.73
N GLY A 383 2.68 9.67 21.03
CA GLY A 383 1.46 9.56 20.25
C GLY A 383 1.66 8.61 19.09
N ALA A 384 1.25 7.35 19.29
CA ALA A 384 1.38 6.36 18.23
C ALA A 384 0.67 6.82 16.97
N THR A 385 1.09 6.26 15.83
CA THR A 385 0.53 6.61 14.53
C THR A 385 -0.99 6.59 14.56
N GLU A 386 -1.57 5.53 15.14
CA GLU A 386 -3.03 5.41 15.17
C GLU A 386 -3.67 6.58 15.92
N VAL A 387 -3.02 7.03 17.00
CA VAL A 387 -3.53 8.19 17.74
C VAL A 387 -3.43 9.46 16.88
N GLN A 388 -2.32 9.61 16.13
CA GLN A 388 -2.18 10.78 15.25
C GLN A 388 -3.27 10.80 14.20
N GLN A 389 -3.62 9.63 13.66
CA GLN A 389 -4.66 9.57 12.63
C GLN A 389 -6.01 10.03 13.19
N LEU A 390 -6.37 9.54 14.39
CA LEU A 390 -7.59 9.97 15.05
C LEU A 390 -7.58 11.47 15.35
N ILE A 391 -6.44 12.00 15.79
CA ILE A 391 -6.37 13.44 16.05
C ILE A 391 -6.68 14.24 14.80
N VAL A 392 -6.12 13.83 13.65
CA VAL A 392 -6.36 14.56 12.41
C VAL A 392 -7.81 14.42 11.98
N GLY A 393 -8.33 13.19 12.02
CA GLY A 393 -9.71 12.97 11.58
C GLY A 393 -10.73 13.70 12.43
N ARG A 394 -10.57 13.67 13.75
CA ARG A 394 -11.51 14.38 14.61
C ARG A 394 -11.41 15.89 14.39
N ASP A 395 -10.20 16.39 14.14
CA ASP A 395 -10.07 17.82 13.89
C ASP A 395 -10.74 18.23 12.58
N LEU A 396 -10.64 17.37 11.55
CA LEU A 396 -11.33 17.63 10.29
C LEU A 396 -12.84 17.74 10.51
N LEU A 397 -13.42 16.81 11.27
CA LEU A 397 -14.86 16.85 11.51
C LEU A 397 -15.25 18.01 12.41
N LYS A 398 -14.40 18.36 13.39
CA LYS A 398 -14.69 19.54 14.21
C LYS A 398 -14.73 20.81 13.36
N ALA A 399 -13.73 20.98 12.48
CA ALA A 399 -13.71 22.18 11.64
C ALA A 399 -14.86 22.18 10.64
N HIS A 400 -15.22 21.00 10.13
CA HIS A 400 -16.35 20.92 9.20
C HIS A 400 -17.64 21.34 9.87
N ALA A 401 -17.88 20.85 11.09
CA ALA A 401 -19.07 21.27 11.83
C ALA A 401 -19.05 22.77 12.12
N ALA A 402 -17.86 23.31 12.42
CA ALA A 402 -17.76 24.76 12.63
C ALA A 402 -18.07 25.54 11.35
N GLN A 403 -17.72 24.99 10.18
CA GLN A 403 -18.06 25.65 8.93
C GLN A 403 -19.55 25.58 8.67
N ARG A 404 -20.19 24.44 8.98
CA ARG A 404 -21.62 24.30 8.73
C ARG A 404 -22.42 25.24 9.62
N GLN A 405 -22.03 25.40 10.88
CA GLN A 405 -22.72 26.33 11.76
C GLN A 405 -22.71 27.74 11.19
N GLN A 406 -21.62 28.12 10.55
CA GLN A 406 -21.58 29.38 9.79
C GLN A 406 -22.39 29.21 8.51
N ILE B 15 -9.93 -32.26 15.29
CA ILE B 15 -9.61 -31.75 13.96
C ILE B 15 -10.45 -30.51 13.66
N ASP B 16 -9.82 -29.34 13.65
CA ASP B 16 -10.55 -28.10 13.42
C ASP B 16 -10.91 -27.99 11.94
N PRO B 17 -12.20 -28.01 11.59
CA PRO B 17 -12.58 -27.87 10.17
C PRO B 17 -12.13 -26.55 9.55
N HIS B 18 -11.88 -25.53 10.36
CA HIS B 18 -11.39 -24.24 9.87
C HIS B 18 -9.88 -24.17 9.81
N GLY B 19 -9.18 -25.21 10.23
CA GLY B 19 -7.73 -25.19 10.16
C GLY B 19 -7.23 -25.42 8.73
N ALA B 20 -6.07 -24.82 8.43
CA ALA B 20 -5.45 -25.02 7.12
C ALA B 20 -5.13 -26.49 6.86
N LEU B 21 -4.83 -27.26 7.90
CA LEU B 21 -4.51 -28.67 7.68
C LEU B 21 -5.70 -29.44 7.11
N ALA B 22 -6.92 -28.95 7.32
CA ALA B 22 -8.07 -29.62 6.70
C ALA B 22 -8.14 -29.44 5.19
N TRP B 23 -7.39 -28.49 4.64
CA TRP B 23 -7.43 -28.27 3.20
C TRP B 23 -7.05 -29.53 2.45
N PRO B 24 -7.69 -29.80 1.30
CA PRO B 24 -7.35 -30.99 0.52
C PRO B 24 -6.01 -30.92 -0.20
N PHE B 25 -5.24 -29.84 -0.03
CA PHE B 25 -3.83 -29.86 -0.41
C PHE B 25 -3.03 -30.88 0.39
N PHE B 26 -3.54 -31.31 1.53
CA PHE B 26 -2.78 -32.13 2.46
C PHE B 26 -3.33 -33.55 2.49
N GLU B 27 -2.45 -34.51 2.76
CA GLU B 27 -2.88 -35.87 3.05
C GLU B 27 -2.74 -36.18 4.53
N ALA B 28 -3.20 -37.37 4.92
CA ALA B 28 -3.17 -37.74 6.33
C ALA B 28 -1.76 -37.67 6.90
N ARG B 29 -0.76 -38.12 6.14
CA ARG B 29 0.60 -38.10 6.67
C ARG B 29 1.06 -36.69 7.01
N HIS B 30 0.56 -35.68 6.26
CA HIS B 30 0.93 -34.30 6.59
C HIS B 30 0.26 -33.84 7.87
N ARG B 31 -1.00 -34.22 8.07
CA ARG B 31 -1.69 -33.89 9.31
C ARG B 31 -0.99 -34.51 10.51
N GLU B 32 -0.56 -35.76 10.38
CA GLU B 32 0.14 -36.43 11.47
C GLU B 32 1.52 -35.80 11.68
N LEU B 33 2.21 -35.47 10.60
CA LEU B 33 3.51 -34.81 10.72
C LEU B 33 3.38 -33.47 11.45
N ALA B 34 2.36 -32.68 11.08
CA ALA B 34 2.20 -31.37 11.70
C ALA B 34 1.95 -31.50 13.20
N ALA B 35 1.16 -32.49 13.61
CA ALA B 35 0.96 -32.70 15.04
C ALA B 35 2.25 -33.13 15.72
N GLY B 36 3.05 -33.97 15.05
CA GLY B 36 4.29 -34.43 15.65
C GLY B 36 5.32 -33.33 15.82
N ILE B 37 5.52 -32.52 14.78
CA ILE B 37 6.54 -31.48 14.91
C ILE B 37 6.08 -30.41 15.90
N GLU B 38 4.78 -30.12 15.96
CA GLU B 38 4.30 -29.17 16.95
C GLU B 38 4.54 -29.66 18.37
N ALA B 39 4.32 -30.97 18.61
CA ALA B 39 4.62 -31.52 19.94
C ALA B 39 6.11 -31.48 20.23
N TRP B 40 6.94 -31.83 19.25
CA TRP B 40 8.38 -31.76 19.47
C TRP B 40 8.81 -30.32 19.80
N ALA B 41 8.28 -29.35 19.07
CA ALA B 41 8.66 -27.95 19.29
C ALA B 41 8.24 -27.48 20.68
N THR B 42 6.99 -27.79 21.06
CA THR B 42 6.48 -27.40 22.37
C THR B 42 7.35 -27.96 23.49
N GLN B 43 7.85 -29.18 23.33
CA GLN B 43 8.70 -29.75 24.37
C GLN B 43 10.14 -29.26 24.32
N HIS B 44 10.69 -29.01 23.12
CA HIS B 44 12.13 -28.76 23.01
C HIS B 44 12.50 -27.30 22.83
N LEU B 45 11.56 -26.43 22.51
CA LEU B 45 11.88 -25.04 22.15
C LEU B 45 11.28 -24.03 23.13
N ALA B 46 11.14 -24.41 24.39
CA ALA B 46 10.48 -23.50 25.33
C ALA B 46 11.36 -22.32 25.71
N CYS B 47 12.68 -22.49 25.65
CA CYS B 47 13.60 -21.44 26.08
C CYS B 47 14.92 -21.62 25.32
N VAL B 48 14.88 -21.29 24.02
CA VAL B 48 16.07 -21.41 23.19
C VAL B 48 17.07 -20.32 23.54
N GLN B 49 18.34 -20.70 23.67
CA GLN B 49 19.41 -19.82 24.08
C GLN B 49 20.02 -19.14 22.86
N HIS B 50 19.82 -17.83 22.73
CA HIS B 50 20.39 -17.10 21.62
C HIS B 50 21.75 -16.50 21.96
N ASP B 51 22.30 -16.80 23.14
CA ASP B 51 23.60 -16.25 23.52
C ASP B 51 24.72 -16.84 22.67
N ASP B 52 24.80 -18.17 22.61
CA ASP B 52 25.85 -18.90 21.89
C ASP B 52 25.16 -19.72 20.79
N THR B 53 24.97 -19.10 19.63
CA THR B 53 24.19 -19.74 18.57
C THR B 53 24.94 -20.86 17.86
N ASP B 54 26.29 -20.84 17.85
CA ASP B 54 27.02 -22.01 17.38
C ASP B 54 26.63 -23.26 18.14
N THR B 55 26.69 -23.21 19.48
CA THR B 55 26.36 -24.38 20.29
C THR B 55 24.89 -24.72 20.18
N THR B 56 24.02 -23.71 20.17
CA THR B 56 22.59 -23.98 20.09
C THR B 56 22.25 -24.65 18.76
N CYS B 57 22.87 -24.21 17.67
CA CYS B 57 22.60 -24.85 16.38
C CYS B 57 23.13 -26.28 16.37
N ARG B 58 24.30 -26.53 16.94
CA ARG B 58 24.81 -27.89 17.00
C ARG B 58 23.83 -28.79 17.75
N LYS B 59 23.33 -28.31 18.90
CA LYS B 59 22.38 -29.10 19.67
C LYS B 59 21.06 -29.29 18.92
N LEU B 60 20.59 -28.25 18.23
CA LEU B 60 19.33 -28.35 17.50
C LEU B 60 19.42 -29.36 16.36
N VAL B 61 20.53 -29.34 15.62
CA VAL B 61 20.70 -30.27 14.51
C VAL B 61 20.67 -31.70 15.03
N ARG B 62 21.43 -31.97 16.11
CA ARG B 62 21.46 -33.32 16.67
C ARG B 62 20.07 -33.73 17.16
N ALA B 63 19.37 -32.84 17.85
CA ALA B 63 18.07 -33.20 18.41
C ALA B 63 17.02 -33.38 17.31
N LEU B 64 17.01 -32.48 16.32
CA LEU B 64 16.13 -32.66 15.17
C LEU B 64 16.41 -33.97 14.46
N GLY B 65 17.69 -34.30 14.27
CA GLY B 65 18.05 -35.55 13.63
C GLY B 65 17.60 -36.77 14.41
N GLU B 66 17.82 -36.76 15.72
CA GLU B 66 17.48 -37.93 16.54
C GLU B 66 15.97 -38.20 16.52
N ALA B 67 15.16 -37.14 16.42
CA ALA B 67 13.71 -37.25 16.39
C ALA B 67 13.15 -37.55 15.01
N GLY B 68 14.01 -37.67 13.99
CA GLY B 68 13.56 -38.04 12.67
C GLY B 68 13.11 -36.91 11.79
N TRP B 69 13.27 -35.66 12.22
CA TRP B 69 12.70 -34.58 11.43
C TRP B 69 13.60 -34.13 10.28
N LEU B 70 14.86 -34.54 10.24
CA LEU B 70 15.74 -34.14 9.16
C LEU B 70 15.67 -35.08 7.95
N LYS B 71 14.92 -36.19 8.06
CA LYS B 71 14.76 -37.11 6.94
C LYS B 71 13.98 -36.49 5.80
N TYR B 72 13.08 -35.55 6.09
CA TYR B 72 12.20 -35.03 5.05
C TYR B 72 12.93 -34.14 4.06
N GLY B 73 14.08 -33.61 4.42
CA GLY B 73 14.84 -32.75 3.54
C GLY B 73 15.85 -33.48 2.70
N VAL B 74 15.87 -34.82 2.76
CA VAL B 74 16.80 -35.68 2.06
C VAL B 74 16.00 -36.61 1.15
N GLY B 75 16.47 -36.81 -0.07
CA GLY B 75 15.80 -37.67 -1.03
C GLY B 75 16.45 -39.05 -1.13
N GLY B 76 15.62 -40.08 -1.00
CA GLY B 76 16.06 -41.45 -1.16
C GLY B 76 16.12 -42.21 0.15
N ALA B 77 15.28 -43.23 0.31
CA ALA B 77 15.17 -43.91 1.60
C ALA B 77 16.46 -44.61 1.98
N GLN B 78 17.15 -45.20 1.00
CA GLN B 78 18.43 -45.85 1.27
C GLN B 78 19.49 -44.85 1.69
N TYR B 79 19.26 -43.55 1.53
CA TYR B 79 20.25 -42.55 1.93
C TYR B 79 19.82 -41.83 3.20
N GLY B 80 18.77 -42.31 3.87
CA GLY B 80 18.28 -41.67 5.08
C GLY B 80 17.04 -40.82 4.90
N GLY B 81 16.56 -40.67 3.66
CA GLY B 81 15.43 -39.82 3.42
C GLY B 81 14.11 -40.51 3.71
N HIS B 82 13.05 -39.71 3.81
CA HIS B 82 11.74 -40.28 4.08
C HIS B 82 11.22 -41.03 2.87
N GLY B 83 11.29 -40.44 1.69
CA GLY B 83 10.86 -41.07 0.47
C GLY B 83 11.91 -40.86 -0.62
N ASP B 84 11.59 -41.37 -1.82
CA ASP B 84 12.54 -41.25 -2.92
C ASP B 84 12.63 -39.81 -3.43
N THR B 85 11.60 -39.02 -3.27
CA THR B 85 11.68 -37.60 -3.58
C THR B 85 11.44 -36.80 -2.30
N ILE B 86 11.79 -35.51 -2.36
CA ILE B 86 11.53 -34.63 -1.23
CA ILE B 86 11.53 -34.58 -1.26
C ILE B 86 10.05 -34.23 -1.24
N ASP B 87 9.41 -34.41 -0.10
CA ASP B 87 8.01 -34.04 0.12
C ASP B 87 7.99 -32.56 0.48
N THR B 88 7.64 -31.72 -0.51
CA THR B 88 7.67 -30.26 -0.31
C THR B 88 6.70 -29.82 0.78
N ARG B 89 5.49 -30.38 0.78
CA ARG B 89 4.53 -30.03 1.81
C ARG B 89 5.07 -30.36 3.20
N ALA B 90 5.73 -31.50 3.34
CA ALA B 90 6.26 -31.88 4.66
C ALA B 90 7.34 -30.90 5.10
N VAL B 91 8.27 -30.57 4.20
CA VAL B 91 9.35 -29.65 4.56
C VAL B 91 8.77 -28.29 4.92
N CYS B 92 7.79 -27.83 4.14
CA CYS B 92 7.13 -26.55 4.46
C CYS B 92 6.49 -26.59 5.84
N LEU B 93 5.80 -27.68 6.18
CA LEU B 93 5.11 -27.76 7.47
C LEU B 93 6.11 -27.76 8.62
N LEU B 94 7.25 -28.43 8.42
CA LEU B 94 8.32 -28.41 9.41
C LEU B 94 8.85 -27.01 9.64
N ARG B 95 9.22 -26.30 8.56
CA ARG B 95 9.75 -24.95 8.71
C ARG B 95 8.70 -24.01 9.27
N GLU B 96 7.47 -24.10 8.78
CA GLU B 96 6.43 -23.23 9.31
C GLU B 96 6.28 -23.43 10.81
N THR B 97 6.26 -24.69 11.26
CA THR B 97 6.07 -24.94 12.70
C THR B 97 7.27 -24.45 13.49
N LEU B 98 8.48 -24.80 13.05
CA LEU B 98 9.67 -24.42 13.80
C LEU B 98 9.82 -22.91 13.88
N ALA B 99 9.63 -22.20 12.76
CA ALA B 99 9.73 -20.74 12.75
C ALA B 99 8.70 -20.12 13.69
N ASN B 100 7.51 -20.71 13.76
CA ASN B 100 6.47 -20.23 14.65
C ASN B 100 6.96 -20.20 16.09
N HIS B 101 7.80 -21.16 16.47
CA HIS B 101 8.37 -21.28 17.81
C HIS B 101 9.69 -20.52 17.96
N ASP B 102 10.63 -20.69 17.02
CA ASP B 102 11.95 -20.10 17.18
C ASP B 102 12.73 -20.11 15.87
N GLY B 103 13.17 -18.93 15.44
CA GLY B 103 13.85 -18.80 14.16
C GLY B 103 15.12 -19.63 14.06
N LEU B 104 15.83 -19.85 15.17
CA LEU B 104 17.05 -20.63 15.11
C LEU B 104 16.77 -22.10 14.86
N ALA B 105 15.66 -22.61 15.43
CA ALA B 105 15.27 -23.99 15.14
C ALA B 105 14.89 -24.15 13.68
N ASP B 106 14.13 -23.19 13.14
CA ASP B 106 13.84 -23.19 11.71
C ASP B 106 15.12 -23.15 10.89
N PHE B 107 16.04 -22.27 11.26
CA PHE B 107 17.32 -22.16 10.55
C PHE B 107 18.06 -23.50 10.52
N ALA B 108 18.17 -24.14 11.68
CA ALA B 108 18.93 -25.39 11.76
C ALA B 108 18.35 -26.46 10.85
N LEU B 109 17.03 -26.63 10.86
CA LEU B 109 16.43 -27.63 9.98
C LEU B 109 16.57 -27.22 8.52
N ALA B 110 16.34 -25.94 8.21
CA ALA B 110 16.39 -25.47 6.83
C ALA B 110 17.76 -25.74 6.19
N MET B 111 18.84 -25.45 6.91
CA MET B 111 20.16 -25.59 6.31
C MET B 111 20.54 -27.05 6.10
N GLN B 112 19.99 -27.97 6.90
CA GLN B 112 20.23 -29.38 6.62
C GLN B 112 19.66 -29.74 5.26
N GLY B 113 18.56 -29.13 4.86
CA GLY B 113 17.99 -29.38 3.55
C GLY B 113 18.76 -28.66 2.46
N LEU B 114 18.84 -27.32 2.55
CA LEU B 114 19.50 -26.54 1.51
C LEU B 114 20.95 -26.98 1.33
N GLY B 115 21.66 -27.20 2.43
CA GLY B 115 23.06 -27.56 2.34
C GLY B 115 23.31 -28.94 1.78
N SER B 116 22.34 -29.84 1.93
CA SER B 116 22.51 -31.18 1.36
C SER B 116 21.77 -31.37 0.04
N GLY B 117 20.91 -30.41 -0.37
CA GLY B 117 20.02 -30.65 -1.50
C GLY B 117 20.74 -30.96 -2.80
N ALA B 118 21.87 -30.29 -3.07
CA ALA B 118 22.58 -30.56 -4.31
C ALA B 118 23.11 -31.98 -4.37
N ILE B 119 23.39 -32.57 -3.21
CA ILE B 119 23.81 -33.97 -3.18
C ILE B 119 22.63 -34.90 -3.47
N THR B 120 21.50 -34.65 -2.81
CA THR B 120 20.28 -35.37 -3.18
C THR B 120 20.03 -35.29 -4.69
N LEU B 121 20.18 -34.09 -5.26
CA LEU B 121 19.83 -33.89 -6.66
C LEU B 121 20.86 -34.49 -7.60
N ALA B 122 22.14 -34.25 -7.37
CA ALA B 122 23.14 -34.56 -8.38
C ALA B 122 24.25 -35.49 -7.90
N GLY B 123 24.18 -36.02 -6.68
CA GLY B 123 25.25 -36.86 -6.20
C GLY B 123 25.29 -38.22 -6.86
N THR B 124 26.47 -38.81 -6.93
CA THR B 124 26.59 -40.22 -7.24
C THR B 124 26.12 -41.04 -6.06
N HIS B 125 25.93 -42.34 -6.29
CA HIS B 125 25.62 -43.24 -5.20
C HIS B 125 26.62 -43.08 -4.06
N GLU B 126 27.91 -43.04 -4.40
CA GLU B 126 28.96 -42.95 -3.38
C GLU B 126 28.89 -41.64 -2.61
N GLN B 127 28.64 -40.52 -3.32
CA GLN B 127 28.51 -39.24 -2.62
C GLN B 127 27.30 -39.24 -1.70
N LYS B 128 26.17 -39.77 -2.17
CA LYS B 128 24.97 -39.78 -1.33
C LYS B 128 25.18 -40.63 -0.09
N ILE B 129 25.80 -41.79 -0.26
CA ILE B 129 26.11 -42.68 0.86
C ILE B 129 26.99 -41.97 1.88
N ARG B 130 27.98 -41.21 1.42
CA ARG B 130 28.92 -40.60 2.35
C ARG B 130 28.29 -39.48 3.18
N TYR B 131 27.36 -38.72 2.60
CA TYR B 131 26.86 -37.51 3.25
C TYR B 131 25.40 -37.57 3.70
N LEU B 132 24.52 -38.17 2.93
CA LEU B 132 23.09 -37.98 3.23
C LEU B 132 22.63 -38.71 4.49
N PRO B 133 23.07 -39.96 4.76
CA PRO B 133 22.67 -40.59 6.03
C PRO B 133 23.05 -39.75 7.25
N ARG B 134 24.27 -39.20 7.25
CA ARG B 134 24.71 -38.37 8.36
C ARG B 134 23.88 -37.09 8.45
N VAL B 135 23.54 -36.48 7.31
CA VAL B 135 22.72 -35.27 7.36
C VAL B 135 21.36 -35.58 7.94
N SER B 136 20.75 -36.68 7.46
CA SER B 136 19.41 -37.04 7.91
C SER B 136 19.36 -37.38 9.39
N LYS B 137 20.47 -37.82 9.98
CA LYS B 137 20.52 -38.14 11.40
C LYS B 137 21.01 -36.97 12.24
N GLY B 138 21.33 -35.83 11.63
CA GLY B 138 21.87 -34.71 12.38
C GLY B 138 23.30 -34.90 12.83
N GLU B 139 24.05 -35.79 12.15
CA GLU B 139 25.44 -36.09 12.49
C GLU B 139 26.44 -35.34 11.62
N ALA B 140 25.97 -34.67 10.57
CA ALA B 140 26.79 -33.79 9.75
C ALA B 140 26.01 -32.52 9.52
N ILE B 141 26.64 -31.38 9.77
CA ILE B 141 26.00 -30.10 9.54
C ILE B 141 26.35 -29.65 8.14
N ALA B 142 25.33 -29.32 7.35
CA ALA B 142 25.46 -29.00 5.94
C ALA B 142 25.50 -27.48 5.72
N ALA B 143 26.06 -27.09 4.57
CA ALA B 143 26.12 -25.68 4.20
C ALA B 143 26.18 -25.58 2.68
N PHE B 144 25.75 -24.41 2.18
CA PHE B 144 25.50 -24.12 0.77
C PHE B 144 26.25 -22.83 0.46
N ALA B 145 27.36 -22.92 -0.28
CA ALA B 145 28.27 -21.77 -0.47
C ALA B 145 28.18 -21.29 -1.91
N LEU B 146 27.36 -20.26 -2.14
CA LEU B 146 27.13 -19.70 -3.46
C LEU B 146 27.55 -18.24 -3.59
N SER B 147 27.12 -17.40 -2.65
CA SER B 147 27.27 -15.95 -2.74
C SER B 147 28.70 -15.51 -2.43
N GLU B 148 29.08 -14.37 -2.98
CA GLU B 148 30.40 -13.76 -2.86
C GLU B 148 30.24 -12.28 -2.54
N PRO B 149 31.29 -11.64 -2.03
CA PRO B 149 31.19 -10.21 -1.71
C PRO B 149 30.72 -9.34 -2.87
N ASP B 150 31.14 -9.64 -4.11
CA ASP B 150 30.80 -8.82 -5.26
C ASP B 150 29.69 -9.40 -6.11
N ALA B 151 29.14 -10.57 -5.74
CA ALA B 151 28.14 -11.24 -6.57
C ALA B 151 27.24 -12.07 -5.66
N GLY B 152 26.05 -11.55 -5.36
CA GLY B 152 25.04 -12.30 -4.65
C GLY B 152 23.86 -12.59 -5.56
N SER B 153 23.07 -11.57 -5.86
CA SER B 153 21.97 -11.74 -6.81
C SER B 153 22.48 -12.21 -8.17
N ASP B 154 23.62 -11.67 -8.62
CA ASP B 154 24.15 -11.97 -9.96
C ASP B 154 25.11 -13.17 -9.86
N VAL B 155 24.49 -14.33 -9.67
CA VAL B 155 25.22 -15.59 -9.45
C VAL B 155 26.10 -15.93 -10.63
N ALA B 156 25.64 -15.64 -11.86
CA ALA B 156 26.36 -16.05 -13.06
C ALA B 156 27.74 -15.40 -13.16
N ALA B 157 27.99 -14.35 -12.39
CA ALA B 157 29.24 -13.60 -12.45
C ALA B 157 30.21 -13.98 -11.34
N MET B 158 29.95 -15.07 -10.61
CA MET B 158 30.80 -15.43 -9.48
C MET B 158 32.25 -15.61 -9.94
N SER B 159 33.19 -15.31 -9.03
CA SER B 159 34.60 -15.32 -9.37
C SER B 159 35.43 -16.33 -8.58
N LEU B 160 34.86 -17.04 -7.61
CA LEU B 160 35.62 -18.13 -7.00
C LEU B 160 36.09 -19.08 -8.09
N GLN B 161 37.37 -19.40 -8.08
CA GLN B 161 38.01 -20.15 -9.16
C GLN B 161 38.31 -21.57 -8.73
N ALA B 162 38.02 -22.53 -9.62
CA ALA B 162 38.41 -23.92 -9.42
C ALA B 162 39.21 -24.35 -10.65
N ARG B 163 40.47 -24.68 -10.43
CA ARG B 163 41.42 -24.93 -11.50
C ARG B 163 41.77 -26.42 -11.50
N ALA B 164 41.56 -27.09 -12.63
CA ALA B 164 41.93 -28.49 -12.73
C ALA B 164 43.43 -28.66 -12.77
N GLU B 165 43.95 -29.55 -11.94
CA GLU B 165 45.39 -29.83 -11.89
C GLU B 165 45.54 -31.30 -11.55
N GLY B 166 45.90 -32.11 -12.54
CA GLY B 166 45.97 -33.54 -12.31
C GLY B 166 44.60 -34.11 -12.01
N ASP B 167 44.50 -34.83 -10.89
CA ASP B 167 43.26 -35.47 -10.48
C ASP B 167 42.50 -34.64 -9.45
N CYS B 168 42.83 -33.36 -9.30
CA CYS B 168 42.17 -32.53 -8.31
CA CYS B 168 42.20 -32.52 -8.30
C CYS B 168 41.80 -31.19 -8.92
N TYR B 169 41.06 -30.41 -8.14
CA TYR B 169 40.76 -29.03 -8.44
C TYR B 169 41.35 -28.19 -7.32
N VAL B 170 41.92 -27.05 -7.69
CA VAL B 170 42.53 -26.12 -6.76
C VAL B 170 41.60 -24.92 -6.70
N ILE B 171 41.13 -24.59 -5.50
CA ILE B 171 40.10 -23.58 -5.30
C ILE B 171 40.73 -22.36 -4.63
N ASP B 172 40.53 -21.18 -5.23
CA ASP B 172 41.07 -19.93 -4.70
C ASP B 172 40.00 -18.83 -4.74
N GLY B 173 39.88 -18.08 -3.64
CA GLY B 173 38.98 -16.96 -3.60
C GLY B 173 38.07 -17.04 -2.40
N ASP B 174 36.96 -16.30 -2.44
CA ASP B 174 36.10 -16.14 -1.28
C ASP B 174 34.64 -16.45 -1.61
N LYS B 175 33.95 -17.02 -0.62
CA LYS B 175 32.50 -17.02 -0.52
C LYS B 175 32.13 -16.25 0.75
N THR B 176 30.93 -15.68 0.79
CA THR B 176 30.54 -14.99 2.00
C THR B 176 29.04 -15.11 2.21
N TRP B 177 28.59 -14.64 3.38
CA TRP B 177 27.23 -14.84 3.86
C TRP B 177 26.90 -16.33 4.01
N ILE B 178 27.87 -17.17 4.37
CA ILE B 178 27.64 -18.61 4.33
C ILE B 178 27.02 -19.07 5.65
N SER B 179 25.75 -19.45 5.59
CA SER B 179 25.06 -20.00 6.76
C SER B 179 25.74 -21.29 7.20
N ASN B 180 25.84 -21.46 8.52
CA ASN B 180 26.59 -22.52 9.20
C ASN B 180 28.08 -22.40 8.98
N GLY B 181 28.54 -21.30 8.38
CA GLY B 181 29.99 -21.10 8.27
C GLY B 181 30.67 -21.17 9.62
N GLY B 182 31.67 -22.03 9.75
CA GLY B 182 32.37 -22.22 10.99
C GLY B 182 31.92 -23.41 11.81
N ILE B 183 30.71 -23.91 11.61
CA ILE B 183 30.25 -25.12 12.29
C ILE B 183 29.87 -26.23 11.33
N ALA B 184 29.78 -25.98 10.03
CA ALA B 184 29.40 -27.02 9.09
C ALA B 184 30.50 -28.08 8.97
N ASP B 185 30.07 -29.32 8.73
CA ASP B 185 31.02 -30.39 8.48
C ASP B 185 31.42 -30.49 7.00
N PHE B 186 30.61 -29.93 6.11
CA PHE B 186 30.96 -29.85 4.70
C PHE B 186 30.22 -28.68 4.08
N TYR B 187 30.72 -28.23 2.94
CA TYR B 187 30.13 -27.13 2.18
C TYR B 187 29.94 -27.59 0.75
N VAL B 188 28.76 -27.37 0.18
CA VAL B 188 28.58 -27.51 -1.25
C VAL B 188 28.96 -26.17 -1.87
N VAL B 189 30.07 -26.15 -2.61
CA VAL B 189 30.71 -24.93 -3.08
C VAL B 189 30.59 -24.86 -4.59
N PHE B 190 30.19 -23.70 -5.11
CA PHE B 190 30.09 -23.47 -6.55
C PHE B 190 31.22 -22.54 -6.99
N ALA B 191 31.94 -22.94 -8.03
CA ALA B 191 33.15 -22.27 -8.44
C ALA B 191 33.26 -22.22 -9.95
N ARG B 192 33.95 -21.20 -10.46
CA ARG B 192 34.14 -21.06 -11.90
C ARG B 192 35.25 -22.00 -12.36
N THR B 193 34.89 -22.98 -13.19
CA THR B 193 35.87 -23.84 -13.83
C THR B 193 36.18 -23.42 -15.27
N GLY B 194 35.36 -22.56 -15.86
CA GLY B 194 35.76 -21.83 -17.05
C GLY B 194 35.44 -22.47 -18.38
N GLU B 195 34.58 -23.50 -18.42
CA GLU B 195 34.27 -24.17 -19.69
C GLU B 195 33.69 -23.20 -20.71
N ALA B 196 32.97 -22.19 -20.25
CA ALA B 196 32.35 -21.17 -21.09
C ALA B 196 32.02 -19.98 -20.21
N PRO B 197 31.74 -18.81 -20.79
CA PRO B 197 31.57 -17.62 -19.94
C PRO B 197 30.33 -17.69 -19.07
N GLY B 198 30.38 -16.96 -17.95
CA GLY B 198 29.20 -16.71 -17.16
C GLY B 198 28.59 -17.96 -16.57
N ALA B 199 27.27 -18.09 -16.72
CA ALA B 199 26.51 -19.15 -16.06
C ALA B 199 26.87 -20.54 -16.59
N ARG B 200 27.73 -20.62 -17.60
CA ARG B 200 28.06 -21.91 -18.20
C ARG B 200 29.46 -22.38 -17.87
N GLY B 201 30.19 -21.64 -17.03
CA GLY B 201 31.51 -22.05 -16.61
C GLY B 201 31.63 -22.37 -15.13
N ILE B 202 30.52 -22.74 -14.47
CA ILE B 202 30.50 -22.99 -13.04
CA ILE B 202 30.48 -22.99 -13.04
C ILE B 202 30.37 -24.49 -12.80
N SER B 203 31.05 -24.97 -11.75
CA SER B 203 30.94 -26.36 -11.32
C SER B 203 30.71 -26.41 -9.81
N ALA B 204 30.09 -27.52 -9.35
CA ALA B 204 29.74 -27.70 -7.95
C ALA B 204 30.66 -28.74 -7.32
N PHE B 205 31.07 -28.48 -6.08
CA PHE B 205 31.99 -29.35 -5.36
C PHE B 205 31.49 -29.58 -3.94
N ILE B 206 31.71 -30.79 -3.44
CA ILE B 206 31.58 -31.06 -2.00
C ILE B 206 32.94 -30.81 -1.38
N VAL B 207 33.02 -29.84 -0.47
CA VAL B 207 34.26 -29.48 0.19
C VAL B 207 34.12 -29.76 1.68
N ASP B 208 34.78 -30.81 2.15
CA ASP B 208 34.74 -31.14 3.58
C ASP B 208 35.39 -30.01 4.37
N ALA B 209 34.85 -29.79 5.56
CA ALA B 209 35.31 -28.69 6.41
C ALA B 209 36.79 -28.81 6.73
N ASP B 210 37.31 -30.02 6.81
CA ASP B 210 38.70 -30.23 7.16
C ASP B 210 39.64 -30.17 5.96
N THR B 211 39.16 -29.67 4.82
CA THR B 211 40.00 -29.54 3.63
C THR B 211 41.12 -28.54 3.90
N PRO B 212 42.39 -28.92 3.74
CA PRO B 212 43.48 -27.95 3.91
C PRO B 212 43.35 -26.81 2.90
N GLY B 213 43.52 -25.59 3.37
CA GLY B 213 43.35 -24.40 2.57
C GLY B 213 42.01 -23.71 2.73
N LEU B 214 41.01 -24.41 3.25
CA LEU B 214 39.73 -23.80 3.57
C LEU B 214 39.85 -23.06 4.90
N GLN B 215 39.53 -21.77 4.90
CA GLN B 215 39.74 -20.92 6.07
C GLN B 215 38.43 -20.21 6.40
N ILE B 216 38.07 -20.23 7.68
CA ILE B 216 36.95 -19.42 8.17
C ILE B 216 37.51 -18.02 8.40
N ALA B 217 37.31 -17.13 7.44
CA ALA B 217 38.00 -15.85 7.47
C ALA B 217 37.40 -14.86 8.45
N GLU B 218 36.10 -14.95 8.69
CA GLU B 218 35.42 -13.93 9.47
C GLU B 218 34.03 -14.42 9.83
N ARG B 219 33.61 -14.28 11.08
CA ARG B 219 32.21 -14.53 11.45
C ARG B 219 31.42 -13.25 11.20
N ILE B 220 30.21 -13.41 10.66
CA ILE B 220 29.38 -12.28 10.26
C ILE B 220 28.24 -12.15 11.26
N ASP B 221 27.99 -10.93 11.74
CA ASP B 221 26.91 -10.66 12.69
C ASP B 221 25.77 -9.99 11.94
N VAL B 222 24.57 -10.59 11.98
CA VAL B 222 23.39 -10.00 11.35
C VAL B 222 22.32 -9.77 12.43
N ILE B 223 21.25 -9.07 12.02
CA ILE B 223 20.29 -8.53 12.99
C ILE B 223 19.57 -9.65 13.75
N ALA B 224 19.41 -10.82 13.12
CA ALA B 224 18.91 -12.04 13.78
C ALA B 224 20.05 -13.05 13.76
N PRO B 225 20.86 -13.12 14.83
CA PRO B 225 22.16 -13.77 14.71
C PRO B 225 22.04 -15.28 14.55
N HIS B 226 22.94 -15.83 13.76
CA HIS B 226 23.09 -17.28 13.64
C HIS B 226 24.43 -17.53 12.97
N PRO B 227 24.95 -18.75 12.98
CA PRO B 227 26.27 -19.01 12.40
C PRO B 227 26.34 -18.56 10.95
N LEU B 228 27.35 -17.75 10.64
CA LEU B 228 27.47 -17.12 9.33
C LEU B 228 28.92 -16.69 9.15
N ALA B 229 29.52 -17.02 8.02
CA ALA B 229 30.94 -16.75 7.85
C ALA B 229 31.29 -16.35 6.42
N ARG B 230 32.40 -15.63 6.29
CA ARG B 230 33.11 -15.55 5.03
C ARG B 230 34.14 -16.67 4.98
N LEU B 231 34.13 -17.43 3.88
CA LEU B 231 35.09 -18.50 3.65
C LEU B 231 36.16 -18.01 2.68
N HIS B 232 37.42 -18.31 3.01
CA HIS B 232 38.53 -18.05 2.10
C HIS B 232 39.18 -19.36 1.72
N PHE B 233 39.41 -19.54 0.42
CA PHE B 233 40.00 -20.75 -0.13
C PHE B 233 41.43 -20.38 -0.55
N ASP B 234 42.41 -20.88 0.20
CA ASP B 234 43.82 -20.64 -0.07
C ASP B 234 44.39 -21.87 -0.76
N SER B 235 44.21 -21.92 -2.08
CA SER B 235 44.64 -23.05 -2.89
C SER B 235 44.20 -24.37 -2.28
N ALA B 236 42.92 -24.45 -1.95
CA ALA B 236 42.35 -25.66 -1.38
C ALA B 236 42.21 -26.74 -2.45
N ARG B 237 42.78 -27.90 -2.19
CA ARG B 237 42.81 -28.97 -3.18
C ARG B 237 41.70 -29.96 -2.86
N VAL B 238 40.78 -30.16 -3.80
CA VAL B 238 39.70 -31.13 -3.61
C VAL B 238 39.78 -32.14 -4.75
N PRO B 239 39.55 -33.43 -4.47
CA PRO B 239 39.59 -34.42 -5.55
C PRO B 239 38.48 -34.18 -6.56
N ARG B 240 38.82 -34.43 -7.83
CA ARG B 240 37.85 -34.39 -8.91
C ARG B 240 36.60 -35.21 -8.58
N SER B 241 36.75 -36.29 -7.83
CA SER B 241 35.64 -37.14 -7.44
C SER B 241 34.67 -36.46 -6.48
N GLN B 242 35.03 -35.31 -5.92
CA GLN B 242 34.12 -34.52 -5.10
C GLN B 242 33.30 -33.54 -5.92
N MET B 243 33.48 -33.50 -7.25
CA MET B 243 32.60 -32.68 -8.07
C MET B 243 31.20 -33.28 -8.08
N LEU B 244 30.19 -32.43 -7.89
CA LEU B 244 28.80 -32.81 -8.05
C LEU B 244 28.38 -32.60 -9.49
N GLY B 245 27.96 -33.67 -10.17
CA GLY B 245 27.60 -33.48 -11.55
C GLY B 245 28.81 -33.25 -12.45
N ALA B 246 28.54 -32.75 -13.65
CA ALA B 246 29.57 -32.62 -14.66
C ALA B 246 30.19 -31.23 -14.65
N PRO B 247 31.40 -31.09 -15.19
CA PRO B 247 31.99 -29.74 -15.31
C PRO B 247 31.08 -28.83 -16.13
N GLY B 248 30.80 -27.64 -15.58
CA GLY B 248 29.89 -26.71 -16.21
C GLY B 248 28.43 -26.84 -15.82
N GLU B 249 28.07 -27.87 -15.06
CA GLU B 249 26.70 -28.10 -14.62
C GLU B 249 26.39 -27.37 -13.31
N GLY B 250 27.35 -26.65 -12.75
CA GLY B 250 27.18 -26.10 -11.40
C GLY B 250 26.06 -25.08 -11.30
N PHE B 251 25.88 -24.26 -12.33
CA PHE B 251 24.85 -23.22 -12.24
C PHE B 251 23.46 -23.85 -12.17
N LYS B 252 23.17 -24.78 -13.07
CA LYS B 252 21.89 -25.49 -13.02
C LYS B 252 21.70 -26.22 -11.69
N ILE B 253 22.76 -26.83 -11.16
CA ILE B 253 22.63 -27.53 -9.88
C ILE B 253 22.28 -26.54 -8.76
N ALA B 254 22.95 -25.39 -8.73
CA ALA B 254 22.65 -24.39 -7.71
C ALA B 254 21.20 -23.91 -7.82
N MET B 255 20.75 -23.60 -9.05
CA MET B 255 19.38 -23.10 -9.22
C MET B 255 18.35 -24.17 -8.89
N ARG B 256 18.61 -25.43 -9.25
CA ARG B 256 17.66 -26.49 -8.95
C ARG B 256 17.55 -26.73 -7.45
N THR B 257 18.68 -26.68 -6.74
CA THR B 257 18.66 -26.84 -5.30
C THR B 257 17.87 -25.73 -4.63
N LEU B 258 18.07 -24.48 -5.05
CA LEU B 258 17.25 -23.40 -4.51
C LEU B 258 15.77 -23.60 -4.84
N ASP B 259 15.47 -24.06 -6.06
CA ASP B 259 14.08 -24.34 -6.43
C ASP B 259 13.42 -25.33 -5.47
N VAL B 260 14.15 -26.36 -5.04
CA VAL B 260 13.53 -27.39 -4.20
C VAL B 260 12.99 -26.77 -2.91
N PHE B 261 13.71 -25.82 -2.34
CA PHE B 261 13.39 -25.34 -1.01
C PHE B 261 12.74 -23.96 -1.01
N ARG B 262 12.49 -23.40 -2.19
CA ARG B 262 11.99 -22.03 -2.28
C ARG B 262 10.66 -21.87 -1.55
N THR B 263 9.73 -22.80 -1.77
CA THR B 263 8.46 -22.67 -1.06
C THR B 263 8.66 -22.81 0.44
N SER B 264 9.68 -23.55 0.88
CA SER B 264 9.86 -23.71 2.32
C SER B 264 10.38 -22.44 3.00
N VAL B 265 11.05 -21.55 2.26
CA VAL B 265 11.35 -20.22 2.81
C VAL B 265 10.05 -19.44 3.02
N ALA B 266 9.14 -19.52 2.06
CA ALA B 266 7.84 -18.91 2.22
C ALA B 266 7.12 -19.48 3.42
N ALA B 267 7.25 -20.80 3.64
CA ALA B 267 6.59 -21.43 4.76
C ALA B 267 7.15 -20.94 6.08
N ALA B 268 8.48 -20.75 6.15
CA ALA B 268 9.07 -20.17 7.36
C ALA B 268 8.50 -18.78 7.63
N SER B 269 8.48 -17.92 6.60
CA SER B 269 7.86 -16.60 6.73
C SER B 269 6.46 -16.68 7.29
N LEU B 270 5.66 -17.61 6.77
CA LEU B 270 4.30 -17.82 7.24
C LEU B 270 4.27 -18.18 8.73
N GLY B 271 5.18 -19.05 9.16
CA GLY B 271 5.22 -19.41 10.58
C GLY B 271 5.51 -18.21 11.47
N PHE B 272 6.46 -17.36 11.06
CA PHE B 272 6.72 -16.11 11.77
C PHE B 272 5.48 -15.24 11.82
N ALA B 273 4.79 -15.09 10.67
CA ALA B 273 3.58 -14.30 10.63
C ALA B 273 2.51 -14.86 11.57
N ARG B 274 2.29 -16.18 11.53
CA ARG B 274 1.30 -16.76 12.42
C ARG B 274 1.62 -16.46 13.89
N ARG B 275 2.90 -16.52 14.26
CA ARG B 275 3.25 -16.20 15.64
C ARG B 275 2.95 -14.75 15.94
N ALA B 276 3.21 -13.86 14.98
CA ALA B 276 2.91 -12.45 15.19
C ALA B 276 1.41 -12.24 15.43
N LEU B 277 0.55 -12.91 14.66
CA LEU B 277 -0.87 -12.76 14.90
C LEU B 277 -1.29 -13.33 16.26
N GLN B 278 -0.72 -14.47 16.68
CA GLN B 278 -1.04 -15.01 18.00
C GLN B 278 -0.73 -14.00 19.07
N GLU B 279 0.45 -13.38 19.01
CA GLU B 279 0.85 -12.39 20.00
C GLU B 279 -0.01 -11.14 19.90
N GLY B 280 -0.33 -10.72 18.67
CA GLY B 280 -1.15 -9.53 18.51
C GLY B 280 -2.56 -9.72 19.04
N LEU B 281 -3.15 -10.89 18.77
CA LEU B 281 -4.48 -11.21 19.29
C LEU B 281 -4.48 -11.29 20.80
N ALA B 282 -3.48 -11.97 21.38
CA ALA B 282 -3.40 -12.07 22.83
C ALA B 282 -3.31 -10.68 23.48
N ARG B 283 -2.48 -9.80 22.92
CA ARG B 283 -2.30 -8.47 23.49
C ARG B 283 -3.56 -7.62 23.32
N ALA B 284 -4.16 -7.68 22.13
CA ALA B 284 -5.41 -6.95 21.91
C ALA B 284 -6.48 -7.33 22.90
N ALA B 285 -6.59 -8.63 23.20
CA ALA B 285 -7.68 -9.08 24.06
C ALA B 285 -7.44 -8.73 25.53
N SER B 286 -6.19 -8.58 25.95
CA SER B 286 -5.89 -8.40 27.36
C SER B 286 -5.41 -6.99 27.72
N ARG B 287 -5.00 -6.18 26.76
CA ARG B 287 -4.46 -4.87 27.12
C ARG B 287 -5.63 -3.93 27.44
N LYS B 288 -5.81 -3.58 28.70
CA LYS B 288 -6.89 -2.67 29.09
C LYS B 288 -6.50 -1.22 28.82
N MET B 289 -7.43 -0.47 28.25
CA MET B 289 -7.18 0.94 27.97
C MET B 289 -8.51 1.62 27.69
N PHE B 290 -8.62 2.88 28.12
CA PHE B 290 -9.77 3.72 27.83
C PHE B 290 -11.08 3.06 28.24
N GLY B 291 -11.07 2.38 29.39
CA GLY B 291 -12.27 1.73 29.88
C GLY B 291 -12.68 0.47 29.15
N GLN B 292 -11.86 -0.04 28.24
CA GLN B 292 -12.16 -1.28 27.53
C GLN B 292 -10.86 -2.04 27.26
N THR B 293 -10.79 -2.79 26.18
CA THR B 293 -9.54 -3.39 25.79
C THR B 293 -9.12 -2.85 24.44
N LEU B 294 -7.83 -3.02 24.15
CA LEU B 294 -7.31 -2.61 22.86
C LEU B 294 -8.08 -3.26 21.71
N GLY B 295 -8.47 -4.52 21.88
CA GLY B 295 -9.24 -5.21 20.84
C GLY B 295 -10.64 -4.68 20.61
N ASP B 296 -11.17 -3.84 21.51
CA ASP B 296 -12.49 -3.25 21.30
C ASP B 296 -12.50 -2.11 20.29
N PHE B 297 -11.35 -1.55 19.92
CA PHE B 297 -11.32 -0.46 18.95
C PHE B 297 -11.44 -0.99 17.51
N GLN B 298 -12.24 -0.29 16.68
CA GLN B 298 -12.33 -0.66 15.27
C GLN B 298 -10.96 -0.82 14.63
N LEU B 299 -10.04 0.12 14.90
CA LEU B 299 -8.76 0.08 14.19
C LEU B 299 -7.99 -1.18 14.55
N THR B 300 -8.07 -1.60 15.81
CA THR B 300 -7.42 -2.85 16.18
C THR B 300 -8.08 -4.03 15.47
N GLN B 301 -9.40 -4.04 15.39
CA GLN B 301 -10.09 -5.17 14.76
C GLN B 301 -9.75 -5.28 13.29
N THR B 302 -9.65 -4.15 12.59
CA THR B 302 -9.34 -4.24 11.17
C THR B 302 -7.86 -4.52 10.93
N LYS B 303 -6.99 -4.05 11.83
CA LYS B 303 -5.59 -4.45 11.73
C LYS B 303 -5.44 -5.96 11.91
N LEU B 304 -6.05 -6.51 12.97
CA LEU B 304 -6.04 -7.95 13.16
C LEU B 304 -6.63 -8.67 11.94
N ALA B 305 -7.71 -8.14 11.38
CA ALA B 305 -8.33 -8.75 10.20
C ALA B 305 -7.35 -8.80 9.03
N GLN B 306 -6.60 -7.72 8.80
CA GLN B 306 -5.64 -7.69 7.70
C GLN B 306 -4.48 -8.65 7.95
N MET B 307 -4.03 -8.76 9.19
CA MET B 307 -3.00 -9.75 9.53
C MET B 307 -3.46 -11.16 9.19
N ALA B 308 -4.69 -11.50 9.59
CA ALA B 308 -5.23 -12.83 9.31
C ALA B 308 -5.42 -13.05 7.82
N LEU B 309 -5.87 -12.03 7.08
CA LEU B 309 -6.07 -12.15 5.63
C LEU B 309 -4.74 -12.40 4.91
N THR B 310 -3.72 -11.62 5.28
CA THR B 310 -2.41 -11.82 4.70
C THR B 310 -1.89 -13.22 5.02
N ILE B 311 -2.13 -13.69 6.24
CA ILE B 311 -1.67 -15.04 6.62
C ILE B 311 -2.39 -16.11 5.79
N ASP B 312 -3.71 -16.00 5.66
CA ASP B 312 -4.41 -17.03 4.88
C ASP B 312 -4.02 -16.99 3.42
N SER B 313 -3.87 -15.78 2.85
CA SER B 313 -3.45 -15.72 1.46
CA SER B 313 -3.42 -15.66 1.46
C SER B 313 -2.05 -16.29 1.28
N SER B 314 -1.11 -15.99 2.20
CA SER B 314 0.21 -16.58 2.13
C SER B 314 0.15 -18.10 2.25
N ALA B 315 -0.64 -18.59 3.21
CA ALA B 315 -0.68 -20.03 3.44
C ALA B 315 -1.26 -20.75 2.22
N LEU B 316 -2.33 -20.20 1.64
CA LEU B 316 -2.90 -20.80 0.44
C LEU B 316 -1.87 -20.83 -0.69
N LEU B 317 -1.11 -19.73 -0.85
CA LEU B 317 -0.10 -19.67 -1.90
C LEU B 317 1.05 -20.63 -1.63
N VAL B 318 1.52 -20.69 -0.38
CA VAL B 318 2.60 -21.63 -0.02
C VAL B 318 2.19 -23.06 -0.32
N TYR B 319 1.02 -23.47 0.17
CA TYR B 319 0.71 -24.88 0.06
C TYR B 319 0.10 -25.25 -1.28
N ARG B 320 -0.48 -24.30 -2.02
CA ARG B 320 -0.76 -24.54 -3.43
C ARG B 320 0.53 -24.88 -4.18
N ALA B 321 1.58 -24.09 -3.96
CA ALA B 321 2.83 -24.32 -4.68
C ALA B 321 3.47 -25.62 -4.24
N ALA B 322 3.49 -25.88 -2.92
CA ALA B 322 4.10 -27.11 -2.45
C ALA B 322 3.33 -28.33 -2.94
N TRP B 323 2.00 -28.29 -2.86
CA TRP B 323 1.18 -29.36 -3.42
C TRP B 323 1.48 -29.58 -4.90
N LEU B 324 1.60 -28.49 -5.65
CA LEU B 324 1.80 -28.63 -7.10
C LEU B 324 3.14 -29.27 -7.40
N ARG B 325 4.19 -28.84 -6.71
CA ARG B 325 5.49 -29.48 -6.90
C ARG B 325 5.41 -30.96 -6.53
N ASP B 326 4.64 -31.30 -5.49
CA ASP B 326 4.49 -32.70 -5.10
C ASP B 326 3.62 -33.50 -6.07
N GLN B 327 2.97 -32.87 -7.04
CA GLN B 327 2.33 -33.59 -8.13
C GLN B 327 3.29 -33.86 -9.30
N GLY B 328 4.58 -33.55 -9.12
CA GLY B 328 5.57 -33.75 -10.16
C GLY B 328 5.65 -32.65 -11.19
N GLU B 329 5.12 -31.46 -10.89
CA GLU B 329 5.06 -30.37 -11.83
C GLU B 329 6.03 -29.27 -11.43
N ASN B 330 6.50 -28.51 -12.42
CA ASN B 330 7.33 -27.35 -12.15
C ASN B 330 6.49 -26.25 -11.50
N VAL B 331 7.11 -25.48 -10.61
CA VAL B 331 6.38 -24.45 -9.88
C VAL B 331 7.12 -23.12 -9.97
N THR B 332 7.73 -22.85 -11.14
CA THR B 332 8.48 -21.60 -11.31
C THR B 332 7.66 -20.38 -10.91
N ARG B 333 6.45 -20.27 -11.45
CA ARG B 333 5.61 -19.12 -11.12
C ARG B 333 5.04 -19.23 -9.71
N GLU B 334 4.52 -20.41 -9.35
CA GLU B 334 3.80 -20.54 -8.09
C GLU B 334 4.73 -20.42 -6.89
N ALA B 335 5.93 -21.02 -6.97
CA ALA B 335 6.87 -20.91 -5.86
C ALA B 335 7.35 -19.47 -5.70
N ALA B 336 7.57 -18.77 -6.81
CA ALA B 336 8.00 -17.37 -6.71
C ALA B 336 6.90 -16.50 -6.11
N MET B 337 5.66 -16.69 -6.54
CA MET B 337 4.54 -16.00 -5.89
C MET B 337 4.54 -16.25 -4.38
N ALA B 338 4.74 -17.50 -3.97
CA ALA B 338 4.66 -17.85 -2.56
C ALA B 338 5.74 -17.15 -1.76
N LYS B 339 7.01 -17.24 -2.22
CA LYS B 339 8.10 -16.69 -1.42
C LYS B 339 8.01 -15.18 -1.37
N TRP B 340 7.66 -14.55 -2.49
CA TRP B 340 7.40 -13.11 -2.54
C TRP B 340 6.30 -12.72 -1.57
N HIS B 341 5.12 -13.32 -1.72
CA HIS B 341 3.97 -12.88 -0.94
C HIS B 341 4.15 -13.15 0.55
N ALA B 342 4.62 -14.35 0.91
CA ALA B 342 4.71 -14.72 2.31
C ALA B 342 5.76 -13.90 3.06
N SER B 343 6.91 -13.62 2.42
CA SER B 343 7.95 -12.87 3.10
C SER B 343 7.58 -11.39 3.24
N GLU B 344 7.08 -10.77 2.16
CA GLU B 344 6.61 -9.39 2.26
C GLU B 344 5.40 -9.28 3.17
N GLY B 345 4.48 -10.24 3.08
CA GLY B 345 3.32 -10.24 3.96
C GLY B 345 3.70 -10.44 5.42
N ALA B 346 4.65 -11.34 5.68
CA ALA B 346 5.03 -11.57 7.08
C ALA B 346 5.64 -10.32 7.71
N GLN B 347 6.45 -9.58 6.94
CA GLN B 347 6.97 -8.30 7.42
C GLN B 347 5.84 -7.37 7.87
N GLN B 348 4.80 -7.25 7.04
CA GLN B 348 3.67 -6.40 7.39
C GLN B 348 2.93 -6.89 8.63
N VAL B 349 2.68 -8.20 8.72
CA VAL B 349 1.95 -8.76 9.87
C VAL B 349 2.76 -8.54 11.15
N ILE B 350 4.06 -8.81 11.09
CA ILE B 350 4.91 -8.66 12.25
C ILE B 350 4.98 -7.20 12.65
N ASP B 351 5.11 -6.31 11.67
CA ASP B 351 5.15 -4.87 11.96
C ASP B 351 3.88 -4.42 12.67
N ALA B 352 2.73 -4.96 12.26
CA ALA B 352 1.46 -4.62 12.91
C ALA B 352 1.42 -5.17 14.34
N ALA B 353 1.99 -6.36 14.55
CA ALA B 353 2.04 -6.91 15.90
C ALA B 353 2.93 -6.07 16.81
N VAL B 354 4.08 -5.61 16.31
CA VAL B 354 4.93 -4.71 17.09
C VAL B 354 4.13 -3.48 17.51
N GLN B 355 3.35 -2.94 16.57
CA GLN B 355 2.57 -1.73 16.87
C GLN B 355 1.53 -1.99 17.96
N LEU B 356 0.84 -3.13 17.91
CA LEU B 356 -0.17 -3.44 18.91
C LEU B 356 0.43 -3.53 20.30
N TRP B 357 1.69 -3.96 20.41
CA TRP B 357 2.35 -4.12 21.70
C TRP B 357 2.92 -2.81 22.25
N GLY B 358 2.88 -1.73 21.49
CA GLY B 358 3.40 -0.47 22.03
C GLY B 358 4.88 -0.57 22.31
N GLY B 359 5.30 0.05 23.42
CA GLY B 359 6.71 0.04 23.80
C GLY B 359 7.29 -1.37 23.89
N MET B 360 6.50 -2.32 24.38
CA MET B 360 6.95 -3.71 24.45
CA MET B 360 7.03 -3.67 24.45
C MET B 360 7.30 -4.26 23.08
N GLY B 361 6.70 -3.69 22.02
CA GLY B 361 6.98 -4.15 20.68
C GLY B 361 8.44 -3.98 20.27
N VAL B 362 9.17 -3.05 20.89
CA VAL B 362 10.58 -2.82 20.57
C VAL B 362 11.49 -3.19 21.74
N GLN B 363 10.96 -3.87 22.76
CA GLN B 363 11.80 -4.26 23.88
C GLN B 363 12.53 -5.54 23.54
N SER B 364 13.86 -5.53 23.68
CA SER B 364 14.63 -6.72 23.37
C SER B 364 14.12 -7.90 24.16
N GLY B 365 13.93 -9.03 23.49
CA GLY B 365 13.56 -10.25 24.14
C GLY B 365 12.09 -10.58 24.08
N THR B 366 11.22 -9.61 23.79
CA THR B 366 9.84 -9.98 23.56
C THR B 366 9.72 -10.73 22.24
N THR B 367 8.65 -11.52 22.15
CA THR B 367 8.45 -12.33 20.96
C THR B 367 8.32 -11.45 19.72
N VAL B 368 7.54 -10.37 19.77
CA VAL B 368 7.34 -9.62 18.53
C VAL B 368 8.59 -8.84 18.15
N GLU B 369 9.38 -8.41 19.15
CA GLU B 369 10.64 -7.74 18.82
C GLU B 369 11.59 -8.68 18.09
N ARG B 370 11.64 -9.95 18.54
CA ARG B 370 12.50 -10.93 17.88
C ARG B 370 12.03 -11.18 16.44
N LEU B 371 10.71 -11.27 16.24
CA LEU B 371 10.15 -11.49 14.91
C LEU B 371 10.47 -10.32 13.97
N TYR B 372 10.45 -9.09 14.48
CA TYR B 372 10.80 -7.93 13.65
C TYR B 372 12.23 -8.07 13.11
N ARG B 373 13.11 -8.71 13.87
CA ARG B 373 14.47 -8.94 13.40
C ARG B 373 14.58 -10.22 12.55
N GLU B 374 13.88 -11.30 12.94
CA GLU B 374 14.01 -12.56 12.24
C GLU B 374 13.47 -12.52 10.81
N ILE B 375 12.47 -11.70 10.54
CA ILE B 375 11.84 -11.76 9.22
C ILE B 375 12.67 -11.04 8.15
N ARG B 376 13.47 -10.04 8.52
CA ARG B 376 13.92 -9.07 7.52
C ARG B 376 14.80 -9.72 6.44
N ALA B 377 15.71 -10.61 6.83
CA ALA B 377 16.62 -11.22 5.84
C ALA B 377 15.86 -12.06 4.82
N LEU B 378 14.70 -12.60 5.18
CA LEU B 378 14.03 -13.55 4.30
C LEU B 378 13.50 -12.90 3.03
N ARG B 379 13.38 -11.57 3.01
CA ARG B 379 13.03 -10.82 1.82
C ARG B 379 14.23 -10.56 0.93
N ILE B 380 15.41 -10.98 1.34
CA ILE B 380 16.66 -10.67 0.65
C ILE B 380 17.31 -11.93 0.07
N TYR B 381 17.45 -12.96 0.90
CA TYR B 381 18.16 -14.12 0.41
C TYR B 381 17.24 -15.05 -0.37
N GLU B 382 17.86 -16.04 -1.00
CA GLU B 382 17.20 -17.04 -1.85
C GLU B 382 16.27 -16.36 -2.86
N GLY B 383 16.83 -15.36 -3.55
CA GLY B 383 16.10 -14.56 -4.52
C GLY B 383 15.34 -13.43 -3.84
N ALA B 384 15.89 -12.22 -3.86
CA ALA B 384 15.20 -11.08 -3.24
C ALA B 384 13.83 -10.88 -3.89
N THR B 385 12.94 -10.22 -3.13
CA THR B 385 11.57 -9.97 -3.61
C THR B 385 11.53 -9.48 -5.04
N GLU B 386 12.37 -8.49 -5.36
CA GLU B 386 12.37 -7.92 -6.71
C GLU B 386 12.66 -8.99 -7.77
N VAL B 387 13.58 -9.91 -7.47
CA VAL B 387 13.87 -11.00 -8.39
C VAL B 387 12.66 -11.93 -8.55
N GLN B 388 11.97 -12.22 -7.44
CA GLN B 388 10.77 -13.05 -7.53
C GLN B 388 9.72 -12.38 -8.42
N GLN B 389 9.56 -11.07 -8.30
CA GLN B 389 8.58 -10.36 -9.10
C GLN B 389 8.90 -10.47 -10.59
N LEU B 390 10.19 -10.34 -10.93
CA LEU B 390 10.59 -10.48 -12.33
C LEU B 390 10.38 -11.91 -12.82
N ILE B 391 10.68 -12.91 -11.98
CA ILE B 391 10.47 -14.30 -12.37
C ILE B 391 9.02 -14.52 -12.75
N VAL B 392 8.09 -14.04 -11.91
CA VAL B 392 6.67 -14.21 -12.17
C VAL B 392 6.26 -13.48 -13.45
N GLY B 393 6.68 -12.23 -13.60
CA GLY B 393 6.28 -11.44 -14.75
C GLY B 393 6.83 -11.99 -16.06
N ARG B 394 8.10 -12.40 -16.06
CA ARG B 394 8.66 -13.01 -17.25
CA ARG B 394 8.66 -13.02 -17.26
C ARG B 394 7.95 -14.32 -17.59
N ASP B 395 7.55 -15.08 -16.56
CA ASP B 395 6.87 -16.34 -16.83
C ASP B 395 5.49 -16.11 -17.44
N LEU B 396 4.78 -15.07 -16.96
CA LEU B 396 3.49 -14.72 -17.54
C LEU B 396 3.62 -14.38 -19.02
N LEU B 397 4.61 -13.56 -19.36
CA LEU B 397 4.80 -13.18 -20.75
C LEU B 397 5.25 -14.37 -21.58
N LYS B 398 6.08 -15.25 -21.01
CA LYS B 398 6.52 -16.44 -21.72
C LYS B 398 5.33 -17.32 -22.06
N ALA B 399 4.47 -17.60 -21.07
CA ALA B 399 3.29 -18.43 -21.31
C ALA B 399 2.34 -17.75 -22.31
N HIS B 400 2.20 -16.43 -22.21
CA HIS B 400 1.34 -15.73 -23.17
C HIS B 400 1.87 -15.87 -24.58
N ALA B 401 3.19 -15.80 -24.76
CA ALA B 401 3.77 -15.90 -26.10
C ALA B 401 3.51 -17.25 -26.73
N ALA B 402 3.41 -18.31 -25.92
CA ALA B 402 3.01 -19.60 -26.45
C ALA B 402 1.52 -19.61 -26.81
N GLN B 403 0.66 -19.34 -25.84
CA GLN B 403 -0.79 -19.28 -26.06
C GLN B 403 -1.17 -18.21 -27.09
N ALA C 2 4.10 -43.35 -4.09
CA ALA C 2 3.59 -42.06 -3.65
C ALA C 2 2.12 -41.94 -4.02
N HIS C 3 1.60 -40.71 -3.93
CA HIS C 3 0.22 -40.40 -4.29
C HIS C 3 0.16 -39.05 -4.97
N HIS C 4 -0.44 -38.99 -6.15
CA HIS C 4 -0.83 -37.73 -6.79
C HIS C 4 -2.35 -37.59 -6.75
N HIS C 5 -2.82 -36.36 -6.60
CA HIS C 5 -4.27 -36.14 -6.57
C HIS C 5 -4.92 -36.63 -7.87
N HIS C 6 -4.36 -36.25 -9.02
CA HIS C 6 -4.87 -36.64 -10.33
C HIS C 6 -3.98 -37.70 -10.94
N HIS C 7 -4.58 -38.59 -11.74
CA HIS C 7 -3.76 -39.50 -12.54
C HIS C 7 -4.44 -39.88 -13.86
N HIS C 8 -5.53 -40.65 -13.82
CA HIS C 8 -6.08 -41.17 -15.07
C HIS C 8 -6.73 -40.07 -15.91
N MET C 9 -7.34 -39.07 -15.28
CA MET C 9 -7.93 -37.98 -16.04
C MET C 9 -6.86 -37.12 -16.69
N LEU C 10 -5.71 -36.99 -16.03
CA LEU C 10 -4.56 -36.33 -16.64
C LEU C 10 -4.12 -37.02 -17.91
N ALA C 11 -4.04 -38.35 -17.86
CA ALA C 11 -3.67 -39.14 -19.02
C ALA C 11 -4.65 -38.97 -20.17
N ALA C 12 -5.91 -38.69 -19.87
CA ALA C 12 -6.93 -38.44 -20.88
C ALA C 12 -6.97 -36.98 -21.33
N ASN C 13 -5.99 -36.17 -20.91
CA ASN C 13 -5.87 -34.77 -21.33
C ASN C 13 -7.10 -33.96 -20.95
N LEU C 14 -7.66 -34.24 -19.78
CA LEU C 14 -8.85 -33.60 -19.27
C LEU C 14 -8.55 -32.60 -18.18
N ILE C 15 -7.29 -32.47 -17.77
CA ILE C 15 -6.92 -31.60 -16.67
C ILE C 15 -5.65 -30.86 -17.01
N ASP C 16 -5.66 -29.54 -16.88
CA ASP C 16 -4.45 -28.75 -17.00
C ASP C 16 -3.81 -28.65 -15.63
N PRO C 17 -2.62 -29.23 -15.40
CA PRO C 17 -2.08 -29.30 -14.03
C PRO C 17 -1.73 -27.95 -13.44
N HIS C 18 -1.45 -26.92 -14.25
CA HIS C 18 -1.22 -25.58 -13.71
C HIS C 18 -2.48 -24.73 -13.65
N GLY C 19 -3.62 -25.24 -14.08
CA GLY C 19 -4.85 -24.49 -13.94
C GLY C 19 -5.39 -24.57 -12.53
N ALA C 20 -6.17 -23.55 -12.16
CA ALA C 20 -6.84 -23.54 -10.88
C ALA C 20 -7.86 -24.67 -10.75
N LEU C 21 -8.49 -25.06 -11.86
CA LEU C 21 -9.46 -26.15 -11.82
C LEU C 21 -8.83 -27.47 -11.38
N ALA C 22 -7.51 -27.60 -11.49
CA ALA C 22 -6.84 -28.80 -10.98
C ALA C 22 -6.74 -28.83 -9.46
N TRP C 23 -6.93 -27.71 -8.78
CA TRP C 23 -6.81 -27.69 -7.32
C TRP C 23 -7.76 -28.70 -6.69
N PRO C 24 -7.35 -29.37 -5.61
CA PRO C 24 -8.23 -30.34 -4.96
C PRO C 24 -9.41 -29.72 -4.23
N PHE C 25 -9.52 -28.37 -4.22
CA PHE C 25 -10.76 -27.72 -3.80
C PHE C 25 -11.94 -28.07 -4.71
N PHE C 26 -11.67 -28.55 -5.93
CA PHE C 26 -12.70 -28.82 -6.91
C PHE C 26 -12.89 -30.32 -7.11
N GLU C 27 -14.14 -30.73 -7.37
CA GLU C 27 -14.46 -32.09 -7.82
C GLU C 27 -14.59 -32.11 -9.34
N ALA C 28 -14.67 -33.34 -9.88
CA ALA C 28 -14.78 -33.52 -11.33
C ALA C 28 -15.97 -32.78 -11.91
N ARG C 29 -17.10 -32.76 -11.19
CA ARG C 29 -18.28 -32.07 -11.70
C ARG C 29 -18.01 -30.58 -11.89
N HIS C 30 -17.13 -30.00 -11.07
CA HIS C 30 -16.84 -28.59 -11.21
C HIS C 30 -16.00 -28.32 -12.45
N ARG C 31 -15.10 -29.23 -12.79
CA ARG C 31 -14.33 -29.10 -14.01
C ARG C 31 -15.22 -29.20 -15.23
N GLU C 32 -16.16 -30.16 -15.23
CA GLU C 32 -17.11 -30.26 -16.33
C GLU C 32 -17.95 -29.00 -16.46
N LEU C 33 -18.47 -28.49 -15.34
CA LEU C 33 -19.32 -27.31 -15.39
C LEU C 33 -18.54 -26.11 -15.89
N ALA C 34 -17.29 -25.95 -15.44
CA ALA C 34 -16.49 -24.82 -15.90
C ALA C 34 -16.32 -24.85 -17.40
N ALA C 35 -16.07 -26.05 -17.96
CA ALA C 35 -15.94 -26.19 -19.41
C ALA C 35 -17.26 -25.89 -20.10
N GLY C 36 -18.38 -26.32 -19.53
CA GLY C 36 -19.66 -26.10 -20.17
C GLY C 36 -20.06 -24.64 -20.20
N ILE C 37 -19.92 -23.94 -19.08
CA ILE C 37 -20.32 -22.54 -19.02
C ILE C 37 -19.38 -21.67 -19.86
N GLU C 38 -18.11 -22.08 -20.00
CA GLU C 38 -17.21 -21.35 -20.89
C GLU C 38 -17.61 -21.55 -22.35
N ALA C 39 -18.03 -22.77 -22.71
CA ALA C 39 -18.54 -22.99 -24.07
C ALA C 39 -19.80 -22.18 -24.33
N TRP C 40 -20.74 -22.18 -23.37
CA TRP C 40 -21.95 -21.38 -23.52
C TRP C 40 -21.61 -19.90 -23.68
N ALA C 41 -20.69 -19.40 -22.86
CA ALA C 41 -20.34 -17.98 -22.87
C ALA C 41 -19.70 -17.57 -24.19
N THR C 42 -18.79 -18.38 -24.72
CA THR C 42 -18.16 -18.02 -25.99
C THR C 42 -19.17 -18.02 -27.13
N GLN C 43 -20.13 -18.94 -27.08
CA GLN C 43 -21.16 -19.01 -28.11
C GLN C 43 -22.16 -17.86 -28.01
N HIS C 44 -22.60 -17.52 -26.80
CA HIS C 44 -23.75 -16.63 -26.66
C HIS C 44 -23.40 -15.19 -26.29
N LEU C 45 -22.16 -14.91 -25.85
CA LEU C 45 -21.81 -13.58 -25.34
C LEU C 45 -20.81 -12.87 -26.24
N ALA C 46 -20.86 -13.11 -27.55
CA ALA C 46 -19.86 -12.51 -28.44
C ALA C 46 -20.05 -11.01 -28.57
N CYS C 47 -21.30 -10.52 -28.56
CA CYS C 47 -21.57 -9.10 -28.79
C CYS C 47 -22.79 -8.70 -27.96
N VAL C 48 -22.58 -8.54 -26.65
CA VAL C 48 -23.67 -8.13 -25.76
C VAL C 48 -23.95 -6.64 -25.96
N GLN C 49 -25.20 -6.32 -26.27
CA GLN C 49 -25.59 -4.91 -26.47
C GLN C 49 -25.89 -4.29 -25.12
N HIS C 50 -25.20 -3.19 -24.80
CA HIS C 50 -25.41 -2.46 -23.56
C HIS C 50 -26.33 -1.24 -23.75
N ASP C 51 -26.98 -1.14 -24.91
CA ASP C 51 -27.85 0.01 -25.16
C ASP C 51 -29.19 -0.14 -24.45
N ASP C 52 -29.87 -1.27 -24.63
CA ASP C 52 -31.17 -1.55 -24.02
C ASP C 52 -31.00 -2.69 -23.03
N THR C 53 -30.52 -2.36 -21.82
CA THR C 53 -30.17 -3.41 -20.86
C THR C 53 -31.40 -4.10 -20.29
N ASP C 54 -32.56 -3.43 -20.25
CA ASP C 54 -33.79 -4.13 -19.90
C ASP C 54 -34.03 -5.31 -20.84
N THR C 55 -33.98 -5.05 -22.14
CA THR C 55 -34.23 -6.12 -23.12
C THR C 55 -33.11 -7.15 -23.10
N THR C 56 -31.86 -6.70 -22.97
CA THR C 56 -30.76 -7.66 -22.96
C THR C 56 -30.82 -8.58 -21.74
N CYS C 57 -31.17 -8.05 -20.57
CA CYS C 57 -31.27 -8.88 -19.39
C CYS C 57 -32.39 -9.90 -19.52
N ARG C 58 -33.55 -9.49 -20.04
CA ARG C 58 -34.63 -10.43 -20.28
C ARG C 58 -34.18 -11.57 -21.20
N LYS C 59 -33.47 -11.22 -22.27
CA LYS C 59 -32.93 -12.25 -23.16
C LYS C 59 -31.91 -13.13 -22.44
N LEU C 60 -31.01 -12.53 -21.66
CA LEU C 60 -30.00 -13.32 -20.96
C LEU C 60 -30.64 -14.30 -19.98
N VAL C 61 -31.60 -13.84 -19.18
CA VAL C 61 -32.22 -14.74 -18.20
C VAL C 61 -32.84 -15.94 -18.91
N ARG C 62 -33.53 -15.70 -20.02
CA ARG C 62 -34.20 -16.79 -20.73
C ARG C 62 -33.18 -17.77 -21.31
N ALA C 63 -32.09 -17.26 -21.89
CA ALA C 63 -31.11 -18.14 -22.52
C ALA C 63 -30.35 -18.94 -21.47
N LEU C 64 -29.98 -18.31 -20.35
CA LEU C 64 -29.32 -19.02 -19.27
C LEU C 64 -30.24 -20.11 -18.71
N GLY C 65 -31.52 -19.79 -18.53
CA GLY C 65 -32.46 -20.78 -18.03
C GLY C 65 -32.63 -21.96 -18.96
N GLU C 66 -32.76 -21.70 -20.26
CA GLU C 66 -32.95 -22.78 -21.22
C GLU C 66 -31.76 -23.70 -21.25
N ALA C 67 -30.55 -23.17 -21.01
CA ALA C 67 -29.34 -23.99 -21.06
C ALA C 67 -29.05 -24.67 -19.74
N GLY C 68 -29.90 -24.47 -18.72
CA GLY C 68 -29.74 -25.16 -17.46
C GLY C 68 -28.86 -24.48 -16.45
N TRP C 69 -28.40 -23.26 -16.71
CA TRP C 69 -27.41 -22.68 -15.81
C TRP C 69 -28.05 -21.99 -14.61
N LEU C 70 -29.35 -21.69 -14.65
CA LEU C 70 -29.99 -21.09 -13.50
C LEU C 70 -30.40 -22.12 -12.44
N LYS C 71 -30.29 -23.42 -12.73
CA LYS C 71 -30.64 -24.42 -11.72
C LYS C 71 -29.70 -24.41 -10.53
N TYR C 72 -28.44 -24.01 -10.73
CA TYR C 72 -27.46 -24.04 -9.64
C TYR C 72 -27.73 -23.02 -8.54
N GLY C 73 -28.48 -21.96 -8.80
CA GLY C 73 -28.77 -20.98 -7.78
C GLY C 73 -30.03 -21.25 -7.01
N VAL C 74 -30.66 -22.40 -7.26
CA VAL C 74 -31.94 -22.78 -6.68
C VAL C 74 -31.75 -24.07 -5.91
N GLY C 75 -32.28 -24.13 -4.69
CA GLY C 75 -32.13 -25.29 -3.83
C GLY C 75 -33.37 -26.17 -3.85
N GLY C 76 -33.16 -27.46 -4.06
CA GLY C 76 -34.25 -28.42 -4.11
C GLY C 76 -34.55 -28.95 -5.48
N ALA C 77 -34.21 -30.21 -5.73
CA ALA C 77 -34.37 -30.79 -7.07
C ALA C 77 -35.83 -30.78 -7.52
N GLN C 78 -36.76 -31.08 -6.61
CA GLN C 78 -38.15 -31.13 -7.04
C GLN C 78 -38.68 -29.75 -7.43
N TYR C 79 -37.98 -28.67 -7.08
CA TYR C 79 -38.40 -27.32 -7.42
C TYR C 79 -37.57 -26.74 -8.56
N GLY C 80 -36.77 -27.57 -9.23
CA GLY C 80 -35.97 -27.13 -10.34
C GLY C 80 -34.52 -26.87 -10.00
N GLY C 81 -34.14 -27.03 -8.74
CA GLY C 81 -32.75 -26.83 -8.37
C GLY C 81 -31.87 -27.94 -8.90
N HIS C 82 -30.57 -27.64 -8.96
CA HIS C 82 -29.63 -28.67 -9.37
C HIS C 82 -29.56 -29.80 -8.34
N GLY C 83 -29.53 -29.46 -7.06
CA GLY C 83 -29.52 -30.43 -5.98
C GLY C 83 -30.29 -29.87 -4.81
N ASP C 84 -30.33 -30.63 -3.71
CA ASP C 84 -31.11 -30.18 -2.56
C ASP C 84 -30.44 -29.06 -1.79
N THR C 85 -29.14 -28.87 -1.98
CA THR C 85 -28.44 -27.72 -1.44
C THR C 85 -27.77 -26.97 -2.59
N ILE C 86 -27.39 -25.73 -2.34
CA ILE C 86 -26.71 -24.90 -3.34
CA ILE C 86 -26.73 -24.94 -3.36
C ILE C 86 -25.25 -25.31 -3.37
N ASP C 87 -24.75 -25.67 -4.55
CA ASP C 87 -23.34 -26.00 -4.76
C ASP C 87 -22.59 -24.67 -4.89
N THR C 88 -21.94 -24.23 -3.80
CA THR C 88 -21.28 -22.92 -3.76
C THR C 88 -20.19 -22.83 -4.83
N ARG C 89 -19.34 -23.85 -4.90
CA ARG C 89 -18.27 -23.85 -5.88
C ARG C 89 -18.81 -23.71 -7.30
N ALA C 90 -19.94 -24.38 -7.60
CA ALA C 90 -20.52 -24.28 -8.92
C ALA C 90 -21.00 -22.86 -9.21
N VAL C 91 -21.70 -22.26 -8.26
CA VAL C 91 -22.24 -20.91 -8.48
C VAL C 91 -21.10 -19.92 -8.67
N CYS C 92 -20.02 -20.08 -7.90
CA CYS C 92 -18.84 -19.24 -8.08
C CYS C 92 -18.26 -19.39 -9.48
N LEU C 93 -18.09 -20.64 -9.95
CA LEU C 93 -17.52 -20.87 -11.27
C LEU C 93 -18.38 -20.25 -12.36
N LEU C 94 -19.71 -20.34 -12.22
CA LEU C 94 -20.62 -19.74 -13.19
C LEU C 94 -20.44 -18.22 -13.26
N ARG C 95 -20.44 -17.55 -12.10
CA ARG C 95 -20.30 -16.10 -12.08
C ARG C 95 -18.91 -15.69 -12.53
N GLU C 96 -17.87 -16.37 -12.05
CA GLU C 96 -16.51 -16.03 -12.48
C GLU C 96 -16.40 -16.07 -14.00
N THR C 97 -16.95 -17.12 -14.62
CA THR C 97 -16.86 -17.24 -16.06
C THR C 97 -17.67 -16.18 -16.78
N LEU C 98 -18.92 -16.00 -16.37
CA LEU C 98 -19.77 -15.01 -17.02
C LEU C 98 -19.20 -13.61 -16.88
N ALA C 99 -18.74 -13.26 -15.66
CA ALA C 99 -18.13 -11.95 -15.45
C ALA C 99 -16.91 -11.76 -16.34
N ASN C 100 -16.15 -12.84 -16.55
CA ASN C 100 -14.97 -12.76 -17.40
C ASN C 100 -15.34 -12.33 -18.81
N HIS C 101 -16.56 -12.66 -19.26
CA HIS C 101 -17.02 -12.35 -20.60
C HIS C 101 -17.80 -11.04 -20.67
N ASP C 102 -18.77 -10.86 -19.77
CA ASP C 102 -19.62 -9.67 -19.83
C ASP C 102 -20.36 -9.49 -18.51
N GLY C 103 -20.18 -8.32 -17.88
CA GLY C 103 -20.79 -8.07 -16.59
C GLY C 103 -22.31 -8.18 -16.57
N LEU C 104 -22.97 -7.90 -17.70
CA LEU C 104 -24.43 -8.00 -17.71
C LEU C 104 -24.90 -9.46 -17.66
N ALA C 105 -24.14 -10.38 -18.27
CA ALA C 105 -24.48 -11.80 -18.19
C ALA C 105 -24.26 -12.34 -16.78
N ASP C 106 -23.18 -11.91 -16.13
CA ASP C 106 -23.00 -12.23 -14.72
C ASP C 106 -24.15 -11.70 -13.88
N PHE C 107 -24.52 -10.43 -14.10
CA PHE C 107 -25.63 -9.83 -13.38
C PHE C 107 -26.91 -10.63 -13.54
N ALA C 108 -27.25 -11.02 -14.76
CA ALA C 108 -28.53 -11.69 -14.99
C ALA C 108 -28.60 -13.00 -14.23
N LEU C 109 -27.54 -13.80 -14.26
CA LEU C 109 -27.53 -15.06 -13.55
C LEU C 109 -27.53 -14.83 -12.05
N ALA C 110 -26.70 -13.89 -11.58
CA ALA C 110 -26.56 -13.64 -10.15
C ALA C 110 -27.89 -13.26 -9.51
N MET C 111 -28.65 -12.39 -10.18
CA MET C 111 -29.90 -11.92 -9.59
C MET C 111 -30.95 -13.03 -9.52
N GLN C 112 -30.89 -14.03 -10.41
CA GLN C 112 -31.80 -15.17 -10.29
C GLN C 112 -31.55 -15.91 -8.98
N GLY C 113 -30.29 -16.05 -8.60
CA GLY C 113 -29.90 -16.63 -7.32
C GLY C 113 -30.27 -15.75 -6.15
N LEU C 114 -29.75 -14.51 -6.10
CA LEU C 114 -30.05 -13.65 -4.96
C LEU C 114 -31.54 -13.41 -4.83
N GLY C 115 -32.22 -13.16 -5.95
CA GLY C 115 -33.63 -12.83 -5.90
C GLY C 115 -34.52 -13.95 -5.40
N SER C 116 -34.16 -15.20 -5.69
CA SER C 116 -34.96 -16.33 -5.23
C SER C 116 -34.37 -17.01 -3.99
N GLY C 117 -33.20 -16.55 -3.52
CA GLY C 117 -32.51 -17.28 -2.48
C GLY C 117 -33.28 -17.38 -1.18
N ALA C 118 -34.01 -16.31 -0.82
CA ALA C 118 -34.79 -16.38 0.41
C ALA C 118 -35.92 -17.39 0.29
N ILE C 119 -36.38 -17.65 -0.93
CA ILE C 119 -37.44 -18.65 -1.12
C ILE C 119 -36.87 -20.05 -0.96
N THR C 120 -35.70 -20.30 -1.55
CA THR C 120 -34.99 -21.54 -1.31
C THR C 120 -34.80 -21.81 0.18
N LEU C 121 -34.37 -20.78 0.93
CA LEU C 121 -34.00 -21.01 2.32
C LEU C 121 -35.20 -21.07 3.25
N ALA C 122 -36.20 -20.22 3.05
CA ALA C 122 -37.28 -20.05 4.00
C ALA C 122 -38.66 -20.36 3.41
N GLY C 123 -38.75 -20.66 2.11
CA GLY C 123 -40.05 -20.90 1.52
C GLY C 123 -40.69 -22.18 2.00
N THR C 124 -42.01 -22.16 2.10
CA THR C 124 -42.76 -23.39 2.29
C THR C 124 -42.77 -24.17 1.00
N HIS C 125 -43.21 -25.44 1.11
CA HIS C 125 -43.33 -26.30 -0.06
C HIS C 125 -44.13 -25.61 -1.16
N GLU C 126 -45.28 -25.03 -0.78
CA GLU C 126 -46.15 -24.39 -1.76
C GLU C 126 -45.51 -23.16 -2.37
N GLN C 127 -44.82 -22.36 -1.54
CA GLN C 127 -44.14 -21.18 -2.06
C GLN C 127 -43.04 -21.59 -3.02
N LYS C 128 -42.29 -22.63 -2.69
CA LYS C 128 -41.22 -23.06 -3.57
C LYS C 128 -41.76 -23.56 -4.89
N ILE C 129 -42.84 -24.35 -4.85
CA ILE C 129 -43.45 -24.85 -6.07
C ILE C 129 -43.90 -23.69 -6.96
N ARG C 130 -44.45 -22.64 -6.35
CA ARG C 130 -45.02 -21.57 -7.16
C ARG C 130 -43.94 -20.75 -7.87
N TYR C 131 -42.76 -20.60 -7.26
CA TYR C 131 -41.77 -19.65 -7.76
C TYR C 131 -40.49 -20.28 -8.29
N LEU C 132 -39.96 -21.30 -7.62
CA LEU C 132 -38.61 -21.75 -7.95
C LEU C 132 -38.49 -22.43 -9.32
N PRO C 133 -39.46 -23.25 -9.77
CA PRO C 133 -39.31 -23.82 -11.12
C PRO C 133 -39.20 -22.76 -12.21
N ARG C 134 -40.02 -21.71 -12.16
CA ARG C 134 -39.95 -20.67 -13.18
C ARG C 134 -38.63 -19.91 -13.09
N VAL C 135 -38.17 -19.62 -11.88
CA VAL C 135 -36.86 -18.98 -11.71
C VAL C 135 -35.78 -19.83 -12.37
N SER C 136 -35.77 -21.13 -12.08
CA SER C 136 -34.68 -21.97 -12.54
C SER C 136 -34.74 -22.20 -14.05
N LYS C 137 -35.90 -22.00 -14.67
CA LYS C 137 -36.05 -22.09 -16.12
C LYS C 137 -35.81 -20.77 -16.82
N GLY C 138 -35.60 -19.69 -16.08
CA GLY C 138 -35.49 -18.39 -16.70
C GLY C 138 -36.80 -17.80 -17.17
N GLU C 139 -37.92 -18.29 -16.65
CA GLU C 139 -39.23 -17.80 -17.03
C GLU C 139 -39.76 -16.73 -16.07
N ALA C 140 -39.12 -16.53 -14.93
CA ALA C 140 -39.47 -15.47 -14.01
C ALA C 140 -38.19 -14.79 -13.55
N ILE C 141 -38.18 -13.46 -13.60
CA ILE C 141 -37.02 -12.67 -13.18
C ILE C 141 -37.17 -12.31 -11.71
N ALA C 142 -36.15 -12.59 -10.92
CA ALA C 142 -36.25 -12.42 -9.47
C ALA C 142 -35.58 -11.11 -9.05
N ALA C 143 -35.99 -10.62 -7.87
CA ALA C 143 -35.36 -9.44 -7.32
C ALA C 143 -35.42 -9.50 -5.80
N PHE C 144 -34.55 -8.72 -5.17
CA PHE C 144 -34.26 -8.79 -3.73
C PHE C 144 -34.30 -7.36 -3.17
N ALA C 145 -35.37 -7.00 -2.48
CA ALA C 145 -35.62 -5.61 -2.12
C ALA C 145 -35.36 -5.39 -0.63
N LEU C 146 -34.13 -4.94 -0.31
CA LEU C 146 -33.71 -4.76 1.08
C LEU C 146 -33.35 -3.32 1.41
N SER C 147 -32.56 -2.66 0.59
CA SER C 147 -32.01 -1.35 0.92
C SER C 147 -33.08 -0.26 0.81
N GLU C 148 -32.88 0.80 1.59
CA GLU C 148 -33.72 1.98 1.64
C GLU C 148 -32.85 3.22 1.56
N PRO C 149 -33.42 4.34 1.12
CA PRO C 149 -32.63 5.60 1.06
C PRO C 149 -31.84 5.88 2.34
N ASP C 150 -32.43 5.69 3.51
CA ASP C 150 -31.78 6.01 4.77
C ASP C 150 -31.08 4.82 5.43
N ALA C 151 -31.13 3.63 4.84
CA ALA C 151 -30.61 2.44 5.53
C ALA C 151 -30.10 1.44 4.49
N GLY C 152 -28.79 1.36 4.35
CA GLY C 152 -28.19 0.34 3.51
C GLY C 152 -27.30 -0.58 4.31
N SER C 153 -26.16 -0.05 4.79
CA SER C 153 -25.31 -0.81 5.69
C SER C 153 -26.05 -1.21 6.96
N ASP C 154 -26.91 -0.31 7.46
CA ASP C 154 -27.63 -0.52 8.71
C ASP C 154 -29.02 -1.09 8.38
N VAL C 155 -29.04 -2.39 8.11
CA VAL C 155 -30.26 -3.09 7.71
C VAL C 155 -31.29 -3.06 8.84
N ALA C 156 -30.82 -3.19 10.08
CA ALA C 156 -31.73 -3.28 11.22
C ALA C 156 -32.53 -2.01 11.46
N ALA C 157 -32.23 -0.92 10.75
CA ALA C 157 -32.90 0.35 10.93
C ALA C 157 -33.93 0.65 9.84
N MET C 158 -34.26 -0.32 8.99
CA MET C 158 -35.15 -0.07 7.86
C MET C 158 -36.53 0.37 8.35
N SER C 159 -37.23 1.12 7.50
CA SER C 159 -38.48 1.74 7.90
C SER C 159 -39.66 1.42 6.99
N LEU C 160 -39.48 0.60 5.95
CA LEU C 160 -40.64 0.14 5.19
C LEU C 160 -41.60 -0.55 6.14
N GLN C 161 -42.88 -0.20 6.06
CA GLN C 161 -43.86 -0.67 7.02
C GLN C 161 -44.73 -1.76 6.42
N ALA C 162 -44.97 -2.81 7.21
CA ALA C 162 -45.95 -3.83 6.88
C ALA C 162 -46.91 -3.95 8.04
N ARG C 163 -48.18 -3.61 7.79
CA ARG C 163 -49.22 -3.53 8.81
C ARG C 163 -50.18 -4.70 8.62
N ALA C 164 -50.31 -5.53 9.65
CA ALA C 164 -51.26 -6.65 9.58
C ALA C 164 -52.67 -6.12 9.55
N GLU C 165 -53.44 -6.56 8.55
CA GLU C 165 -54.84 -6.16 8.40
C GLU C 165 -55.61 -7.41 7.98
N GLY C 166 -56.42 -7.95 8.88
CA GLY C 166 -57.08 -9.21 8.60
C GLY C 166 -56.05 -10.30 8.41
N ASP C 167 -56.19 -11.05 7.31
CA ASP C 167 -55.22 -12.07 6.94
C ASP C 167 -54.25 -11.58 5.88
N CYS C 168 -54.01 -10.27 5.84
CA CYS C 168 -53.10 -9.68 4.89
CA CYS C 168 -53.06 -9.71 4.90
C CYS C 168 -52.19 -8.71 5.62
N TYR C 169 -51.20 -8.20 4.89
CA TYR C 169 -50.29 -7.17 5.38
C TYR C 169 -50.34 -6.01 4.41
N VAL C 170 -50.38 -4.80 4.95
CA VAL C 170 -50.44 -3.57 4.16
C VAL C 170 -49.06 -2.92 4.22
N ILE C 171 -48.45 -2.72 3.06
CA ILE C 171 -47.06 -2.29 2.96
C ILE C 171 -47.02 -0.87 2.41
N ASP C 172 -46.27 0.00 3.10
CA ASP C 172 -46.15 1.41 2.75
C ASP C 172 -44.71 1.85 2.95
N GLY C 173 -44.19 2.61 1.99
CA GLY C 173 -42.86 3.16 2.10
C GLY C 173 -42.06 2.86 0.83
N ASP C 174 -40.73 2.98 0.92
CA ASP C 174 -39.86 2.89 -0.24
C ASP C 174 -38.73 1.90 -0.04
N LYS C 175 -38.32 1.27 -1.15
CA LYS C 175 -37.07 0.54 -1.28
C LYS C 175 -36.30 1.15 -2.44
N THR C 176 -34.97 1.07 -2.40
CA THR C 176 -34.17 1.69 -3.46
C THR C 176 -32.89 0.90 -3.71
N TRP C 177 -32.27 1.21 -4.85
CA TRP C 177 -31.15 0.45 -5.40
C TRP C 177 -31.56 -0.97 -5.76
N ILE C 178 -32.79 -1.19 -6.22
CA ILE C 178 -33.29 -2.56 -6.38
C ILE C 178 -32.91 -3.08 -7.76
N SER C 179 -31.96 -4.02 -7.79
CA SER C 179 -31.56 -4.67 -9.03
C SER C 179 -32.74 -5.39 -9.66
N ASN C 180 -32.81 -5.33 -11.00
CA ASN C 180 -33.93 -5.81 -11.80
C ASN C 180 -35.21 -5.02 -11.56
N GLY C 181 -35.13 -3.90 -10.85
CA GLY C 181 -36.31 -3.09 -10.65
C GLY C 181 -36.89 -2.69 -11.99
N GLY C 182 -38.18 -2.92 -12.19
CA GLY C 182 -38.83 -2.60 -13.43
C GLY C 182 -39.00 -3.76 -14.39
N ILE C 183 -38.17 -4.81 -14.30
CA ILE C 183 -38.33 -5.99 -15.14
C ILE C 183 -38.59 -7.26 -14.34
N ALA C 184 -38.51 -7.22 -13.02
CA ALA C 184 -38.70 -8.41 -12.23
C ALA C 184 -40.17 -8.84 -12.25
N ASP C 185 -40.38 -10.15 -12.12
CA ASP C 185 -41.72 -10.69 -11.97
C ASP C 185 -42.17 -10.75 -10.52
N PHE C 186 -41.22 -10.73 -9.58
CA PHE C 186 -41.56 -10.70 -8.16
C PHE C 186 -40.36 -10.14 -7.40
N TYR C 187 -40.64 -9.60 -6.22
CA TYR C 187 -39.62 -9.05 -5.34
C TYR C 187 -39.73 -9.72 -3.99
N VAL C 188 -38.61 -10.12 -3.42
CA VAL C 188 -38.56 -10.49 -2.02
C VAL C 188 -38.32 -9.20 -1.24
N VAL C 189 -39.32 -8.79 -0.46
CA VAL C 189 -39.35 -7.49 0.18
C VAL C 189 -39.23 -7.67 1.68
N PHE C 190 -38.38 -6.86 2.30
CA PHE C 190 -38.15 -6.92 3.74
C PHE C 190 -38.73 -5.67 4.37
N ALA C 191 -39.62 -5.85 5.35
CA ALA C 191 -40.39 -4.76 5.90
C ALA C 191 -40.51 -4.93 7.40
N ARG C 192 -40.63 -3.80 8.11
CA ARG C 192 -40.77 -3.81 9.56
C ARG C 192 -42.20 -4.14 9.92
N THR C 193 -42.39 -5.25 10.62
CA THR C 193 -43.71 -5.64 11.11
C THR C 193 -43.90 -5.36 12.59
N GLY C 194 -42.82 -5.10 13.33
CA GLY C 194 -42.91 -4.53 14.65
C GLY C 194 -42.93 -5.50 15.81
N GLU C 195 -42.60 -6.78 15.58
CA GLU C 195 -42.63 -7.75 16.67
C GLU C 195 -41.72 -7.33 17.83
N ALA C 196 -40.61 -6.69 17.52
CA ALA C 196 -39.65 -6.24 18.51
C ALA C 196 -38.80 -5.14 17.87
N PRO C 197 -38.07 -4.36 18.67
CA PRO C 197 -37.30 -3.26 18.09
C PRO C 197 -36.15 -3.75 17.22
N GLY C 198 -35.81 -2.93 16.23
CA GLY C 198 -34.57 -3.12 15.49
C GLY C 198 -34.59 -4.38 14.63
N ALA C 199 -33.48 -5.12 14.69
CA ALA C 199 -33.23 -6.31 13.87
C ALA C 199 -34.23 -7.43 14.12
N ARG C 200 -35.12 -7.25 15.09
CA ARG C 200 -36.07 -8.30 15.44
C ARG C 200 -37.49 -8.00 15.00
N GLY C 201 -37.72 -6.87 14.34
CA GLY C 201 -39.06 -6.51 13.91
C GLY C 201 -39.26 -6.53 12.41
N ILE C 202 -38.45 -7.30 11.71
CA ILE C 202 -38.45 -7.39 10.26
C ILE C 202 -39.11 -8.69 9.83
N SER C 203 -39.89 -8.64 8.74
CA SER C 203 -40.44 -9.84 8.13
C SER C 203 -40.21 -9.77 6.62
N ALA C 204 -40.11 -10.94 6.00
CA ALA C 204 -39.86 -11.06 4.57
C ALA C 204 -41.13 -11.46 3.84
N PHE C 205 -41.38 -10.84 2.68
CA PHE C 205 -42.57 -11.11 1.89
C PHE C 205 -42.19 -11.36 0.44
N ILE C 206 -42.89 -12.30 -0.21
CA ILE C 206 -42.85 -12.44 -1.66
C ILE C 206 -43.90 -11.49 -2.23
N VAL C 207 -43.46 -10.53 -3.02
CA VAL C 207 -44.33 -9.50 -3.55
C VAL C 207 -44.30 -9.60 -5.06
N ASP C 208 -45.38 -10.11 -5.65
CA ASP C 208 -45.46 -10.19 -7.10
C ASP C 208 -45.48 -8.80 -7.72
N ALA C 209 -44.90 -8.71 -8.93
CA ALA C 209 -44.73 -7.40 -9.56
C ALA C 209 -46.07 -6.73 -9.85
N ASP C 210 -47.12 -7.49 -10.14
CA ASP C 210 -48.42 -6.94 -10.44
C ASP C 210 -49.27 -6.69 -9.19
N THR C 211 -48.65 -6.62 -8.02
CA THR C 211 -49.39 -6.35 -6.80
C THR C 211 -49.85 -4.90 -6.80
N PRO C 212 -51.16 -4.63 -6.78
CA PRO C 212 -51.63 -3.24 -6.79
C PRO C 212 -51.03 -2.44 -5.65
N GLY C 213 -50.59 -1.23 -5.96
CA GLY C 213 -49.92 -0.39 -4.99
C GLY C 213 -48.41 -0.42 -5.08
N LEU C 214 -47.85 -1.38 -5.80
CA LEU C 214 -46.42 -1.41 -6.08
C LEU C 214 -46.14 -0.54 -7.30
N GLN C 215 -45.33 0.51 -7.10
CA GLN C 215 -44.97 1.44 -8.15
C GLN C 215 -43.47 1.45 -8.37
N ILE C 216 -43.06 1.50 -9.64
CA ILE C 216 -41.65 1.71 -10.01
C ILE C 216 -41.45 3.23 -10.07
N ALA C 217 -41.01 3.80 -8.95
CA ALA C 217 -40.98 5.26 -8.82
C ALA C 217 -39.98 5.90 -9.77
N GLU C 218 -38.82 5.25 -9.99
CA GLU C 218 -37.82 5.84 -10.87
C GLU C 218 -36.75 4.80 -11.16
N ARG C 219 -36.15 4.92 -12.33
CA ARG C 219 -35.05 4.06 -12.73
C ARG C 219 -33.73 4.74 -12.40
N ILE C 220 -32.77 3.96 -11.88
CA ILE C 220 -31.51 4.51 -11.39
C ILE C 220 -30.43 4.22 -12.42
N ASP C 221 -29.61 5.24 -12.70
CA ASP C 221 -28.51 5.15 -13.65
C ASP C 221 -27.20 5.11 -12.87
N VAL C 222 -26.43 4.04 -13.06
CA VAL C 222 -25.16 3.85 -12.37
C VAL C 222 -24.04 3.71 -13.38
N ILE C 223 -22.80 3.85 -12.90
CA ILE C 223 -21.64 3.96 -13.79
C ILE C 223 -21.54 2.76 -14.72
N ALA C 224 -22.00 1.58 -14.27
CA ALA C 224 -22.10 0.38 -15.10
C ALA C 224 -23.58 0.03 -15.25
N PRO C 225 -24.23 0.51 -16.30
CA PRO C 225 -25.71 0.49 -16.33
C PRO C 225 -26.30 -0.91 -16.40
N HIS C 226 -27.40 -1.12 -15.66
CA HIS C 226 -28.21 -2.34 -15.65
C HIS C 226 -29.54 -2.03 -14.99
N PRO C 227 -30.54 -2.92 -15.04
CA PRO C 227 -31.86 -2.59 -14.46
C PRO C 227 -31.79 -2.31 -12.96
N LEU C 228 -32.26 -1.14 -12.56
CA LEU C 228 -32.13 -0.65 -11.21
C LEU C 228 -33.24 0.35 -10.96
N ALA C 229 -33.94 0.24 -9.82
CA ALA C 229 -35.11 1.09 -9.61
C ALA C 229 -35.35 1.38 -8.14
N ARG C 230 -36.05 2.48 -7.89
CA ARG C 230 -36.64 2.74 -6.58
C ARG C 230 -38.09 2.27 -6.61
N LEU C 231 -38.50 1.56 -5.57
CA LEU C 231 -39.85 1.04 -5.47
C LEU C 231 -40.62 1.80 -4.41
N HIS C 232 -41.85 2.17 -4.73
CA HIS C 232 -42.74 2.82 -3.78
C HIS C 232 -43.99 1.97 -3.56
N PHE C 233 -44.28 1.69 -2.29
CA PHE C 233 -45.46 0.91 -1.91
C PHE C 233 -46.49 1.88 -1.36
N ASP C 234 -47.63 1.97 -2.05
CA ASP C 234 -48.77 2.78 -1.61
C ASP C 234 -49.87 1.82 -1.18
N SER C 235 -49.88 1.47 0.11
CA SER C 235 -50.89 0.60 0.71
C SER C 235 -51.02 -0.71 -0.06
N ALA C 236 -49.89 -1.35 -0.31
CA ALA C 236 -49.86 -2.60 -1.08
C ALA C 236 -50.29 -3.75 -0.18
N ARG C 237 -51.31 -4.49 -0.61
CA ARG C 237 -51.85 -5.61 0.15
C ARG C 237 -51.27 -6.92 -0.40
N VAL C 238 -50.62 -7.69 0.47
CA VAL C 238 -50.17 -9.03 0.07
C VAL C 238 -50.67 -10.00 1.12
N PRO C 239 -51.13 -11.18 0.73
CA PRO C 239 -51.68 -12.13 1.71
C PRO C 239 -50.62 -12.57 2.70
N ARG C 240 -51.06 -12.88 3.93
CA ARG C 240 -50.15 -13.43 4.93
C ARG C 240 -49.46 -14.69 4.41
N SER C 241 -50.12 -15.42 3.51
CA SER C 241 -49.50 -16.59 2.89
C SER C 241 -48.26 -16.25 2.08
N GLN C 242 -48.07 -14.98 1.71
CA GLN C 242 -46.88 -14.59 0.97
C GLN C 242 -45.68 -14.30 1.86
N MET C 243 -45.85 -14.33 3.18
CA MET C 243 -44.74 -14.10 4.09
C MET C 243 -43.77 -15.27 4.03
N LEU C 244 -42.48 -14.96 3.97
CA LEU C 244 -41.42 -15.97 4.02
C LEU C 244 -40.97 -16.15 5.47
N GLY C 245 -41.10 -17.36 5.98
CA GLY C 245 -40.73 -17.58 7.37
C GLY C 245 -41.76 -16.97 8.33
N ALA C 246 -41.34 -16.87 9.57
CA ALA C 246 -42.22 -16.39 10.62
C ALA C 246 -42.15 -14.88 10.75
N PRO C 247 -43.18 -14.25 11.30
CA PRO C 247 -43.08 -12.82 11.63
C PRO C 247 -41.86 -12.57 12.52
N GLY C 248 -41.08 -11.56 12.17
CA GLY C 248 -39.89 -11.24 12.93
C GLY C 248 -38.63 -11.97 12.50
N GLU C 249 -38.72 -12.90 11.56
CA GLU C 249 -37.54 -13.62 11.08
C GLU C 249 -36.91 -13.00 9.85
N GLY C 250 -37.43 -11.87 9.36
CA GLY C 250 -36.97 -11.33 8.09
C GLY C 250 -35.50 -10.93 8.08
N PHE C 251 -34.98 -10.46 9.22
CA PHE C 251 -33.58 -10.04 9.27
C PHE C 251 -32.65 -11.22 9.11
N LYS C 252 -32.93 -12.32 9.81
CA LYS C 252 -32.12 -13.52 9.64
C LYS C 252 -32.20 -14.04 8.20
N ILE C 253 -33.38 -13.96 7.58
CA ILE C 253 -33.53 -14.46 6.22
C ILE C 253 -32.74 -13.60 5.24
N ALA C 254 -32.80 -12.27 5.41
CA ALA C 254 -31.99 -11.38 4.58
C ALA C 254 -30.51 -11.69 4.73
N MET C 255 -30.02 -11.80 5.97
CA MET C 255 -28.60 -12.03 6.18
C MET C 255 -28.16 -13.40 5.66
N ARG C 256 -28.98 -14.44 5.85
CA ARG C 256 -28.57 -15.75 5.38
C ARG C 256 -28.56 -15.83 3.85
N THR C 257 -29.48 -15.12 3.19
CA THR C 257 -29.47 -15.08 1.73
C THR C 257 -28.21 -14.39 1.20
N LEU C 258 -27.79 -13.28 1.82
CA LEU C 258 -26.53 -12.67 1.42
C LEU C 258 -25.34 -13.58 1.74
N ASP C 259 -25.44 -14.39 2.79
CA ASP C 259 -24.37 -15.34 3.10
C ASP C 259 -24.23 -16.40 2.00
N VAL C 260 -25.36 -17.00 1.58
CA VAL C 260 -25.32 -18.07 0.57
C VAL C 260 -24.48 -17.62 -0.62
N PHE C 261 -24.63 -16.35 -1.00
CA PHE C 261 -24.05 -15.84 -2.23
C PHE C 261 -22.86 -14.95 -2.00
N ARG C 262 -22.38 -14.86 -0.75
CA ARG C 262 -21.23 -14.01 -0.43
C ARG C 262 -20.04 -14.35 -1.30
N THR C 263 -19.64 -15.64 -1.32
CA THR C 263 -18.47 -15.97 -2.12
C THR C 263 -18.71 -15.72 -3.62
N SER C 264 -19.99 -15.66 -4.06
CA SER C 264 -20.24 -15.62 -5.50
C SER C 264 -19.99 -14.23 -6.07
N VAL C 265 -20.22 -13.18 -5.28
CA VAL C 265 -19.80 -11.83 -5.68
C VAL C 265 -18.29 -11.76 -5.75
N ALA C 266 -17.59 -12.37 -4.79
CA ALA C 266 -16.14 -12.40 -4.86
C ALA C 266 -15.67 -13.11 -6.14
N ALA C 267 -16.37 -14.20 -6.51
CA ALA C 267 -16.02 -14.96 -7.71
C ALA C 267 -16.23 -14.13 -8.97
N ALA C 268 -17.30 -13.33 -9.02
CA ALA C 268 -17.47 -12.42 -10.15
C ALA C 268 -16.33 -11.40 -10.21
N SER C 269 -15.94 -10.85 -9.05
CA SER C 269 -14.80 -9.92 -9.02
C SER C 269 -13.57 -10.56 -9.66
N LEU C 270 -13.35 -11.83 -9.35
CA LEU C 270 -12.21 -12.56 -9.90
C LEU C 270 -12.30 -12.71 -11.42
N GLY C 271 -13.51 -12.94 -11.95
CA GLY C 271 -13.67 -13.06 -13.38
C GLY C 271 -13.33 -11.76 -14.10
N PHE C 272 -13.76 -10.63 -13.53
CA PHE C 272 -13.35 -9.33 -14.07
C PHE C 272 -11.84 -9.15 -13.99
N ALA C 273 -11.23 -9.53 -12.86
CA ALA C 273 -9.78 -9.35 -12.74
C ALA C 273 -9.03 -10.23 -13.74
N ARG C 274 -9.45 -11.48 -13.94
CA ARG C 274 -8.80 -12.34 -14.93
C ARG C 274 -8.87 -11.73 -16.32
N ARG C 275 -10.00 -11.13 -16.68
CA ARG C 275 -10.10 -10.49 -17.98
C ARG C 275 -9.12 -9.31 -18.08
N ALA C 276 -9.01 -8.51 -17.02
CA ALA C 276 -8.06 -7.40 -17.02
C ALA C 276 -6.64 -7.89 -17.23
N LEU C 277 -6.25 -8.99 -16.60
CA LEU C 277 -4.89 -9.50 -16.81
C LEU C 277 -4.69 -9.93 -18.26
N GLN C 278 -5.71 -10.57 -18.86
CA GLN C 278 -5.61 -10.98 -20.26
C GLN C 278 -5.38 -9.77 -21.15
N GLU C 279 -6.15 -8.70 -20.93
CA GLU C 279 -5.96 -7.49 -21.72
C GLU C 279 -4.60 -6.85 -21.46
N GLY C 280 -4.17 -6.84 -20.20
CA GLY C 280 -2.86 -6.28 -19.88
C GLY C 280 -1.72 -7.03 -20.55
N LEU C 281 -1.75 -8.36 -20.50
CA LEU C 281 -0.69 -9.16 -21.14
C LEU C 281 -0.68 -8.95 -22.64
N ALA C 282 -1.86 -8.93 -23.25
CA ALA C 282 -1.93 -8.74 -24.69
C ALA C 282 -1.34 -7.40 -25.09
N ARG C 283 -1.67 -6.34 -24.35
CA ARG C 283 -1.13 -5.04 -24.68
C ARG C 283 0.36 -4.98 -24.41
N ALA C 284 0.80 -5.57 -23.30
CA ALA C 284 2.23 -5.49 -22.96
C ALA C 284 3.07 -6.19 -24.01
N ALA C 285 2.58 -7.30 -24.55
CA ALA C 285 3.35 -8.07 -25.51
C ALA C 285 3.35 -7.44 -26.89
N SER C 286 2.33 -6.66 -27.24
CA SER C 286 2.21 -6.14 -28.60
C SER C 286 2.52 -4.67 -28.73
N ARG C 287 2.47 -3.90 -27.64
CA ARG C 287 2.64 -2.46 -27.75
C ARG C 287 4.12 -2.14 -27.91
N LYS C 288 4.53 -1.67 -29.09
CA LYS C 288 5.92 -1.37 -29.34
C LYS C 288 6.25 0.04 -28.87
N MET C 289 7.40 0.19 -28.21
CA MET C 289 7.84 1.48 -27.69
C MET C 289 9.32 1.40 -27.34
N PHE C 290 10.04 2.49 -27.59
CA PHE C 290 11.44 2.64 -27.21
C PHE C 290 12.30 1.50 -27.77
N GLY C 291 11.98 1.04 -28.98
CA GLY C 291 12.74 0.00 -29.64
C GLY C 291 12.53 -1.40 -29.12
N GLN C 292 11.63 -1.60 -28.16
CA GLN C 292 11.24 -2.92 -27.67
C GLN C 292 9.74 -2.97 -27.53
N THR C 293 9.21 -3.79 -26.63
CA THR C 293 7.79 -3.78 -26.33
C THR C 293 7.57 -3.30 -24.90
N LEU C 294 6.32 -2.91 -24.61
CA LEU C 294 5.98 -2.49 -23.27
C LEU C 294 6.31 -3.58 -22.24
N GLY C 295 6.07 -4.84 -22.60
CA GLY C 295 6.39 -5.96 -21.71
C GLY C 295 7.87 -6.18 -21.45
N ASP C 296 8.76 -5.54 -22.21
CA ASP C 296 10.19 -5.69 -21.97
C ASP C 296 10.69 -4.87 -20.78
N PHE C 297 9.90 -3.94 -20.26
CA PHE C 297 10.32 -3.11 -19.15
C PHE C 297 10.09 -3.82 -17.82
N GLN C 298 11.05 -3.67 -16.90
CA GLN C 298 10.88 -4.21 -15.55
C GLN C 298 9.57 -3.77 -14.92
N LEU C 299 9.22 -2.48 -15.05
CA LEU C 299 8.02 -1.98 -14.40
C LEU C 299 6.78 -2.70 -14.92
N THR C 300 6.73 -2.96 -16.24
CA THR C 300 5.61 -3.71 -16.79
C THR C 300 5.57 -5.14 -16.28
N GLN C 301 6.75 -5.78 -16.22
CA GLN C 301 6.81 -7.16 -15.75
C GLN C 301 6.35 -7.29 -14.31
N THR C 302 6.80 -6.39 -13.43
CA THR C 302 6.43 -6.51 -12.03
C THR C 302 4.97 -6.10 -11.81
N LYS C 303 4.45 -5.20 -12.66
CA LYS C 303 3.03 -4.88 -12.55
CA LYS C 303 3.02 -4.86 -12.58
C LYS C 303 2.16 -6.05 -12.99
N LEU C 304 2.51 -6.71 -14.09
CA LEU C 304 1.81 -7.93 -14.47
C LEU C 304 1.93 -9.00 -13.39
N ALA C 305 3.12 -9.12 -12.79
CA ALA C 305 3.32 -10.10 -11.75
C ALA C 305 2.39 -9.84 -10.56
N GLN C 306 2.26 -8.59 -10.13
CA GLN C 306 1.36 -8.26 -9.02
C GLN C 306 -0.10 -8.52 -9.39
N MET C 307 -0.48 -8.25 -10.64
CA MET C 307 -1.84 -8.56 -11.09
C MET C 307 -2.13 -10.05 -10.94
N ALA C 308 -1.22 -10.90 -11.42
CA ALA C 308 -1.45 -12.34 -11.32
C ALA C 308 -1.38 -12.82 -9.86
N LEU C 309 -0.49 -12.23 -9.06
CA LEU C 309 -0.41 -12.59 -7.65
C LEU C 309 -1.73 -12.28 -6.95
N THR C 310 -2.28 -11.07 -7.21
CA THR C 310 -3.56 -10.72 -6.61
C THR C 310 -4.65 -11.67 -7.07
N ILE C 311 -4.66 -12.02 -8.37
CA ILE C 311 -5.66 -12.94 -8.91
C ILE C 311 -5.57 -14.30 -8.22
N ASP C 312 -4.35 -14.85 -8.12
CA ASP C 312 -4.22 -16.20 -7.56
C ASP C 312 -4.60 -16.21 -6.08
N SER C 313 -4.21 -15.17 -5.32
CA SER C 313 -4.61 -15.14 -3.93
CA SER C 313 -4.60 -15.06 -3.92
C SER C 313 -6.12 -14.97 -3.79
N SER C 314 -6.75 -14.12 -4.62
CA SER C 314 -8.20 -14.01 -4.59
C SER C 314 -8.87 -15.33 -4.95
N ALA C 315 -8.38 -16.02 -5.98
CA ALA C 315 -8.98 -17.28 -6.39
C ALA C 315 -8.86 -18.32 -5.30
N LEU C 316 -7.69 -18.41 -4.65
CA LEU C 316 -7.53 -19.37 -3.58
C LEU C 316 -8.48 -19.06 -2.41
N LEU C 317 -8.60 -17.78 -2.06
CA LEU C 317 -9.52 -17.39 -0.99
C LEU C 317 -10.97 -17.71 -1.35
N VAL C 318 -11.40 -17.39 -2.58
CA VAL C 318 -12.77 -17.65 -2.99
C VAL C 318 -13.10 -19.14 -2.93
N TYR C 319 -12.27 -19.96 -3.55
CA TYR C 319 -12.62 -21.37 -3.63
C TYR C 319 -12.25 -22.15 -2.37
N ARG C 320 -11.33 -21.64 -1.52
CA ARG C 320 -11.23 -22.19 -0.18
C ARG C 320 -12.55 -22.00 0.56
N ALA C 321 -13.07 -20.78 0.56
CA ALA C 321 -14.33 -20.52 1.24
C ALA C 321 -15.47 -21.33 0.65
N ALA C 322 -15.56 -21.41 -0.68
CA ALA C 322 -16.67 -22.13 -1.29
C ALA C 322 -16.55 -23.63 -1.01
N TRP C 323 -15.35 -24.19 -1.13
CA TRP C 323 -15.12 -25.57 -0.73
C TRP C 323 -15.55 -25.81 0.71
N LEU C 324 -15.16 -24.92 1.63
CA LEU C 324 -15.46 -25.13 3.05
C LEU C 324 -16.96 -25.07 3.31
N ARG C 325 -17.64 -24.10 2.72
CA ARG C 325 -19.09 -24.05 2.84
C ARG C 325 -19.74 -25.30 2.27
N ASP C 326 -19.17 -25.82 1.17
CA ASP C 326 -19.71 -27.03 0.55
C ASP C 326 -19.46 -28.28 1.38
N GLN C 327 -18.57 -28.22 2.37
CA GLN C 327 -18.43 -29.33 3.31
C GLN C 327 -19.45 -29.27 4.44
N GLY C 328 -20.33 -28.27 4.44
CA GLY C 328 -21.32 -28.13 5.50
C GLY C 328 -20.90 -27.24 6.64
N GLU C 329 -19.79 -26.53 6.52
CA GLU C 329 -19.30 -25.68 7.60
C GLU C 329 -19.69 -24.22 7.40
N ASN C 330 -19.78 -23.50 8.51
CA ASN C 330 -19.94 -22.06 8.47
C ASN C 330 -18.66 -21.42 7.95
N VAL C 331 -18.81 -20.34 7.19
CA VAL C 331 -17.64 -19.70 6.59
C VAL C 331 -17.68 -18.20 6.89
N THR C 332 -18.18 -17.84 8.07
CA THR C 332 -18.21 -16.44 8.49
C THR C 332 -16.90 -15.73 8.17
N ARG C 333 -15.79 -16.26 8.67
CA ARG C 333 -14.50 -15.59 8.46
C ARG C 333 -13.98 -15.76 7.03
N GLU C 334 -14.07 -16.98 6.50
CA GLU C 334 -13.45 -17.27 5.21
C GLU C 334 -14.17 -16.56 4.06
N ALA C 335 -15.50 -16.50 4.11
CA ALA C 335 -16.24 -15.81 3.04
C ALA C 335 -16.02 -14.30 3.11
N ALA C 336 -15.94 -13.75 4.32
CA ALA C 336 -15.67 -12.31 4.46
C ALA C 336 -14.28 -11.96 3.94
N MET C 337 -13.29 -12.83 4.22
CA MET C 337 -11.98 -12.63 3.62
C MET C 337 -12.06 -12.61 2.09
N ALA C 338 -12.81 -13.55 1.51
CA ALA C 338 -12.81 -13.67 0.06
C ALA C 338 -13.47 -12.47 -0.59
N LYS C 339 -14.58 -12.01 -0.03
CA LYS C 339 -15.28 -10.87 -0.64
C LYS C 339 -14.45 -9.61 -0.53
N TRP C 340 -13.86 -9.35 0.64
CA TRP C 340 -13.00 -8.19 0.84
C TRP C 340 -11.82 -8.21 -0.14
N HIS C 341 -11.09 -9.33 -0.18
CA HIS C 341 -9.85 -9.39 -0.95
C HIS C 341 -10.11 -9.36 -2.46
N ALA C 342 -11.12 -10.10 -2.91
CA ALA C 342 -11.36 -10.22 -4.35
C ALA C 342 -11.82 -8.90 -4.95
N SER C 343 -12.68 -8.19 -4.25
CA SER C 343 -13.21 -6.93 -4.77
C SER C 343 -12.16 -5.82 -4.73
N GLU C 344 -11.47 -5.66 -3.60
CA GLU C 344 -10.36 -4.70 -3.55
C GLU C 344 -9.25 -5.09 -4.52
N GLY C 345 -8.98 -6.39 -4.63
CA GLY C 345 -7.97 -6.85 -5.56
C GLY C 345 -8.36 -6.63 -7.02
N ALA C 346 -9.61 -6.91 -7.36
CA ALA C 346 -10.02 -6.72 -8.76
C ALA C 346 -9.91 -5.26 -9.17
N GLN C 347 -10.24 -4.35 -8.26
CA GLN C 347 -10.09 -2.93 -8.55
C GLN C 347 -8.64 -2.59 -8.87
N GLN C 348 -7.71 -3.15 -8.11
CA GLN C 348 -6.30 -2.88 -8.34
C GLN C 348 -5.83 -3.46 -9.67
N VAL C 349 -6.27 -4.68 -9.99
CA VAL C 349 -5.84 -5.33 -11.21
C VAL C 349 -6.35 -4.57 -12.42
N ILE C 350 -7.62 -4.17 -12.38
CA ILE C 350 -8.23 -3.45 -13.49
C ILE C 350 -7.57 -2.09 -13.67
N ASP C 351 -7.30 -1.40 -12.56
CA ASP C 351 -6.63 -0.10 -12.64
C ASP C 351 -5.26 -0.22 -13.29
N ALA C 352 -4.52 -1.29 -12.98
CA ALA C 352 -3.22 -1.53 -13.59
C ALA C 352 -3.35 -1.81 -15.09
N ALA C 353 -4.39 -2.57 -15.50
CA ALA C 353 -4.62 -2.83 -16.91
C ALA C 353 -4.98 -1.56 -17.67
N VAL C 354 -5.81 -0.69 -17.08
CA VAL C 354 -6.09 0.61 -17.70
C VAL C 354 -4.79 1.38 -17.92
N GLN C 355 -3.90 1.39 -16.91
CA GLN C 355 -2.64 2.11 -17.04
C GLN C 355 -1.78 1.54 -18.17
N LEU C 356 -1.76 0.22 -18.32
CA LEU C 356 -0.96 -0.38 -19.39
C LEU C 356 -1.48 0.00 -20.77
N TRP C 357 -2.79 0.21 -20.89
CA TRP C 357 -3.36 0.59 -22.17
C TRP C 357 -3.21 2.07 -22.48
N GLY C 358 -2.68 2.88 -21.58
CA GLY C 358 -2.48 4.29 -21.89
C GLY C 358 -3.80 5.00 -22.17
N GLY C 359 -3.79 5.85 -23.20
CA GLY C 359 -5.01 6.58 -23.56
C GLY C 359 -6.19 5.67 -23.84
N MET C 360 -5.97 4.58 -24.57
CA MET C 360 -7.06 3.65 -24.83
C MET C 360 -7.67 3.07 -23.56
N GLY C 361 -6.92 3.08 -22.45
CA GLY C 361 -7.47 2.60 -21.20
C GLY C 361 -8.70 3.36 -20.74
N VAL C 362 -8.82 4.63 -21.12
CA VAL C 362 -9.97 5.42 -20.72
C VAL C 362 -10.85 5.78 -21.91
N GLN C 363 -10.65 5.11 -23.05
CA GLN C 363 -11.47 5.35 -24.22
C GLN C 363 -12.74 4.52 -24.12
N SER C 364 -13.89 5.16 -24.30
CA SER C 364 -15.16 4.46 -24.14
C SER C 364 -15.24 3.29 -25.11
N GLY C 365 -15.62 2.13 -24.60
CA GLY C 365 -15.83 0.96 -25.41
C GLY C 365 -14.72 -0.07 -25.35
N THR C 366 -13.52 0.32 -24.91
CA THR C 366 -12.49 -0.70 -24.75
C THR C 366 -12.85 -1.61 -23.58
N THR C 367 -12.27 -2.80 -23.59
CA THR C 367 -12.60 -3.77 -22.56
C THR C 367 -12.19 -3.25 -21.18
N VAL C 368 -10.98 -2.69 -21.08
CA VAL C 368 -10.47 -2.30 -19.77
C VAL C 368 -11.22 -1.08 -19.25
N GLU C 369 -11.75 -0.24 -20.15
CA GLU C 369 -12.52 0.92 -19.69
C GLU C 369 -13.83 0.47 -19.08
N ARG C 370 -14.48 -0.51 -19.70
CA ARG C 370 -15.70 -1.08 -19.14
C ARG C 370 -15.43 -1.74 -17.79
N LEU C 371 -14.34 -2.51 -17.69
CA LEU C 371 -14.02 -3.19 -16.43
C LEU C 371 -13.80 -2.20 -15.30
N TYR C 372 -13.16 -1.06 -15.59
CA TYR C 372 -12.97 -0.03 -14.57
C TYR C 372 -14.31 0.49 -14.05
N ARG C 373 -15.35 0.42 -14.86
CA ARG C 373 -16.68 0.83 -14.43
C ARG C 373 -17.46 -0.32 -13.78
N GLU C 374 -17.37 -1.52 -14.36
CA GLU C 374 -18.11 -2.66 -13.81
C GLU C 374 -17.67 -3.03 -12.40
N ILE C 375 -16.41 -2.75 -12.04
CA ILE C 375 -15.91 -3.27 -10.76
C ILE C 375 -16.34 -2.43 -9.56
N ARG C 376 -16.59 -1.11 -9.71
CA ARG C 376 -16.53 -0.23 -8.55
C ARG C 376 -17.57 -0.57 -7.48
N ALA C 377 -18.82 -0.88 -7.89
CA ALA C 377 -19.89 -1.09 -6.90
C ALA C 377 -19.76 -2.38 -6.11
N LEU C 378 -19.00 -3.36 -6.62
CA LEU C 378 -18.85 -4.64 -5.94
C LEU C 378 -18.09 -4.53 -4.61
N ARG C 379 -17.37 -3.43 -4.41
CA ARG C 379 -16.74 -3.07 -3.14
C ARG C 379 -17.70 -2.43 -2.14
N ILE C 380 -18.91 -2.05 -2.56
CA ILE C 380 -19.83 -1.29 -1.72
C ILE C 380 -21.00 -2.14 -1.26
N TYR C 381 -21.64 -2.86 -2.17
CA TYR C 381 -22.84 -3.59 -1.78
C TYR C 381 -22.48 -4.97 -1.22
N GLU C 382 -23.54 -5.66 -0.76
CA GLU C 382 -23.48 -6.94 -0.04
C GLU C 382 -22.33 -6.94 0.98
N GLY C 383 -22.28 -5.88 1.78
CA GLY C 383 -21.23 -5.68 2.75
C GLY C 383 -20.08 -4.89 2.17
N ALA C 384 -20.06 -3.57 2.39
CA ALA C 384 -18.91 -2.77 2.02
C ALA C 384 -17.65 -3.34 2.65
N THR C 385 -16.50 -3.05 2.03
CA THR C 385 -15.23 -3.63 2.47
C THR C 385 -15.02 -3.49 3.98
N GLU C 386 -15.31 -2.30 4.52
CA GLU C 386 -15.08 -2.09 5.95
C GLU C 386 -15.91 -3.04 6.82
N VAL C 387 -17.14 -3.36 6.39
CA VAL C 387 -17.96 -4.30 7.15
C VAL C 387 -17.32 -5.69 7.16
N GLN C 388 -16.78 -6.12 6.01
CA GLN C 388 -16.09 -7.42 5.95
C GLN C 388 -14.89 -7.44 6.88
N GLN C 389 -14.13 -6.35 6.91
CA GLN C 389 -12.97 -6.28 7.79
C GLN C 389 -13.37 -6.47 9.24
N LEU C 390 -14.44 -5.78 9.66
CA LEU C 390 -14.90 -5.92 11.04
C LEU C 390 -15.39 -7.33 11.33
N ILE C 391 -16.10 -7.96 10.38
CA ILE C 391 -16.54 -9.34 10.57
C ILE C 391 -15.34 -10.24 10.86
N VAL C 392 -14.28 -10.11 10.06
CA VAL C 392 -13.09 -10.95 10.26
C VAL C 392 -12.44 -10.65 11.61
N GLY C 393 -12.24 -9.37 11.92
CA GLY C 393 -11.57 -9.02 13.16
C GLY C 393 -12.35 -9.45 14.39
N ARG C 394 -13.67 -9.25 14.37
CA ARG C 394 -14.46 -9.66 15.52
C ARG C 394 -14.50 -11.18 15.63
N ASP C 395 -14.48 -11.90 14.50
CA ASP C 395 -14.48 -13.35 14.58
C ASP C 395 -13.17 -13.87 15.16
N LEU C 396 -12.04 -13.22 14.80
CA LEU C 396 -10.76 -13.59 15.40
C LEU C 396 -10.79 -13.45 16.90
N LEU C 397 -11.32 -12.32 17.39
CA LEU C 397 -11.41 -12.09 18.83
C LEU C 397 -12.38 -13.06 19.49
N LYS C 398 -13.52 -13.33 18.82
CA LYS C 398 -14.49 -14.27 19.40
C LYS C 398 -13.87 -15.66 19.56
N ALA C 399 -13.17 -16.14 18.52
CA ALA C 399 -12.52 -17.43 18.59
C ALA C 399 -11.41 -17.45 19.64
N HIS C 400 -10.63 -16.37 19.70
CA HIS C 400 -9.58 -16.29 20.71
C HIS C 400 -10.15 -16.38 22.12
N ALA C 401 -11.27 -15.67 22.37
CA ALA C 401 -11.88 -15.73 23.70
C ALA C 401 -12.41 -17.12 24.02
N ALA C 402 -12.92 -17.83 23.01
CA ALA C 402 -13.41 -19.18 23.25
C ALA C 402 -12.26 -20.10 23.67
N GLN C 403 -11.09 -19.94 23.05
CA GLN C 403 -9.95 -20.78 23.44
C GLN C 403 -9.47 -20.44 24.84
N ARG C 404 -9.48 -19.15 25.20
CA ARG C 404 -9.03 -18.75 26.53
C ARG C 404 -9.92 -19.36 27.62
N GLN C 405 -11.22 -19.44 27.36
CA GLN C 405 -12.11 -20.15 28.29
C GLN C 405 -11.74 -21.63 28.37
N GLN C 406 -11.64 -22.28 27.21
CA GLN C 406 -11.25 -23.69 27.14
C GLN C 406 -9.73 -23.84 27.15
N ILE D 15 -8.84 35.19 5.32
CA ILE D 15 -7.50 35.04 5.85
C ILE D 15 -7.46 33.99 6.96
N ASP D 16 -7.65 32.73 6.57
CA ASP D 16 -7.58 31.61 7.50
C ASP D 16 -6.11 31.28 7.78
N PRO D 17 -5.63 31.42 9.02
CA PRO D 17 -4.21 31.13 9.27
C PRO D 17 -3.82 29.70 8.95
N HIS D 18 -4.77 28.78 8.98
CA HIS D 18 -4.55 27.38 8.63
C HIS D 18 -4.77 27.08 7.17
N GLY D 19 -5.19 28.06 6.37
CA GLY D 19 -5.35 27.82 4.95
C GLY D 19 -4.01 27.76 4.22
N ALA D 20 -3.98 27.03 3.10
CA ALA D 20 -2.75 26.90 2.32
C ALA D 20 -2.32 28.23 1.73
N LEU D 21 -3.26 29.15 1.49
CA LEU D 21 -2.89 30.45 0.92
C LEU D 21 -2.04 31.28 1.87
N ALA D 22 -2.05 30.98 3.18
CA ALA D 22 -1.19 31.69 4.12
C ALA D 22 0.27 31.27 4.00
N TRP D 23 0.57 30.19 3.29
CA TRP D 23 1.93 29.72 3.22
C TRP D 23 2.82 30.78 2.56
N PRO D 24 4.08 30.92 2.99
CA PRO D 24 4.97 31.89 2.33
C PRO D 24 5.39 31.50 0.92
N PHE D 25 4.99 30.33 0.40
CA PHE D 25 5.09 30.08 -1.04
C PHE D 25 4.29 31.08 -1.86
N PHE D 26 3.29 31.74 -1.28
CA PHE D 26 2.41 32.63 -2.02
C PHE D 26 2.73 34.09 -1.73
N GLU D 27 2.44 34.95 -2.70
CA GLU D 27 2.51 36.39 -2.55
C GLU D 27 1.09 36.95 -2.43
N ALA D 28 1.01 38.25 -2.13
CA ALA D 28 -0.29 38.90 -2.00
C ALA D 28 -1.12 38.75 -3.26
N ARG D 29 -0.51 38.90 -4.44
CA ARG D 29 -1.27 38.78 -5.68
C ARG D 29 -1.90 37.39 -5.84
N HIS D 30 -1.29 36.35 -5.28
CA HIS D 30 -1.88 35.01 -5.40
C HIS D 30 -3.08 34.85 -4.48
N ARG D 31 -3.03 35.45 -3.29
CA ARG D 31 -4.18 35.44 -2.39
C ARG D 31 -5.35 36.18 -3.03
N GLU D 32 -5.08 37.34 -3.62
CA GLU D 32 -6.14 38.07 -4.30
C GLU D 32 -6.67 37.29 -5.49
N LEU D 33 -5.77 36.68 -6.29
CA LEU D 33 -6.22 35.89 -7.43
C LEU D 33 -7.06 34.69 -6.99
N ALA D 34 -6.65 34.02 -5.91
CA ALA D 34 -7.39 32.83 -5.49
C ALA D 34 -8.81 33.18 -5.10
N ALA D 35 -9.01 34.31 -4.42
CA ALA D 35 -10.35 34.73 -4.09
C ALA D 35 -11.12 35.14 -5.35
N GLY D 36 -10.44 35.72 -6.33
CA GLY D 36 -11.12 36.17 -7.53
C GLY D 36 -11.63 35.01 -8.39
N ILE D 37 -10.80 33.98 -8.58
CA ILE D 37 -11.22 32.87 -9.44
C ILE D 37 -12.26 32.02 -8.74
N GLU D 38 -12.20 31.94 -7.40
CA GLU D 38 -13.22 31.22 -6.65
C GLU D 38 -14.56 31.93 -6.76
N ALA D 39 -14.55 33.26 -6.66
CA ALA D 39 -15.80 34.01 -6.82
C ALA D 39 -16.36 33.83 -8.23
N TRP D 40 -15.50 33.95 -9.24
CA TRP D 40 -15.93 33.73 -10.62
C TRP D 40 -16.49 32.31 -10.81
N ALA D 41 -15.79 31.30 -10.28
CA ALA D 41 -16.24 29.93 -10.46
C ALA D 41 -17.60 29.70 -9.82
N THR D 42 -17.82 30.26 -8.63
CA THR D 42 -19.12 30.13 -7.98
C THR D 42 -20.23 30.77 -8.83
N GLN D 43 -19.94 31.90 -9.46
CA GLN D 43 -20.95 32.60 -10.24
C GLN D 43 -21.19 31.98 -11.61
N HIS D 44 -20.22 31.25 -12.16
CA HIS D 44 -20.31 30.79 -13.55
C HIS D 44 -20.39 29.29 -13.73
N LEU D 45 -20.00 28.48 -12.75
CA LEU D 45 -19.88 27.03 -12.93
C LEU D 45 -20.89 26.25 -12.08
N ALA D 46 -22.03 26.87 -11.74
CA ALA D 46 -22.98 26.21 -10.87
C ALA D 46 -23.72 25.06 -11.55
N CYS D 47 -23.82 25.08 -12.88
CA CYS D 47 -24.59 24.09 -13.64
C CYS D 47 -24.01 24.02 -15.06
N VAL D 48 -22.82 23.44 -15.17
CA VAL D 48 -22.13 23.33 -16.45
C VAL D 48 -22.72 22.16 -17.24
N GLN D 49 -23.10 22.41 -18.48
CA GLN D 49 -23.76 21.41 -19.32
C GLN D 49 -22.70 20.49 -19.93
N HIS D 50 -22.70 19.23 -19.52
CA HIS D 50 -21.82 18.22 -20.11
C HIS D 50 -22.46 17.49 -21.27
N ASP D 51 -23.66 17.89 -21.69
CA ASP D 51 -24.39 17.18 -22.74
C ASP D 51 -23.84 17.47 -24.12
N ASP D 52 -23.27 18.67 -24.34
CA ASP D 52 -22.73 19.10 -25.62
C ASP D 52 -21.42 19.83 -25.31
N THR D 53 -20.35 19.03 -25.15
CA THR D 53 -19.11 19.59 -24.64
C THR D 53 -18.44 20.55 -25.63
N ASP D 54 -18.66 20.36 -26.94
CA ASP D 54 -18.11 21.29 -27.92
C ASP D 54 -18.62 22.71 -27.65
N THR D 55 -19.93 22.85 -27.53
CA THR D 55 -20.53 24.16 -27.26
C THR D 55 -20.10 24.68 -25.90
N THR D 56 -20.07 23.81 -24.89
CA THR D 56 -19.71 24.26 -23.56
C THR D 56 -18.28 24.78 -23.51
N CYS D 57 -17.35 24.09 -24.18
CA CYS D 57 -15.97 24.56 -24.18
C CYS D 57 -15.84 25.91 -24.86
N ARG D 58 -16.55 26.10 -25.99
CA ARG D 58 -16.51 27.38 -26.67
CA ARG D 58 -16.52 27.38 -26.67
C ARG D 58 -17.02 28.50 -25.76
N LYS D 59 -18.09 28.24 -25.01
CA LYS D 59 -18.61 29.24 -24.09
C LYS D 59 -17.63 29.50 -22.93
N LEU D 60 -17.05 28.43 -22.39
CA LEU D 60 -16.09 28.57 -21.29
C LEU D 60 -14.88 29.41 -21.70
N VAL D 61 -14.31 29.13 -22.87
CA VAL D 61 -13.15 29.88 -23.33
C VAL D 61 -13.49 31.36 -23.46
N ARG D 62 -14.64 31.67 -24.06
CA ARG D 62 -15.05 33.07 -24.19
C ARG D 62 -15.18 33.73 -22.82
N ALA D 63 -15.85 33.07 -21.87
CA ALA D 63 -16.12 33.69 -20.57
C ALA D 63 -14.85 33.81 -19.75
N LEU D 64 -14.04 32.75 -19.71
CA LEU D 64 -12.72 32.86 -19.08
C LEU D 64 -11.91 33.99 -19.67
N GLY D 65 -11.92 34.12 -21.00
CA GLY D 65 -11.19 35.20 -21.65
C GLY D 65 -11.67 36.56 -21.19
N GLU D 66 -13.00 36.76 -21.20
CA GLU D 66 -13.58 38.04 -20.81
C GLU D 66 -13.24 38.42 -19.37
N ALA D 67 -13.13 37.43 -18.49
CA ALA D 67 -12.86 37.73 -17.09
C ALA D 67 -11.37 37.94 -16.82
N GLY D 68 -10.51 37.78 -17.82
CA GLY D 68 -9.09 38.01 -17.65
C GLY D 68 -8.28 36.79 -17.23
N TRP D 69 -8.91 35.63 -17.10
CA TRP D 69 -8.22 34.48 -16.55
C TRP D 69 -7.30 33.81 -17.55
N LEU D 70 -7.50 34.02 -18.85
CA LEU D 70 -6.63 33.40 -19.83
C LEU D 70 -5.33 34.16 -20.05
N LYS D 71 -5.18 35.34 -19.45
CA LYS D 71 -3.92 36.08 -19.57
C LYS D 71 -2.77 35.37 -18.86
N TYR D 72 -3.07 34.61 -17.80
CA TYR D 72 -1.99 34.06 -17.00
C TYR D 72 -1.25 32.93 -17.71
N GLY D 73 -1.88 32.29 -18.69
CA GLY D 73 -1.22 31.22 -19.43
C GLY D 73 -0.41 31.68 -20.62
N VAL D 74 -0.35 32.99 -20.87
CA VAL D 74 0.35 33.57 -22.01
C VAL D 74 1.48 34.43 -21.48
N GLY D 75 2.64 34.36 -22.12
CA GLY D 75 3.81 35.13 -21.71
C GLY D 75 4.06 36.30 -22.64
N GLY D 76 4.26 37.48 -22.05
CA GLY D 76 4.50 38.69 -22.80
C GLY D 76 3.33 39.64 -22.72
N ALA D 77 3.45 40.72 -21.95
CA ALA D 77 2.32 41.63 -21.72
C ALA D 77 1.85 42.26 -23.03
N GLN D 78 2.77 42.63 -23.92
CA GLN D 78 2.38 43.25 -25.18
C GLN D 78 1.55 42.29 -26.04
N TYR D 79 1.64 40.98 -25.78
CA TYR D 79 0.91 39.97 -26.53
C TYR D 79 -0.36 39.51 -25.80
N GLY D 80 -0.76 40.20 -24.74
CA GLY D 80 -1.94 39.84 -23.99
C GLY D 80 -1.64 39.08 -22.72
N GLY D 81 -0.38 38.74 -22.47
CA GLY D 81 -0.04 38.04 -21.26
C GLY D 81 -0.22 38.89 -20.03
N HIS D 82 -0.44 38.22 -18.90
CA HIS D 82 -0.49 38.92 -17.63
C HIS D 82 0.83 39.61 -17.33
N GLY D 83 1.95 38.96 -17.67
CA GLY D 83 3.27 39.52 -17.47
C GLY D 83 4.22 38.98 -18.52
N ASP D 84 5.47 39.41 -18.44
CA ASP D 84 6.44 38.97 -19.43
C ASP D 84 6.93 37.54 -19.17
N THR D 85 6.66 36.98 -18.00
CA THR D 85 6.81 35.56 -17.75
C THR D 85 5.47 34.98 -17.32
N ILE D 86 5.38 33.67 -17.34
CA ILE D 86 4.17 32.98 -16.90
C ILE D 86 4.29 32.72 -15.40
N ASP D 87 3.30 33.18 -14.66
CA ASP D 87 3.27 33.05 -13.20
C ASP D 87 2.77 31.63 -12.88
N THR D 88 3.69 30.71 -12.55
CA THR D 88 3.29 29.31 -12.34
C THR D 88 2.28 29.20 -11.20
N ARG D 89 2.54 29.89 -10.09
CA ARG D 89 1.64 29.82 -8.95
C ARG D 89 0.24 30.28 -9.33
N ALA D 90 0.13 31.34 -10.13
CA ALA D 90 -1.18 31.81 -10.56
C ALA D 90 -1.89 30.75 -11.40
N VAL D 91 -1.18 30.17 -12.38
CA VAL D 91 -1.81 29.18 -13.24
C VAL D 91 -2.24 27.96 -12.44
N CYS D 92 -1.40 27.52 -11.49
CA CYS D 92 -1.80 26.42 -10.61
C CYS D 92 -3.07 26.76 -9.82
N LEU D 93 -3.12 27.96 -9.26
CA LEU D 93 -4.31 28.34 -8.48
C LEU D 93 -5.55 28.38 -9.36
N LEU D 94 -5.42 28.81 -10.62
CA LEU D 94 -6.56 28.83 -11.52
C LEU D 94 -7.06 27.41 -11.82
N ARG D 95 -6.15 26.51 -12.17
CA ARG D 95 -6.58 25.15 -12.49
C ARG D 95 -7.09 24.41 -11.26
N GLU D 96 -6.42 24.60 -10.11
CA GLU D 96 -6.89 23.95 -8.89
C GLU D 96 -8.32 24.38 -8.58
N THR D 97 -8.60 25.68 -8.67
CA THR D 97 -9.94 26.17 -8.35
C THR D 97 -10.95 25.69 -9.38
N LEU D 98 -10.63 25.83 -10.67
CA LEU D 98 -11.59 25.44 -11.70
C LEU D 98 -11.89 23.95 -11.61
N ALA D 99 -10.86 23.13 -11.42
CA ALA D 99 -11.07 21.68 -11.31
C ALA D 99 -11.94 21.35 -10.10
N ASN D 100 -11.75 22.08 -9.00
CA ASN D 100 -12.57 21.84 -7.82
C ASN D 100 -14.06 22.02 -8.15
N HIS D 101 -14.38 22.92 -9.08
CA HIS D 101 -15.77 23.19 -9.46
C HIS D 101 -16.22 22.34 -10.65
N ASP D 102 -15.42 22.29 -11.71
CA ASP D 102 -15.85 21.54 -12.90
C ASP D 102 -14.64 21.22 -13.77
N GLY D 103 -14.44 19.94 -14.04
CA GLY D 103 -13.30 19.51 -14.85
C GLY D 103 -13.28 20.11 -16.24
N LEU D 104 -14.45 20.40 -16.82
CA LEU D 104 -14.47 20.96 -18.17
C LEU D 104 -13.97 22.40 -18.20
N ALA D 105 -14.29 23.19 -17.17
CA ALA D 105 -13.75 24.54 -17.09
C ALA D 105 -12.24 24.53 -16.86
N ASP D 106 -11.75 23.58 -16.07
CA ASP D 106 -10.31 23.43 -15.93
C ASP D 106 -9.67 23.12 -17.28
N PHE D 107 -10.24 22.15 -17.99
CA PHE D 107 -9.75 21.76 -19.31
C PHE D 107 -9.68 22.96 -20.26
N ALA D 108 -10.75 23.76 -20.31
CA ALA D 108 -10.78 24.87 -21.24
C ALA D 108 -9.68 25.89 -20.95
N LEU D 109 -9.45 26.22 -19.68
CA LEU D 109 -8.37 27.14 -19.36
C LEU D 109 -7.02 26.49 -19.62
N ALA D 110 -6.85 25.23 -19.20
CA ALA D 110 -5.57 24.55 -19.35
C ALA D 110 -5.11 24.52 -20.81
N MET D 111 -6.02 24.23 -21.74
CA MET D 111 -5.63 24.09 -23.15
C MET D 111 -5.27 25.41 -23.79
N GLN D 112 -5.85 26.52 -23.30
CA GLN D 112 -5.43 27.83 -23.81
C GLN D 112 -3.98 28.09 -23.47
N GLY D 113 -3.51 27.54 -22.34
CA GLY D 113 -2.11 27.64 -21.97
C GLY D 113 -1.24 26.65 -22.72
N LEU D 114 -1.54 25.34 -22.60
CA LEU D 114 -0.71 24.34 -23.26
C LEU D 114 -0.69 24.55 -24.78
N GLY D 115 -1.85 24.83 -25.38
CA GLY D 115 -1.93 24.94 -26.83
C GLY D 115 -1.18 26.13 -27.39
N SER D 116 -1.07 27.22 -26.63
CA SER D 116 -0.36 28.40 -27.07
C SER D 116 1.06 28.48 -26.53
N GLY D 117 1.42 27.64 -25.55
CA GLY D 117 2.69 27.80 -24.88
C GLY D 117 3.89 27.74 -25.81
N ALA D 118 3.85 26.87 -26.82
CA ALA D 118 4.96 26.82 -27.77
C ALA D 118 5.14 28.15 -28.49
N ILE D 119 4.06 28.91 -28.67
CA ILE D 119 4.17 30.21 -29.33
C ILE D 119 4.78 31.22 -28.37
N THR D 120 4.33 31.22 -27.10
CA THR D 120 4.97 32.03 -26.07
C THR D 120 6.47 31.78 -26.01
N LEU D 121 6.89 30.52 -26.07
CA LEU D 121 8.29 30.17 -25.85
C LEU D 121 9.15 30.42 -27.08
N ALA D 122 8.66 30.06 -28.28
CA ALA D 122 9.51 29.99 -29.46
C ALA D 122 9.04 30.84 -30.64
N GLY D 123 7.86 31.45 -30.57
CA GLY D 123 7.36 32.18 -31.71
C GLY D 123 8.12 33.47 -31.96
N THR D 124 8.16 33.89 -33.22
CA THR D 124 8.68 35.21 -33.56
C THR D 124 7.71 36.29 -33.06
N HIS D 125 8.12 37.55 -33.26
CA HIS D 125 7.27 38.67 -32.88
C HIS D 125 5.94 38.63 -33.62
N GLU D 126 5.99 38.48 -34.94
CA GLU D 126 4.76 38.47 -35.72
C GLU D 126 3.93 37.23 -35.41
N GLN D 127 4.58 36.10 -35.17
CA GLN D 127 3.84 34.91 -34.78
C GLN D 127 3.12 35.13 -33.46
N LYS D 128 3.79 35.75 -32.48
CA LYS D 128 3.17 36.03 -31.19
C LYS D 128 2.05 37.04 -31.32
N ILE D 129 2.25 38.09 -32.11
CA ILE D 129 1.21 39.09 -32.31
C ILE D 129 -0.03 38.46 -32.96
N ARG D 130 0.19 37.51 -33.87
CA ARG D 130 -0.92 36.97 -34.64
C ARG D 130 -1.80 36.05 -33.80
N TYR D 131 -1.23 35.36 -32.82
CA TYR D 131 -1.96 34.33 -32.10
C TYR D 131 -2.20 34.64 -30.63
N LEU D 132 -1.23 35.21 -29.93
CA LEU D 132 -1.34 35.22 -28.47
C LEU D 132 -2.39 36.19 -27.94
N PRO D 133 -2.59 37.39 -28.52
CA PRO D 133 -3.70 38.24 -28.04
C PRO D 133 -5.05 37.56 -28.12
N ARG D 134 -5.36 36.90 -29.24
CA ARG D 134 -6.64 36.24 -29.37
C ARG D 134 -6.77 35.10 -28.39
N VAL D 135 -5.68 34.36 -28.15
CA VAL D 135 -5.71 33.28 -27.17
C VAL D 135 -5.99 33.84 -25.78
N SER D 136 -5.30 34.92 -25.42
CA SER D 136 -5.42 35.47 -24.07
C SER D 136 -6.78 36.11 -23.82
N LYS D 137 -7.48 36.46 -24.88
CA LYS D 137 -8.81 37.06 -24.76
C LYS D 137 -9.92 36.03 -24.86
N GLY D 138 -9.59 34.77 -25.13
CA GLY D 138 -10.60 33.77 -25.35
C GLY D 138 -11.26 33.85 -26.71
N GLU D 139 -10.62 34.50 -27.68
CA GLU D 139 -11.18 34.61 -29.01
C GLU D 139 -10.62 33.58 -29.98
N ALA D 140 -9.55 32.88 -29.62
CA ALA D 140 -9.03 31.76 -30.41
C ALA D 140 -8.83 30.59 -29.47
N ILE D 141 -9.27 29.41 -29.89
CA ILE D 141 -9.11 28.18 -29.11
C ILE D 141 -7.85 27.46 -29.59
N ALA D 142 -6.97 27.12 -28.66
CA ALA D 142 -5.66 26.57 -28.96
C ALA D 142 -5.63 25.06 -28.76
N ALA D 143 -4.66 24.42 -29.43
CA ALA D 143 -4.49 22.98 -29.31
C ALA D 143 -3.02 22.62 -29.48
N PHE D 144 -2.64 21.48 -28.89
CA PHE D 144 -1.27 20.98 -28.83
C PHE D 144 -1.28 19.56 -29.39
N ALA D 145 -0.69 19.35 -30.56
CA ALA D 145 -0.81 18.07 -31.27
C ALA D 145 0.54 17.34 -31.31
N LEU D 146 0.72 16.40 -30.39
CA LEU D 146 1.96 15.65 -30.26
C LEU D 146 1.78 14.15 -30.42
N SER D 147 0.82 13.54 -29.71
CA SER D 147 0.71 12.10 -29.67
C SER D 147 0.16 11.53 -30.98
N GLU D 148 0.53 10.28 -31.26
CA GLU D 148 0.11 9.53 -32.43
C GLU D 148 -0.39 8.17 -32.01
N PRO D 149 -1.15 7.47 -32.88
CA PRO D 149 -1.63 6.13 -32.53
C PRO D 149 -0.55 5.17 -32.09
N ASP D 150 0.59 5.13 -32.77
CA ASP D 150 1.66 4.19 -32.46
C ASP D 150 2.71 4.75 -31.50
N ALA D 151 2.58 6.02 -31.10
CA ALA D 151 3.66 6.66 -30.36
C ALA D 151 3.05 7.77 -29.50
N GLY D 152 2.89 7.49 -28.21
CA GLY D 152 2.43 8.48 -27.26
C GLY D 152 3.50 8.77 -26.23
N SER D 153 3.78 7.82 -25.34
CA SER D 153 4.90 7.98 -24.41
C SER D 153 6.22 8.17 -25.15
N ASP D 154 6.44 7.39 -26.21
CA ASP D 154 7.70 7.42 -26.96
C ASP D 154 7.64 8.53 -28.01
N VAL D 155 7.66 9.78 -27.52
CA VAL D 155 7.51 10.95 -28.36
C VAL D 155 8.60 11.00 -29.44
N ALA D 156 9.83 10.63 -29.07
CA ALA D 156 10.96 10.75 -29.99
C ALA D 156 10.82 9.89 -31.23
N ALA D 157 9.89 8.93 -31.25
CA ALA D 157 9.72 8.05 -32.39
C ALA D 157 8.51 8.41 -33.24
N MET D 158 7.94 9.61 -33.06
CA MET D 158 6.78 10.02 -33.85
C MET D 158 7.08 9.92 -35.35
N SER D 159 6.02 9.75 -36.16
CA SER D 159 6.19 9.48 -37.57
C SER D 159 5.35 10.36 -38.48
N LEU D 160 4.68 11.38 -37.94
CA LEU D 160 4.05 12.38 -38.80
C LEU D 160 5.11 13.06 -39.67
N GLN D 161 4.92 12.98 -40.99
CA GLN D 161 5.93 13.44 -41.94
C GLN D 161 5.69 14.88 -42.34
N ALA D 162 6.77 15.66 -42.45
CA ALA D 162 6.72 17.03 -42.94
C ALA D 162 7.88 17.23 -43.93
N ARG D 163 7.58 17.04 -45.22
CA ARG D 163 8.58 17.16 -46.27
C ARG D 163 8.57 18.58 -46.84
N ALA D 164 9.75 19.18 -46.94
CA ALA D 164 9.86 20.53 -47.47
C ALA D 164 9.72 20.56 -48.99
N GLU D 165 8.98 21.54 -49.48
CA GLU D 165 8.73 21.68 -50.91
C GLU D 165 8.45 23.15 -51.18
N GLY D 166 9.44 23.84 -51.75
CA GLY D 166 9.29 25.27 -51.96
C GLY D 166 9.39 26.03 -50.66
N ASP D 167 8.51 27.02 -50.49
CA ASP D 167 8.46 27.82 -49.27
C ASP D 167 7.54 27.23 -48.22
N CYS D 168 7.05 26.00 -48.42
CA CYS D 168 6.11 25.38 -47.50
C CYS D 168 6.54 23.95 -47.22
N TYR D 169 5.89 23.35 -46.22
CA TYR D 169 6.10 21.96 -45.83
C TYR D 169 4.82 21.17 -46.08
N VAL D 170 4.95 20.00 -46.72
CA VAL D 170 3.83 19.11 -46.98
C VAL D 170 3.79 18.06 -45.88
N ILE D 171 2.66 17.98 -45.17
CA ILE D 171 2.53 17.21 -43.95
C ILE D 171 1.60 16.03 -44.19
N ASP D 172 2.07 14.82 -43.84
CA ASP D 172 1.29 13.61 -44.06
C ASP D 172 1.38 12.71 -42.83
N GLY D 173 0.23 12.11 -42.45
CA GLY D 173 0.14 11.20 -41.33
C GLY D 173 -0.93 11.65 -40.37
N ASP D 174 -0.92 11.09 -39.16
CA ASP D 174 -1.98 11.30 -38.20
C ASP D 174 -1.45 11.73 -36.85
N LYS D 175 -2.28 12.49 -36.14
CA LYS D 175 -2.16 12.75 -34.71
C LYS D 175 -3.46 12.32 -34.05
N THR D 176 -3.39 11.89 -32.80
CA THR D 176 -4.61 11.44 -32.13
C THR D 176 -4.58 11.83 -30.66
N TRP D 177 -5.73 11.65 -30.01
CA TRP D 177 -5.99 12.15 -28.66
C TRP D 177 -5.82 13.65 -28.58
N ILE D 178 -6.15 14.39 -29.63
CA ILE D 178 -5.86 15.82 -29.66
C ILE D 178 -6.99 16.58 -28.95
N SER D 179 -6.68 17.11 -27.78
CA SER D 179 -7.64 17.90 -27.02
C SER D 179 -8.03 19.15 -27.81
N ASN D 180 -9.31 19.51 -27.72
CA ASN D 180 -9.93 20.56 -28.53
C ASN D 180 -9.97 20.22 -30.00
N GLY D 181 -9.59 19.00 -30.38
CA GLY D 181 -9.69 18.57 -31.76
C GLY D 181 -11.10 18.77 -32.28
N GLY D 182 -11.23 19.51 -33.38
CA GLY D 182 -12.51 19.78 -33.96
C GLY D 182 -13.10 21.14 -33.60
N ILE D 183 -12.64 21.75 -32.52
CA ILE D 183 -13.09 23.11 -32.18
C ILE D 183 -11.94 24.10 -32.08
N ALA D 184 -10.69 23.67 -32.19
CA ALA D 184 -9.56 24.58 -32.06
C ALA D 184 -9.42 25.42 -33.32
N ASP D 185 -8.97 26.66 -33.14
CA ASP D 185 -8.73 27.55 -34.28
C ASP D 185 -7.34 27.34 -34.88
N PHE D 186 -6.40 26.80 -34.10
CA PHE D 186 -5.10 26.42 -34.62
C PHE D 186 -4.56 25.26 -33.80
N TYR D 187 -3.58 24.57 -34.36
CA TYR D 187 -2.91 23.46 -33.71
C TYR D 187 -1.41 23.68 -33.79
N VAL D 188 -0.72 23.57 -32.66
CA VAL D 188 0.74 23.47 -32.69
C VAL D 188 1.07 22.00 -32.93
N VAL D 189 1.66 21.71 -34.08
CA VAL D 189 1.83 20.35 -34.58
C VAL D 189 3.32 20.05 -34.67
N PHE D 190 3.71 18.89 -34.14
CA PHE D 190 5.10 18.44 -34.17
C PHE D 190 5.21 17.28 -35.17
N ALA D 191 6.12 17.41 -36.11
CA ALA D 191 6.26 16.46 -37.20
C ALA D 191 7.73 16.19 -37.46
N ARG D 192 8.01 15.02 -38.02
CA ARG D 192 9.38 14.63 -38.35
C ARG D 192 9.77 15.25 -39.68
N THR D 193 10.71 16.19 -39.64
CA THR D 193 11.28 16.76 -40.85
C THR D 193 12.55 16.04 -41.30
N GLY D 194 13.21 15.32 -40.39
CA GLY D 194 14.25 14.36 -40.78
C GLY D 194 15.67 14.86 -40.80
N GLU D 195 16.01 15.90 -40.03
CA GLU D 195 17.38 16.39 -40.04
C GLU D 195 18.33 15.40 -39.39
N ALA D 196 17.84 14.63 -38.42
CA ALA D 196 18.64 13.63 -37.74
C ALA D 196 17.69 12.60 -37.13
N PRO D 197 18.19 11.43 -36.75
CA PRO D 197 17.28 10.39 -36.23
C PRO D 197 16.60 10.78 -34.94
N GLY D 198 15.43 10.19 -34.70
CA GLY D 198 14.79 10.25 -33.41
C GLY D 198 14.41 11.65 -32.97
N ALA D 199 14.80 12.00 -31.74
CA ALA D 199 14.42 13.27 -31.16
C ALA D 199 15.11 14.47 -31.82
N ARG D 200 16.05 14.26 -32.72
CA ARG D 200 16.78 15.36 -33.31
C ARG D 200 16.27 15.74 -34.70
N GLY D 201 15.19 15.11 -35.17
CA GLY D 201 14.66 15.43 -36.48
C GLY D 201 13.20 15.86 -36.47
N ILE D 202 12.77 16.51 -35.38
CA ILE D 202 11.39 16.98 -35.22
C ILE D 202 11.36 18.50 -35.40
N SER D 203 10.32 18.99 -36.08
CA SER D 203 10.05 20.41 -36.14
C SER D 203 8.63 20.70 -35.66
N ALA D 204 8.38 21.95 -35.27
CA ALA D 204 7.10 22.39 -34.76
C ALA D 204 6.46 23.40 -35.71
N PHE D 205 5.16 23.26 -35.92
CA PHE D 205 4.44 24.14 -36.85
C PHE D 205 3.16 24.67 -36.21
N ILE D 206 2.86 25.93 -36.48
CA ILE D 206 1.53 26.48 -36.23
C ILE D 206 0.67 26.13 -37.44
N VAL D 207 -0.38 25.34 -37.21
CA VAL D 207 -1.24 24.89 -38.30
C VAL D 207 -2.66 25.40 -38.02
N ASP D 208 -3.10 26.37 -38.80
CA ASP D 208 -4.46 26.90 -38.63
C ASP D 208 -5.49 25.83 -38.95
N ALA D 209 -6.62 25.91 -38.26
CA ALA D 209 -7.66 24.88 -38.44
C ALA D 209 -8.15 24.81 -39.87
N ASP D 210 -8.08 25.92 -40.61
CA ASP D 210 -8.58 25.95 -41.98
C ASP D 210 -7.50 25.65 -43.01
N THR D 211 -6.40 25.03 -42.60
CA THR D 211 -5.36 24.61 -43.54
C THR D 211 -5.94 23.57 -44.48
N PRO D 212 -5.89 23.78 -45.80
CA PRO D 212 -6.31 22.73 -46.74
C PRO D 212 -5.49 21.48 -46.53
N GLY D 213 -6.18 20.35 -46.39
CA GLY D 213 -5.55 19.08 -46.14
C GLY D 213 -5.64 18.61 -44.69
N LEU D 214 -6.08 19.48 -43.78
CA LEU D 214 -6.24 19.10 -42.38
C LEU D 214 -7.65 18.58 -42.17
N GLN D 215 -7.77 17.36 -41.68
CA GLN D 215 -9.05 16.68 -41.55
C GLN D 215 -9.25 16.22 -40.12
N ILE D 216 -10.47 16.42 -39.61
CA ILE D 216 -10.87 15.88 -38.32
C ILE D 216 -11.39 14.47 -38.59
N ALA D 217 -10.54 13.47 -38.40
CA ALA D 217 -10.85 12.13 -38.90
C ALA D 217 -11.91 11.45 -38.05
N GLU D 218 -11.88 11.64 -36.74
CA GLU D 218 -12.89 11.09 -35.85
C GLU D 218 -12.83 11.83 -34.52
N ARG D 219 -13.98 11.94 -33.88
CA ARG D 219 -14.06 12.42 -32.50
C ARG D 219 -13.91 11.23 -31.57
N ILE D 220 -13.17 11.42 -30.50
CA ILE D 220 -12.83 10.34 -29.57
C ILE D 220 -13.63 10.54 -28.29
N ASP D 221 -14.25 9.47 -27.80
CA ASP D 221 -15.02 9.51 -26.56
C ASP D 221 -14.19 8.87 -25.45
N VAL D 222 -13.96 9.62 -24.38
CA VAL D 222 -13.23 9.12 -23.21
C VAL D 222 -14.16 9.18 -22.00
N ILE D 223 -13.67 8.64 -20.88
CA ILE D 223 -14.54 8.39 -19.74
C ILE D 223 -14.99 9.69 -19.08
N ALA D 224 -14.17 10.74 -19.18
CA ALA D 224 -14.56 12.11 -18.83
C ALA D 224 -14.65 12.90 -20.13
N PRO D 225 -15.84 13.00 -20.74
CA PRO D 225 -15.93 13.51 -22.11
C PRO D 225 -15.54 14.97 -22.23
N HIS D 226 -14.79 15.27 -23.28
CA HIS D 226 -14.40 16.62 -23.67
C HIS D 226 -13.91 16.56 -25.11
N PRO D 227 -13.79 17.71 -25.79
CA PRO D 227 -13.41 17.69 -27.21
C PRO D 227 -12.08 17.00 -27.42
N LEU D 228 -12.09 15.99 -28.28
CA LEU D 228 -10.91 15.17 -28.51
C LEU D 228 -11.05 14.58 -29.91
N ALA D 229 -9.97 14.56 -30.68
CA ALA D 229 -10.09 14.10 -32.06
C ALA D 229 -8.80 13.46 -32.53
N ARG D 230 -8.96 12.62 -33.55
CA ARG D 230 -7.84 12.17 -34.37
C ARG D 230 -7.73 13.09 -35.57
N LEU D 231 -6.53 13.60 -35.83
CA LEU D 231 -6.29 14.46 -36.97
C LEU D 231 -5.55 13.70 -38.06
N HIS D 232 -5.98 13.87 -39.30
CA HIS D 232 -5.28 13.30 -40.45
C HIS D 232 -4.83 14.46 -41.34
N PHE D 233 -3.57 14.42 -41.75
CA PHE D 233 -3.01 15.42 -42.65
C PHE D 233 -2.92 14.82 -44.04
N ASP D 234 -3.79 15.27 -44.95
CA ASP D 234 -3.82 14.77 -46.32
C ASP D 234 -2.96 15.69 -47.19
N SER D 235 -1.64 15.52 -47.08
CA SER D 235 -0.67 16.32 -47.84
C SER D 235 -0.90 17.81 -47.62
N ALA D 236 -1.13 18.19 -46.37
CA ALA D 236 -1.41 19.58 -46.05
C ALA D 236 -0.15 20.42 -46.20
N ARG D 237 -0.28 21.57 -46.86
CA ARG D 237 0.82 22.49 -47.07
C ARG D 237 0.70 23.66 -46.10
N VAL D 238 1.69 23.81 -45.21
CA VAL D 238 1.73 24.96 -44.32
C VAL D 238 3.00 25.74 -44.66
N PRO D 239 2.96 27.07 -44.69
CA PRO D 239 4.15 27.83 -45.04
C PRO D 239 5.27 27.63 -44.03
N ARG D 240 6.51 27.64 -44.53
CA ARG D 240 7.66 27.49 -43.63
C ARG D 240 7.71 28.60 -42.60
N SER D 241 7.14 29.77 -42.92
CA SER D 241 7.09 30.85 -41.94
C SER D 241 6.20 30.52 -40.75
N GLN D 242 5.42 29.44 -40.82
CA GLN D 242 4.62 28.99 -39.69
C GLN D 242 5.38 28.07 -38.74
N MET D 243 6.61 27.69 -39.09
CA MET D 243 7.40 26.86 -38.19
C MET D 243 7.78 27.65 -36.94
N LEU D 244 7.71 26.99 -35.79
CA LEU D 244 8.20 27.56 -34.55
C LEU D 244 9.65 27.13 -34.35
N GLY D 245 10.53 28.11 -34.15
CA GLY D 245 11.93 27.76 -34.03
C GLY D 245 12.50 27.30 -35.37
N ALA D 246 13.66 26.62 -35.28
CA ALA D 246 14.46 26.15 -36.39
C ALA D 246 14.16 24.68 -36.71
N PRO D 247 14.34 24.28 -37.96
CA PRO D 247 14.13 22.86 -38.32
C PRO D 247 14.96 21.94 -37.45
N GLY D 248 14.29 20.95 -36.84
CA GLY D 248 14.95 20.06 -35.91
C GLY D 248 14.87 20.47 -34.46
N GLU D 249 14.36 21.66 -34.17
CA GLU D 249 14.20 22.17 -32.81
C GLU D 249 12.88 21.77 -32.18
N GLY D 250 12.04 21.02 -32.89
CA GLY D 250 10.68 20.77 -32.42
C GLY D 250 10.58 19.95 -31.15
N PHE D 251 11.51 19.00 -30.95
CA PHE D 251 11.39 18.14 -29.77
C PHE D 251 11.62 18.95 -28.49
N LYS D 252 12.65 19.79 -28.47
CA LYS D 252 12.90 20.61 -27.28
C LYS D 252 11.78 21.61 -27.04
N ILE D 253 11.12 22.08 -28.11
CA ILE D 253 9.99 22.99 -27.95
C ILE D 253 8.82 22.27 -27.29
N ALA D 254 8.52 21.06 -27.76
CA ALA D 254 7.48 20.24 -27.14
C ALA D 254 7.75 20.02 -25.65
N MET D 255 8.97 19.61 -25.31
CA MET D 255 9.27 19.31 -23.92
C MET D 255 9.23 20.57 -23.06
N ARG D 256 9.76 21.69 -23.57
CA ARG D 256 9.72 22.94 -22.83
C ARG D 256 8.29 23.41 -22.62
N THR D 257 7.43 23.21 -23.62
CA THR D 257 6.04 23.60 -23.46
C THR D 257 5.36 22.78 -22.37
N LEU D 258 5.51 21.46 -22.44
CA LEU D 258 4.98 20.62 -21.38
C LEU D 258 5.55 21.00 -20.02
N ASP D 259 6.83 21.40 -19.97
CA ASP D 259 7.44 21.72 -18.68
C ASP D 259 6.79 22.92 -18.02
N VAL D 260 6.43 23.93 -18.82
CA VAL D 260 5.81 25.13 -18.26
C VAL D 260 4.58 24.76 -17.45
N PHE D 261 3.77 23.83 -17.96
CA PHE D 261 2.44 23.59 -17.41
C PHE D 261 2.35 22.32 -16.58
N ARG D 262 3.49 21.65 -16.33
CA ARG D 262 3.45 20.38 -15.62
C ARG D 262 2.88 20.52 -14.21
N THR D 263 3.32 21.55 -13.46
CA THR D 263 2.82 21.67 -12.10
C THR D 263 1.34 22.02 -12.08
N SER D 264 0.84 22.69 -13.13
CA SER D 264 -0.57 23.02 -13.17
C SER D 264 -1.44 21.81 -13.45
N VAL D 265 -0.89 20.78 -14.12
CA VAL D 265 -1.60 19.50 -14.20
C VAL D 265 -1.76 18.90 -12.81
N ALA D 266 -0.69 18.95 -12.02
CA ALA D 266 -0.74 18.51 -10.64
C ALA D 266 -1.76 19.31 -9.85
N ALA D 267 -1.81 20.63 -10.10
CA ALA D 267 -2.76 21.49 -9.39
C ALA D 267 -4.21 21.12 -9.72
N ALA D 268 -4.48 20.71 -10.97
CA ALA D 268 -5.83 20.29 -11.31
C ALA D 268 -6.22 19.03 -10.56
N SER D 269 -5.28 18.08 -10.46
CA SER D 269 -5.52 16.87 -9.67
C SER D 269 -5.84 17.22 -8.23
N LEU D 270 -5.10 18.19 -7.69
CA LEU D 270 -5.33 18.62 -6.31
C LEU D 270 -6.72 19.20 -6.16
N GLY D 271 -7.18 19.99 -7.13
CA GLY D 271 -8.52 20.55 -7.06
C GLY D 271 -9.60 19.47 -7.05
N PHE D 272 -9.46 18.45 -7.90
CA PHE D 272 -10.37 17.31 -7.85
C PHE D 272 -10.32 16.62 -6.48
N ALA D 273 -9.12 16.42 -5.95
CA ALA D 273 -8.98 15.77 -4.65
C ALA D 273 -9.67 16.57 -3.55
N ARG D 274 -9.46 17.89 -3.53
CA ARG D 274 -10.10 18.72 -2.51
C ARG D 274 -11.62 18.59 -2.58
N ARG D 275 -12.18 18.57 -3.79
CA ARG D 275 -13.62 18.42 -3.92
C ARG D 275 -14.07 17.07 -3.39
N ALA D 276 -13.31 16.00 -3.67
CA ALA D 276 -13.64 14.68 -3.13
C ALA D 276 -13.66 14.69 -1.60
N LEU D 277 -12.71 15.39 -0.96
CA LEU D 277 -12.73 15.45 0.50
C LEU D 277 -13.94 16.24 1.00
N GLN D 278 -14.23 17.40 0.37
CA GLN D 278 -15.45 18.14 0.70
CA GLN D 278 -15.46 18.13 0.71
C GLN D 278 -16.67 17.21 0.71
N GLU D 279 -16.82 16.40 -0.34
CA GLU D 279 -17.97 15.50 -0.43
C GLU D 279 -17.90 14.39 0.61
N GLY D 280 -16.71 13.84 0.85
CA GLY D 280 -16.57 12.80 1.85
C GLY D 280 -16.89 13.30 3.25
N LEU D 281 -16.41 14.50 3.57
CA LEU D 281 -16.67 15.09 4.88
C LEU D 281 -18.16 15.35 5.08
N ALA D 282 -18.80 15.98 4.09
CA ALA D 282 -20.23 16.28 4.23
C ALA D 282 -21.03 15.01 4.47
N ARG D 283 -20.66 13.93 3.79
CA ARG D 283 -21.39 12.67 3.91
C ARG D 283 -21.12 12.01 5.25
N ALA D 284 -19.85 11.97 5.68
CA ALA D 284 -19.52 11.42 6.99
C ALA D 284 -20.27 12.12 8.10
N ALA D 285 -20.37 13.45 8.02
CA ALA D 285 -21.00 14.23 9.09
C ALA D 285 -22.51 14.11 9.09
N SER D 286 -23.10 13.83 7.93
CA SER D 286 -24.57 13.81 7.86
C SER D 286 -25.16 12.41 7.84
N ARG D 287 -24.44 11.40 7.40
CA ARG D 287 -25.04 10.07 7.21
C ARG D 287 -25.24 9.39 8.57
N LYS D 288 -26.50 9.30 9.02
CA LYS D 288 -26.79 8.59 10.26
C LYS D 288 -26.75 7.08 10.02
N MET D 289 -26.21 6.34 11.00
CA MET D 289 -26.12 4.88 10.91
C MET D 289 -25.72 4.33 12.28
N PHE D 290 -26.35 3.22 12.66
CA PHE D 290 -26.01 2.50 13.89
C PHE D 290 -26.09 3.41 15.12
N GLY D 291 -27.14 4.24 15.18
CA GLY D 291 -27.33 5.14 16.30
C GLY D 291 -26.36 6.31 16.38
N GLN D 292 -25.52 6.52 15.37
CA GLN D 292 -24.68 7.70 15.38
C GLN D 292 -24.55 8.25 13.97
N THR D 293 -23.42 8.84 13.63
CA THR D 293 -23.15 9.23 12.27
C THR D 293 -21.95 8.43 11.76
N LEU D 294 -21.82 8.39 10.43
CA LEU D 294 -20.70 7.68 9.83
C LEU D 294 -19.37 8.24 10.36
N GLY D 295 -19.31 9.55 10.60
CA GLY D 295 -18.11 10.20 11.09
C GLY D 295 -17.72 9.82 12.51
N ASP D 296 -18.61 9.20 13.28
CA ASP D 296 -18.26 8.83 14.64
C ASP D 296 -17.43 7.55 14.73
N PHE D 297 -17.27 6.82 13.65
CA PHE D 297 -16.50 5.59 13.68
C PHE D 297 -15.03 5.90 13.44
N GLN D 298 -14.17 5.20 14.20
CA GLN D 298 -12.72 5.31 14.01
C GLN D 298 -12.34 5.16 12.56
N LEU D 299 -12.87 4.15 11.88
CA LEU D 299 -12.45 3.87 10.50
C LEU D 299 -12.75 5.04 9.58
N THR D 300 -13.91 5.68 9.76
CA THR D 300 -14.19 6.88 8.99
C THR D 300 -13.22 7.99 9.32
N GLN D 301 -12.92 8.19 10.60
CA GLN D 301 -12.03 9.28 10.98
C GLN D 301 -10.65 9.10 10.38
N THR D 302 -10.11 7.88 10.42
CA THR D 302 -8.76 7.71 9.87
C THR D 302 -8.78 7.71 8.35
N LYS D 303 -9.87 7.30 7.72
CA LYS D 303 -9.98 7.44 6.26
C LYS D 303 -9.99 8.91 5.87
N LEU D 304 -10.82 9.72 6.52
CA LEU D 304 -10.79 11.16 6.28
C LEU D 304 -9.42 11.74 6.57
N ALA D 305 -8.77 11.29 7.64
CA ALA D 305 -7.46 11.83 7.99
C ALA D 305 -6.45 11.56 6.89
N GLN D 306 -6.48 10.35 6.32
CA GLN D 306 -5.57 10.02 5.25
C GLN D 306 -5.89 10.84 4.01
N MET D 307 -7.17 11.08 3.73
CA MET D 307 -7.53 11.95 2.61
C MET D 307 -6.94 13.35 2.79
N ALA D 308 -7.08 13.92 3.98
CA ALA D 308 -6.54 15.25 4.23
C ALA D 308 -5.02 15.26 4.18
N LEU D 309 -4.38 14.22 4.72
CA LEU D 309 -2.92 14.12 4.67
C LEU D 309 -2.42 14.10 3.23
N THR D 310 -3.03 13.24 2.39
CA THR D 310 -2.69 13.18 0.99
C THR D 310 -2.87 14.54 0.32
N ILE D 311 -3.98 15.23 0.61
CA ILE D 311 -4.23 16.53 0.00
C ILE D 311 -3.16 17.54 0.41
N ASP D 312 -2.85 17.61 1.72
CA ASP D 312 -1.86 18.58 2.18
C ASP D 312 -0.49 18.28 1.60
N SER D 313 -0.12 17.00 1.54
CA SER D 313 1.15 16.64 0.91
CA SER D 313 1.15 16.61 0.91
C SER D 313 1.18 17.04 -0.55
N SER D 314 0.09 16.76 -1.29
CA SER D 314 -0.01 17.14 -2.69
C SER D 314 0.12 18.64 -2.85
N ALA D 315 -0.62 19.41 -2.03
CA ALA D 315 -0.60 20.85 -2.18
C ALA D 315 0.77 21.43 -1.88
N LEU D 316 1.44 20.93 -0.85
CA LEU D 316 2.79 21.41 -0.56
C LEU D 316 3.73 21.10 -1.72
N LEU D 317 3.61 19.91 -2.30
CA LEU D 317 4.47 19.57 -3.42
C LEU D 317 4.16 20.43 -4.64
N VAL D 318 2.87 20.65 -4.92
CA VAL D 318 2.49 21.49 -6.07
C VAL D 318 3.06 22.89 -5.92
N TYR D 319 2.82 23.53 -4.78
CA TYR D 319 3.20 24.92 -4.69
C TYR D 319 4.66 25.12 -4.31
N ARG D 320 5.33 24.10 -3.76
CA ARG D 320 6.79 24.15 -3.71
C ARG D 320 7.35 24.23 -5.12
N ALA D 321 6.88 23.34 -6.00
CA ALA D 321 7.38 23.30 -7.37
C ALA D 321 7.07 24.58 -8.12
N ALA D 322 5.84 25.10 -7.95
CA ALA D 322 5.47 26.32 -8.67
C ALA D 322 6.24 27.52 -8.14
N TRP D 323 6.36 27.67 -6.82
CA TRP D 323 7.19 28.72 -6.24
C TRP D 323 8.62 28.64 -6.78
N LEU D 324 9.18 27.42 -6.83
CA LEU D 324 10.55 27.26 -7.28
C LEU D 324 10.70 27.62 -8.75
N ARG D 325 9.74 27.21 -9.59
CA ARG D 325 9.81 27.62 -10.99
C ARG D 325 9.71 29.13 -11.10
N ASP D 326 8.88 29.75 -10.26
CA ASP D 326 8.72 31.20 -10.30
C ASP D 326 9.94 31.95 -9.76
N GLN D 327 10.88 31.26 -9.11
CA GLN D 327 12.18 31.85 -8.83
C GLN D 327 13.11 31.76 -10.02
N GLY D 328 12.64 31.18 -11.13
CA GLY D 328 13.43 31.09 -12.34
C GLY D 328 14.26 29.83 -12.46
N GLU D 329 14.04 28.84 -11.58
CA GLU D 329 14.80 27.61 -11.57
C GLU D 329 14.11 26.53 -12.41
N ASN D 330 14.91 25.58 -12.87
CA ASN D 330 14.34 24.41 -13.52
C ASN D 330 13.75 23.51 -12.46
N VAL D 331 12.59 22.93 -12.74
CA VAL D 331 11.94 22.11 -11.70
C VAL D 331 11.69 20.69 -12.19
N THR D 332 12.62 20.14 -12.98
CA THR D 332 12.46 18.79 -13.50
C THR D 332 12.01 17.81 -12.40
N ARG D 333 12.76 17.74 -11.30
CA ARG D 333 12.43 16.79 -10.25
C ARG D 333 11.18 17.21 -9.49
N GLU D 334 11.07 18.49 -9.13
CA GLU D 334 9.97 18.91 -8.25
C GLU D 334 8.63 18.87 -8.97
N ALA D 335 8.59 19.22 -10.25
CA ALA D 335 7.33 19.14 -11.00
C ALA D 335 6.90 17.70 -11.23
N ALA D 336 7.87 16.82 -11.52
CA ALA D 336 7.57 15.40 -11.65
C ALA D 336 6.99 14.83 -10.37
N MET D 337 7.59 15.16 -9.22
CA MET D 337 7.05 14.74 -7.93
C MET D 337 5.63 15.21 -7.74
N ALA D 338 5.37 16.49 -8.05
CA ALA D 338 4.04 17.05 -7.81
C ALA D 338 2.99 16.37 -8.67
N LYS D 339 3.27 16.19 -9.96
CA LYS D 339 2.25 15.63 -10.84
C LYS D 339 1.98 14.17 -10.50
N TRP D 340 3.04 13.40 -10.28
CA TRP D 340 2.93 12.03 -9.79
C TRP D 340 2.11 11.95 -8.51
N HIS D 341 2.54 12.66 -7.47
CA HIS D 341 1.89 12.53 -6.16
C HIS D 341 0.45 13.05 -6.20
N ALA D 342 0.22 14.22 -6.82
CA ALA D 342 -1.12 14.77 -6.82
C ALA D 342 -2.10 13.90 -7.61
N SER D 343 -1.68 13.36 -8.77
CA SER D 343 -2.63 12.60 -9.57
C SER D 343 -2.93 11.24 -8.94
N GLU D 344 -1.89 10.52 -8.47
CA GLU D 344 -2.13 9.26 -7.76
C GLU D 344 -2.87 9.48 -6.46
N GLY D 345 -2.50 10.55 -5.74
CA GLY D 345 -3.19 10.87 -4.50
C GLY D 345 -4.66 11.19 -4.73
N ALA D 346 -4.95 11.99 -5.76
CA ALA D 346 -6.35 12.29 -6.06
C ALA D 346 -7.16 11.02 -6.35
N GLN D 347 -6.58 10.06 -7.06
CA GLN D 347 -7.27 8.78 -7.27
C GLN D 347 -7.62 8.12 -5.93
N GLN D 348 -6.68 8.13 -5.00
CA GLN D 348 -6.91 7.51 -3.69
C GLN D 348 -7.97 8.27 -2.90
N VAL D 349 -7.90 9.60 -2.92
CA VAL D 349 -8.86 10.41 -2.19
C VAL D 349 -10.27 10.21 -2.75
N ILE D 350 -10.38 10.25 -4.08
CA ILE D 350 -11.68 10.10 -4.73
C ILE D 350 -12.24 8.70 -4.49
N ASP D 351 -11.38 7.69 -4.52
CA ASP D 351 -11.85 6.33 -4.28
C ASP D 351 -12.40 6.18 -2.87
N ALA D 352 -11.76 6.82 -1.90
CA ALA D 352 -12.26 6.80 -0.53
C ALA D 352 -13.59 7.54 -0.43
N ALA D 353 -13.72 8.66 -1.13
CA ALA D 353 -14.96 9.42 -1.07
C ALA D 353 -16.11 8.63 -1.67
N VAL D 354 -15.86 7.95 -2.79
CA VAL D 354 -16.86 7.06 -3.38
C VAL D 354 -17.31 6.04 -2.33
N GLN D 355 -16.33 5.42 -1.65
CA GLN D 355 -16.65 4.42 -0.63
C GLN D 355 -17.52 5.01 0.47
N LEU D 356 -17.20 6.24 0.91
CA LEU D 356 -17.98 6.88 1.97
C LEU D 356 -19.43 7.09 1.55
N TRP D 357 -19.66 7.42 0.27
CA TRP D 357 -21.02 7.68 -0.22
C TRP D 357 -21.81 6.40 -0.49
N GLY D 358 -21.21 5.24 -0.31
CA GLY D 358 -21.95 4.02 -0.52
C GLY D 358 -22.48 3.93 -1.94
N GLY D 359 -23.75 3.54 -2.05
CA GLY D 359 -24.34 3.32 -3.37
C GLY D 359 -24.36 4.59 -4.21
N MET D 360 -24.66 5.73 -3.59
CA MET D 360 -24.66 6.99 -4.31
C MET D 360 -23.32 7.30 -4.96
N GLY D 361 -22.23 6.72 -4.44
CA GLY D 361 -20.91 6.98 -4.97
C GLY D 361 -20.71 6.58 -6.41
N VAL D 362 -21.52 5.67 -6.94
CA VAL D 362 -21.44 5.25 -8.33
C VAL D 362 -22.68 5.62 -9.13
N GLN D 363 -23.57 6.43 -8.56
CA GLN D 363 -24.76 6.86 -9.28
C GLN D 363 -24.38 7.94 -10.29
N SER D 364 -24.77 7.74 -11.55
CA SER D 364 -24.41 8.69 -12.60
C SER D 364 -24.79 10.11 -12.22
N GLY D 365 -23.88 11.05 -12.48
CA GLY D 365 -24.15 12.45 -12.30
C GLY D 365 -23.78 13.02 -10.95
N THR D 366 -23.66 12.18 -9.92
CA THR D 366 -23.25 12.72 -8.63
C THR D 366 -21.83 13.25 -8.72
N THR D 367 -21.49 14.14 -7.79
CA THR D 367 -20.17 14.76 -7.83
C THR D 367 -19.07 13.72 -7.73
N VAL D 368 -19.16 12.81 -6.74
CA VAL D 368 -18.05 11.87 -6.55
C VAL D 368 -17.94 10.92 -7.72
N GLU D 369 -19.05 10.60 -8.38
CA GLU D 369 -18.95 9.70 -9.52
C GLU D 369 -18.31 10.40 -10.73
N ARG D 370 -18.65 11.66 -10.95
CA ARG D 370 -17.98 12.43 -12.01
C ARG D 370 -16.50 12.62 -11.71
N LEU D 371 -16.16 12.86 -10.44
CA LEU D 371 -14.74 12.99 -10.07
C LEU D 371 -13.99 11.69 -10.33
N TYR D 372 -14.64 10.56 -10.06
CA TYR D 372 -14.00 9.26 -10.28
C TYR D 372 -13.60 9.08 -11.73
N ARG D 373 -14.34 9.70 -12.66
CA ARG D 373 -14.01 9.62 -14.07
C ARG D 373 -13.01 10.70 -14.49
N GLU D 374 -13.14 11.92 -13.96
CA GLU D 374 -12.25 13.01 -14.34
C GLU D 374 -10.81 12.75 -13.91
N ILE D 375 -10.60 12.07 -12.78
CA ILE D 375 -9.23 11.91 -12.31
C ILE D 375 -8.47 10.88 -13.11
N ARG D 376 -9.15 9.86 -13.65
CA ARG D 376 -8.42 8.67 -14.10
C ARG D 376 -7.42 9.01 -15.20
N ALA D 377 -7.80 9.86 -16.17
CA ALA D 377 -6.92 10.12 -17.30
C ALA D 377 -5.71 10.97 -16.93
N LEU D 378 -5.80 11.76 -15.86
CA LEU D 378 -4.67 12.61 -15.47
C LEU D 378 -3.45 11.78 -15.05
N ARG D 379 -3.64 10.52 -14.66
CA ARG D 379 -2.50 9.66 -14.36
C ARG D 379 -1.84 9.12 -15.63
N ILE D 380 -2.47 9.32 -16.79
CA ILE D 380 -2.01 8.77 -18.06
C ILE D 380 -1.37 9.83 -18.94
N TYR D 381 -2.01 10.99 -19.09
CA TYR D 381 -1.43 11.92 -20.04
C TYR D 381 -0.45 12.89 -19.37
N GLU D 382 0.23 13.65 -20.21
CA GLU D 382 1.28 14.59 -19.79
C GLU D 382 2.32 13.89 -18.92
N GLY D 383 2.81 12.75 -19.41
CA GLY D 383 3.71 11.90 -18.66
C GLY D 383 2.99 11.00 -17.67
N ALA D 384 2.76 9.74 -18.06
CA ALA D 384 2.11 8.78 -17.17
C ALA D 384 2.92 8.64 -15.88
N THR D 385 2.23 8.20 -14.83
CA THR D 385 2.84 8.08 -13.51
C THR D 385 4.20 7.39 -13.56
N GLU D 386 4.28 6.27 -14.31
CA GLU D 386 5.54 5.53 -14.40
C GLU D 386 6.65 6.39 -14.98
N VAL D 387 6.33 7.22 -15.98
CA VAL D 387 7.32 8.11 -16.59
C VAL D 387 7.82 9.14 -15.58
N GLN D 388 6.90 9.72 -14.79
CA GLN D 388 7.31 10.65 -13.74
C GLN D 388 8.26 9.99 -12.75
N GLN D 389 7.96 8.76 -12.34
CA GLN D 389 8.82 8.07 -11.38
C GLN D 389 10.23 7.93 -11.94
N LEU D 390 10.35 7.54 -13.20
CA LEU D 390 11.66 7.39 -13.82
C LEU D 390 12.39 8.73 -13.92
N ILE D 391 11.66 9.79 -14.27
CA ILE D 391 12.26 11.12 -14.33
C ILE D 391 12.91 11.46 -13.00
N VAL D 392 12.18 11.26 -11.90
CA VAL D 392 12.70 11.58 -10.56
C VAL D 392 13.88 10.69 -10.23
N GLY D 393 13.76 9.38 -10.49
CA GLY D 393 14.84 8.46 -10.15
C GLY D 393 16.13 8.79 -10.88
N ARG D 394 16.04 9.01 -12.19
CA ARG D 394 17.23 9.33 -12.96
C ARG D 394 17.82 10.67 -12.54
N ASP D 395 16.98 11.63 -12.18
CA ASP D 395 17.49 12.92 -11.71
C ASP D 395 18.23 12.78 -10.39
N LEU D 396 17.74 11.92 -9.49
CA LEU D 396 18.46 11.66 -8.25
C LEU D 396 19.86 11.13 -8.53
N LEU D 397 19.96 10.14 -9.43
CA LEU D 397 21.25 9.54 -9.75
C LEU D 397 22.14 10.52 -10.50
N LYS D 398 21.55 11.35 -11.37
CA LYS D 398 22.32 12.37 -12.07
C LYS D 398 22.95 13.34 -11.08
N ALA D 399 22.16 13.80 -10.10
CA ALA D 399 22.69 14.77 -9.12
C ALA D 399 23.70 14.11 -8.19
N HIS D 400 23.48 12.84 -7.85
CA HIS D 400 24.47 12.12 -7.04
C HIS D 400 25.80 12.03 -7.77
N ALA D 401 25.76 11.75 -9.08
CA ALA D 401 27.00 11.64 -9.86
C ALA D 401 27.71 12.99 -9.93
N ALA D 402 26.96 14.09 -10.02
CA ALA D 402 27.60 15.39 -10.09
C ALA D 402 28.26 15.74 -8.76
N GLN D 403 27.59 15.43 -7.64
CA GLN D 403 28.19 15.68 -6.34
C GLN D 403 29.45 14.85 -6.12
N ARG D 404 29.48 13.64 -6.67
CA ARG D 404 30.67 12.79 -6.51
C ARG D 404 31.83 13.32 -7.35
N GLN D 405 31.56 13.76 -8.59
CA GLN D 405 32.57 14.36 -9.45
C GLN D 405 33.05 15.72 -8.95
N GLN D 406 32.61 16.17 -7.78
CA GLN D 406 33.10 17.41 -7.16
C GLN D 406 33.72 17.14 -5.80
#